data_4BP8
#
_entry.id   4BP8
#
_cell.length_a   124.140
_cell.length_b   124.140
_cell.length_c   249.140
_cell.angle_alpha   90.00
_cell.angle_beta   90.00
_cell.angle_gamma   120.00
#
_symmetry.space_group_name_H-M   'P 32 2 1'
#
loop_
_entity.id
_entity.type
_entity.pdbx_description
1 polymer 'OLIGOPEPTIDASE B'
2 water water
#
_entity_poly.entity_id   1
_entity_poly.type   'polypeptide(L)'
_entity_poly.pdbx_seq_one_letter_code
;(MSE)QTERGPIAAHRPHEVVFGKVEGEDRGANP(MSE)DPPRRRVDPLFWLRDDNRADPEVLAHLHLEKDYYEKRAVDI
KDLAETIYQEHISHIEETD(MSE)SAPYVYDRFLYYTRDVKGLSYKLHCRVPAGKTPGEGEDEEIVLDENKLAEGKSFCV
VGCVAPAPPEHALVAYSVDYCGDEVYSIRFVRDVVADKVEGTNGSVVWGPNAECFFYITKDASKRDNKVWRHIIGQPQSE
DVCLYTDDDPLFSVGVGRSGDGKTLIICS(MSE)SSETSESHLLDLRKGVKHNTLE(MSE)VRPREKGVRYTVE(MSE)H
GTDTLIVLTNKDKCVNGKVVLTKRSAPTDWGTVLIPHDDKVTIDDVAVFAKFAVLSGRRDGLTRVWTVRLGPDNLFSSAT
LKELHFDEPVFTAHVVCSQ(MSE)KTYDASLLRLRYSS(MSE)TTPTVWYDEDVLSGERKVVKARKVGGGFESKNYVCRR
ELATAPDGTKVPISLVYDTSIDLKKPNPT(MSE)LYGYGSYGICIEPEFNSRFLPYVDRG(MSE)IYAIAHVRGGGE
(MSE)GRTWYEVGGKYLTKRNTF(MSE)DFIACAEHLISSGLTTPAQLSCEGRSAGGLLVGAVLN(MSE)RPDLFHVALA
GVPFVDV(MSE)TT(MSE)CDPSIPLTTGEWEEWGNPNEYKFFDY(MSE)NSYSPIDNVRAQDYPHL(MSE)IQAGLHDP
RVAYWEPAKWASKLRELKTDSNEVLLK(MSE)DLESGHFSASDRYKYLRENAIQQAFVLKHLNVRQLLRK
;
_entity_poly.pdbx_strand_id   A,B
#
# COMPACT_ATOMS: atom_id res chain seq x y z
N THR A 3 25.66 17.07 29.58
CA THR A 3 26.25 18.39 29.96
C THR A 3 26.63 19.27 28.72
N GLU A 4 27.32 18.67 27.75
CA GLU A 4 27.82 19.35 26.53
C GLU A 4 26.82 19.29 25.34
N ARG A 5 25.77 20.11 25.45
CA ARG A 5 24.74 20.23 24.42
C ARG A 5 25.15 21.16 23.29
N GLY A 6 24.74 20.84 22.07
CA GLY A 6 24.91 21.75 20.94
C GLY A 6 23.96 22.93 20.95
N PRO A 7 24.02 23.79 19.92
CA PRO A 7 23.18 24.97 19.89
C PRO A 7 21.68 24.68 19.75
N ILE A 8 20.87 25.42 20.50
CA ILE A 8 19.43 25.45 20.31
C ILE A 8 18.95 26.90 20.07
N ALA A 9 18.28 27.15 18.94
CA ALA A 9 17.85 28.48 18.61
C ALA A 9 16.64 28.91 19.44
N ALA A 10 16.68 30.14 19.97
CA ALA A 10 15.54 30.80 20.62
C ALA A 10 14.27 30.77 19.72
N HIS A 11 13.12 30.73 20.37
CA HIS A 11 11.84 30.60 19.72
C HIS A 11 11.30 31.99 19.48
N ARG A 12 10.86 32.28 18.27
CA ARG A 12 10.18 33.53 17.98
C ARG A 12 8.82 33.22 17.35
N PRO A 13 7.72 33.67 18.00
CA PRO A 13 6.43 33.19 17.45
C PRO A 13 6.21 33.76 16.07
N HIS A 14 5.90 32.89 15.13
CA HIS A 14 5.58 33.27 13.77
C HIS A 14 4.52 32.31 13.29
N GLU A 15 3.57 32.79 12.49
CA GLU A 15 2.61 31.81 11.97
C GLU A 15 2.62 31.59 10.46
N VAL A 16 2.59 30.32 10.06
CA VAL A 16 2.54 30.00 8.64
C VAL A 16 1.17 29.53 8.19
N VAL A 17 0.74 30.10 7.07
CA VAL A 17 -0.60 29.96 6.56
C VAL A 17 -0.57 28.90 5.46
N PHE A 18 -1.55 28.01 5.44
CA PHE A 18 -1.68 26.99 4.40
C PHE A 18 -3.04 27.14 3.77
N GLY A 19 -3.08 27.39 2.45
CA GLY A 19 -4.32 27.52 1.73
C GLY A 19 -4.37 28.81 0.95
N LYS A 20 -5.57 29.29 0.65
CA LYS A 20 -5.72 30.50 -0.15
C LYS A 20 -5.17 31.77 0.55
N VAL A 21 -4.33 32.49 -0.18
CA VAL A 21 -3.75 33.74 0.28
C VAL A 21 -3.80 34.73 -0.86
N GLU A 22 -4.49 35.84 -0.64
CA GLU A 22 -4.60 36.91 -1.63
C GLU A 22 -3.27 37.35 -2.22
N GLY A 23 -3.17 37.28 -3.54
CA GLY A 23 -2.03 37.81 -4.27
C GLY A 23 -0.92 36.82 -4.50
N GLU A 24 -1.09 35.58 -4.01
CA GLU A 24 -0.08 34.50 -4.12
C GLU A 24 -0.62 33.31 -4.90
N ASP A 25 0.19 32.70 -5.75
CA ASP A 25 -0.30 31.56 -6.49
C ASP A 25 -0.01 30.33 -5.68
N ARG A 26 -1.03 29.88 -4.94
CA ARG A 26 -0.93 28.72 -4.04
C ARG A 26 -1.49 27.46 -4.67
N GLY A 27 -1.80 27.52 -5.97
CA GLY A 27 -2.28 26.37 -6.69
C GLY A 27 -3.69 26.60 -7.21
N ALA A 28 -4.21 25.63 -7.94
CA ALA A 28 -5.52 25.80 -8.53
C ALA A 28 -6.70 25.44 -7.55
N ASN A 29 -6.38 24.97 -6.34
CA ASN A 29 -7.43 24.52 -5.40
C ASN A 29 -7.06 24.69 -3.91
N PRO A 30 -6.64 25.89 -3.52
CA PRO A 30 -6.19 26.06 -2.16
C PRO A 30 -7.32 26.10 -1.12
N MSE A 31 -7.09 25.56 0.07
CA MSE A 31 -8.06 25.62 1.19
C MSE A 31 -8.59 27.01 1.51
O MSE A 31 -7.80 27.96 1.65
CB MSE A 31 -7.41 25.03 2.44
CG MSE A 31 -7.15 23.56 2.31
SE MSE A 31 -6.42 22.75 3.91
CE MSE A 31 -4.60 23.40 3.91
N ASP A 32 -9.90 27.11 1.63
CA ASP A 32 -10.56 28.40 1.95
C ASP A 32 -11.73 28.10 2.88
N PRO A 33 -11.61 28.48 4.17
CA PRO A 33 -10.51 29.27 4.74
C PRO A 33 -9.24 28.47 5.01
N PRO A 34 -8.10 29.18 5.08
CA PRO A 34 -6.82 28.56 5.25
C PRO A 34 -6.56 28.13 6.71
N ARG A 35 -5.54 27.33 6.93
CA ARG A 35 -5.17 26.90 8.28
C ARG A 35 -3.90 27.63 8.66
N ARG A 36 -3.68 27.76 9.97
CA ARG A 36 -2.51 28.42 10.49
C ARG A 36 -1.79 27.51 11.44
N ARG A 37 -0.47 27.44 11.37
CA ARG A 37 0.28 26.81 12.46
C ARG A 37 1.46 27.63 12.86
N VAL A 38 1.96 27.43 14.08
CA VAL A 38 3.06 28.25 14.54
C VAL A 38 4.39 27.60 14.19
N ASP A 39 5.30 28.41 13.69
CA ASP A 39 6.67 27.95 13.48
C ASP A 39 7.63 28.85 14.26
N PRO A 40 8.00 28.42 15.48
CA PRO A 40 8.80 29.32 16.32
C PRO A 40 10.24 29.54 15.84
N LEU A 41 10.67 28.83 14.80
CA LEU A 41 12.05 28.95 14.29
C LEU A 41 12.03 29.50 12.89
N PHE A 42 10.89 30.03 12.45
CA PHE A 42 10.78 30.59 11.11
C PHE A 42 11.85 31.62 10.77
N TRP A 43 12.21 32.45 11.77
CA TRP A 43 13.21 33.53 11.66
C TRP A 43 14.62 33.12 11.17
N LEU A 44 14.95 31.82 11.23
CA LEU A 44 16.24 31.36 10.76
C LEU A 44 16.36 31.49 9.24
N ARG A 45 15.23 31.58 8.56
CA ARG A 45 15.25 31.88 7.15
C ARG A 45 15.54 33.37 6.86
N ASP A 46 16.59 33.65 6.10
CA ASP A 46 16.78 34.96 5.45
C ASP A 46 17.03 34.73 3.98
N ASP A 47 16.10 35.15 3.11
CA ASP A 47 16.29 35.05 1.66
C ASP A 47 17.63 35.66 1.22
N ASN A 48 18.04 36.72 1.91
CA ASN A 48 19.28 37.41 1.66
C ASN A 48 20.54 36.67 2.08
N ARG A 49 20.39 35.67 2.95
CA ARG A 49 21.49 34.95 3.63
C ARG A 49 22.49 35.86 4.36
N ALA A 50 22.02 36.97 4.93
CA ALA A 50 22.94 37.90 5.56
C ALA A 50 22.49 38.43 6.91
N ASP A 51 21.30 38.06 7.38
CA ASP A 51 20.85 38.59 8.66
C ASP A 51 21.87 38.31 9.77
N PRO A 52 22.26 39.34 10.53
CA PRO A 52 23.28 39.14 11.58
C PRO A 52 22.91 38.12 12.67
N GLU A 53 21.63 38.01 13.04
CA GLU A 53 21.26 37.16 14.16
C GLU A 53 21.30 35.74 13.68
N VAL A 54 20.91 35.54 12.43
CA VAL A 54 21.00 34.25 11.75
C VAL A 54 22.45 33.81 11.63
N LEU A 55 23.32 34.76 11.29
CA LEU A 55 24.71 34.45 11.13
C LEU A 55 25.34 34.10 12.49
N ALA A 56 24.94 34.82 13.54
CA ALA A 56 25.54 34.58 14.84
C ALA A 56 25.17 33.16 15.23
N HIS A 57 23.93 32.77 14.93
CA HIS A 57 23.50 31.43 15.27
C HIS A 57 24.32 30.37 14.52
N LEU A 58 24.56 30.57 13.23
CA LEU A 58 25.25 29.55 12.45
C LEU A 58 26.71 29.51 12.82
N HIS A 59 27.21 30.61 13.39
CA HIS A 59 28.57 30.56 13.91
C HIS A 59 28.64 29.76 15.21
N LEU A 60 27.57 29.73 16.00
CA LEU A 60 27.55 28.82 17.15
C LEU A 60 27.66 27.38 16.65
N GLU A 61 27.08 27.14 15.49
CA GLU A 61 27.05 25.82 14.89
C GLU A 61 28.42 25.44 14.33
N LYS A 62 29.07 26.42 13.70
CA LYS A 62 30.42 26.27 13.25
C LYS A 62 31.32 25.89 14.44
N ASP A 63 31.25 26.68 15.51
CA ASP A 63 32.06 26.41 16.70
C ASP A 63 31.81 25.02 17.28
N TYR A 64 30.56 24.63 17.42
CA TYR A 64 30.27 23.34 18.00
C TYR A 64 30.75 22.21 17.08
N TYR A 65 30.48 22.35 15.77
CA TYR A 65 31.03 21.42 14.78
C TYR A 65 32.54 21.22 14.92
N GLU A 66 33.33 22.30 14.86
CA GLU A 66 34.82 22.23 14.98
C GLU A 66 35.29 21.50 16.23
N LYS A 67 34.69 21.85 17.37
CA LYS A 67 35.06 21.33 18.68
C LYS A 67 34.87 19.82 18.66
N ARG A 68 33.93 19.38 17.87
CA ARG A 68 33.44 18.03 17.94
C ARG A 68 34.07 17.17 16.88
N ALA A 69 34.62 17.81 15.85
CA ALA A 69 35.31 17.10 14.78
C ALA A 69 36.83 16.99 15.02
N VAL A 70 37.30 17.46 16.16
CA VAL A 70 38.73 17.45 16.45
C VAL A 70 39.31 16.04 16.21
N ASP A 71 38.71 15.04 16.85
CA ASP A 71 39.23 13.70 16.78
C ASP A 71 38.98 12.94 15.48
N ILE A 72 38.32 13.55 14.50
CA ILE A 72 38.14 12.89 13.20
C ILE A 72 38.87 13.59 12.02
N LYS A 73 39.58 14.69 12.30
CA LYS A 73 40.30 15.42 11.23
C LYS A 73 41.36 14.58 10.48
N ASP A 74 42.20 13.84 11.21
CA ASP A 74 43.27 13.06 10.60
C ASP A 74 42.72 11.88 9.77
N LEU A 75 41.67 11.24 10.27
CA LEU A 75 41.02 10.20 9.51
C LEU A 75 40.38 10.78 8.24
N ALA A 76 39.75 11.95 8.36
CA ALA A 76 39.17 12.59 7.16
C ALA A 76 40.21 12.76 6.06
N GLU A 77 41.40 13.21 6.46
CA GLU A 77 42.48 13.45 5.53
C GLU A 77 42.99 12.14 4.91
N THR A 78 43.15 11.09 5.72
CA THR A 78 43.45 9.76 5.18
C THR A 78 42.44 9.39 4.08
N ILE A 79 41.15 9.56 4.38
CA ILE A 79 40.09 9.16 3.46
C ILE A 79 40.15 9.99 2.16
N TYR A 80 40.31 11.29 2.31
CA TYR A 80 40.51 12.16 1.17
C TYR A 80 41.67 11.68 0.29
N GLN A 81 42.76 11.24 0.90
CA GLN A 81 43.91 10.74 0.16
C GLN A 81 43.50 9.50 -0.65
N GLU A 82 42.63 8.70 -0.05
CA GLU A 82 42.13 7.50 -0.68
C GLU A 82 41.29 7.84 -1.92
N HIS A 83 40.35 8.79 -1.79
CA HIS A 83 39.56 9.22 -2.94
C HIS A 83 40.44 9.74 -4.07
N ILE A 84 41.42 10.58 -3.73
CA ILE A 84 42.33 11.13 -4.70
C ILE A 84 43.00 10.02 -5.51
N SER A 85 43.54 9.01 -4.83
CA SER A 85 44.29 7.93 -5.51
C SER A 85 43.46 7.13 -6.50
N HIS A 86 42.14 7.34 -6.48
CA HIS A 86 41.20 6.54 -7.27
C HIS A 86 40.96 7.18 -8.61
N ILE A 87 41.45 8.40 -8.76
CA ILE A 87 41.25 9.07 -10.02
C ILE A 87 42.46 9.11 -10.93
N GLU A 88 42.21 8.74 -12.19
CA GLU A 88 43.21 8.75 -13.22
C GLU A 88 43.08 10.03 -14.00
N GLU A 89 44.06 10.91 -13.82
CA GLU A 89 44.12 12.23 -14.49
C GLU A 89 44.62 12.11 -15.95
N THR A 90 45.40 11.07 -16.21
CA THR A 90 45.77 10.64 -17.55
C THR A 90 44.90 9.43 -17.91
N ASP A 91 44.18 9.51 -19.03
CA ASP A 91 43.27 8.46 -19.45
C ASP A 91 43.00 8.51 -20.94
N MSE A 92 42.75 7.33 -21.52
CA MSE A 92 42.18 7.22 -22.87
C MSE A 92 40.85 6.45 -22.87
O MSE A 92 40.75 5.40 -22.24
CB MSE A 92 43.19 6.51 -23.76
CG MSE A 92 42.77 6.37 -25.20
SE MSE A 92 44.12 5.56 -26.33
CE MSE A 92 45.77 6.14 -25.41
N SER A 93 39.84 6.95 -23.59
CA SER A 93 38.55 6.23 -23.70
C SER A 93 38.66 4.95 -24.56
N ALA A 94 37.53 4.24 -24.72
CA ALA A 94 37.45 3.02 -25.55
C ALA A 94 37.34 3.39 -27.01
N PRO A 95 38.39 3.12 -27.80
CA PRO A 95 38.36 3.46 -29.21
C PRO A 95 37.36 2.62 -29.97
N TYR A 96 36.83 3.19 -31.04
CA TYR A 96 35.80 2.53 -31.85
C TYR A 96 36.04 2.85 -33.33
N VAL A 97 35.73 1.88 -34.18
CA VAL A 97 35.75 2.08 -35.62
C VAL A 97 34.73 3.17 -36.06
N TYR A 98 35.17 4.05 -36.95
CA TYR A 98 34.27 4.99 -37.61
C TYR A 98 34.86 5.17 -38.98
N ASP A 99 34.24 4.51 -39.96
CA ASP A 99 34.79 4.38 -41.32
C ASP A 99 36.26 3.94 -41.28
N ARG A 100 37.18 4.70 -41.87
CA ARG A 100 38.58 4.27 -41.91
C ARG A 100 39.41 4.81 -40.75
N PHE A 101 38.78 5.07 -39.60
CA PHE A 101 39.53 5.55 -38.43
C PHE A 101 39.20 4.82 -37.14
N LEU A 102 40.06 4.97 -36.14
CA LEU A 102 39.74 4.61 -34.77
C LEU A 102 39.68 5.89 -33.96
N TYR A 103 38.49 6.21 -33.44
CA TYR A 103 38.29 7.40 -32.61
C TYR A 103 38.30 7.12 -31.11
N TYR A 104 38.76 8.11 -30.36
CA TYR A 104 38.84 8.07 -28.91
C TYR A 104 39.08 9.47 -28.36
N THR A 105 38.91 9.59 -27.05
CA THR A 105 39.09 10.80 -26.29
C THR A 105 40.33 10.62 -25.38
N ARG A 106 41.09 11.67 -25.10
CA ARG A 106 42.10 11.59 -24.02
C ARG A 106 42.00 12.72 -22.99
N ASP A 107 42.38 12.42 -21.76
CA ASP A 107 42.48 13.40 -20.70
C ASP A 107 43.93 13.50 -20.30
N VAL A 108 44.38 14.70 -19.97
CA VAL A 108 45.80 14.99 -19.69
C VAL A 108 45.97 15.59 -18.28
N LYS A 109 47.06 15.24 -17.59
CA LYS A 109 47.23 15.54 -16.16
C LYS A 109 46.96 16.98 -15.72
N GLY A 110 47.65 17.95 -16.30
CA GLY A 110 47.41 19.33 -15.87
C GLY A 110 46.17 20.05 -16.46
N LEU A 111 45.37 19.37 -17.29
CA LEU A 111 44.41 20.11 -18.11
C LEU A 111 42.96 19.80 -17.81
N SER A 112 42.12 20.82 -17.83
CA SER A 112 40.70 20.72 -17.50
C SER A 112 39.85 20.02 -18.57
N TYR A 113 40.20 20.15 -19.84
CA TYR A 113 39.32 19.61 -20.88
C TYR A 113 39.95 18.43 -21.62
N LYS A 114 39.09 17.66 -22.28
CA LYS A 114 39.53 16.51 -23.05
C LYS A 114 40.03 16.84 -24.47
N LEU A 115 40.63 15.85 -25.11
CA LEU A 115 41.09 15.96 -26.48
C LEU A 115 40.44 14.87 -27.30
N HIS A 116 39.83 15.28 -28.40
CA HIS A 116 39.18 14.36 -29.30
C HIS A 116 40.18 13.88 -30.33
N CYS A 117 40.47 12.59 -30.33
CA CYS A 117 41.55 12.08 -31.18
C CYS A 117 41.12 11.01 -32.19
N ARG A 118 42.04 10.71 -33.12
CA ARG A 118 41.81 9.69 -34.13
C ARG A 118 43.15 9.12 -34.60
N VAL A 119 43.10 7.90 -35.12
CA VAL A 119 44.28 7.21 -35.60
C VAL A 119 43.72 6.50 -36.82
N PRO A 120 44.55 6.29 -37.87
CA PRO A 120 44.04 5.55 -39.02
C PRO A 120 43.67 4.12 -38.69
N ALA A 121 42.67 3.62 -39.42
CA ALA A 121 42.22 2.21 -39.40
C ALA A 121 43.18 1.16 -38.82
N GLY A 122 44.38 1.05 -39.38
CA GLY A 122 45.26 -0.04 -38.97
C GLY A 122 46.23 0.22 -37.83
N LYS A 123 46.12 1.37 -37.15
CA LYS A 123 47.20 1.82 -36.24
C LYS A 123 46.88 1.67 -34.75
N THR A 124 47.85 1.93 -33.88
CA THR A 124 47.62 1.83 -32.43
C THR A 124 47.16 3.15 -31.84
N PRO A 125 45.93 3.18 -31.27
CA PRO A 125 45.36 4.40 -30.69
C PRO A 125 46.24 4.88 -29.55
N GLY A 126 46.46 6.20 -29.49
CA GLY A 126 47.30 6.82 -28.47
C GLY A 126 48.18 7.93 -29.02
N GLU A 127 48.72 8.72 -28.10
CA GLU A 127 49.74 9.71 -28.40
C GLU A 127 50.90 9.07 -29.17
N GLY A 128 51.35 9.76 -30.23
CA GLY A 128 52.42 9.26 -31.12
C GLY A 128 52.31 9.95 -32.48
N GLU A 129 53.19 9.58 -33.39
CA GLU A 129 53.21 10.15 -34.75
C GLU A 129 51.91 9.86 -35.50
N ASP A 130 51.30 8.70 -35.20
CA ASP A 130 50.04 8.22 -35.82
C ASP A 130 48.78 9.00 -35.43
N GLU A 131 48.77 9.57 -34.22
CA GLU A 131 47.58 10.24 -33.71
C GLU A 131 47.37 11.59 -34.37
N GLU A 132 46.13 11.84 -34.77
CA GLU A 132 45.72 13.14 -35.22
C GLU A 132 44.74 13.73 -34.20
N ILE A 133 45.09 14.87 -33.62
CA ILE A 133 44.23 15.52 -32.62
C ILE A 133 43.14 16.28 -33.36
N VAL A 134 41.93 15.74 -33.35
CA VAL A 134 40.82 16.27 -34.12
C VAL A 134 40.35 17.61 -33.54
N LEU A 135 40.15 17.66 -32.23
CA LEU A 135 39.78 18.90 -31.53
C LEU A 135 40.20 18.85 -30.07
N ASP A 136 41.01 19.83 -29.67
CA ASP A 136 41.50 20.00 -28.31
C ASP A 136 40.66 21.07 -27.65
N GLU A 137 39.79 20.64 -26.74
CA GLU A 137 38.87 21.56 -26.08
C GLU A 137 39.58 22.64 -25.25
N ASN A 138 40.78 22.34 -24.74
CA ASN A 138 41.63 23.31 -24.03
C ASN A 138 41.98 24.54 -24.85
N LYS A 139 42.07 24.36 -26.17
CA LYS A 139 42.41 25.46 -27.06
C LYS A 139 41.21 26.37 -27.19
N LEU A 140 40.01 25.79 -27.35
CA LEU A 140 38.78 26.56 -27.42
C LEU A 140 38.55 27.31 -26.11
N ALA A 141 38.78 26.60 -25.02
CA ALA A 141 38.54 27.08 -23.66
C ALA A 141 39.46 28.21 -23.20
N GLU A 142 40.61 28.35 -23.87
CA GLU A 142 41.65 29.25 -23.42
C GLU A 142 41.24 30.72 -23.38
N GLY A 143 41.36 31.30 -22.20
CA GLY A 143 41.05 32.72 -21.99
C GLY A 143 39.56 32.99 -21.77
N LYS A 144 38.75 31.94 -21.89
CA LYS A 144 37.29 31.99 -21.71
C LYS A 144 36.91 31.59 -20.30
N SER A 145 35.81 32.14 -19.78
CA SER A 145 35.36 31.82 -18.42
C SER A 145 34.38 30.65 -18.39
N PHE A 146 33.58 30.54 -19.45
CA PHE A 146 32.68 29.42 -19.64
C PHE A 146 32.90 28.81 -21.04
N CYS A 147 32.98 27.47 -21.13
CA CYS A 147 33.11 26.81 -22.44
C CYS A 147 32.66 25.36 -22.41
N VAL A 148 31.67 25.03 -23.24
CA VAL A 148 31.14 23.68 -23.33
C VAL A 148 30.91 23.27 -24.78
N VAL A 149 31.46 22.12 -25.15
CA VAL A 149 31.30 21.62 -26.51
C VAL A 149 30.07 20.76 -26.50
N GLY A 150 29.18 20.96 -27.46
CA GLY A 150 27.94 20.22 -27.45
C GLY A 150 28.15 18.89 -28.11
N CYS A 151 29.10 18.86 -29.04
CA CYS A 151 29.14 17.85 -30.08
C CYS A 151 30.40 18.02 -30.89
N VAL A 152 31.09 16.92 -31.17
CA VAL A 152 32.11 16.87 -32.21
C VAL A 152 31.65 15.92 -33.32
N ALA A 153 31.56 16.40 -34.57
CA ALA A 153 30.84 15.63 -35.59
C ALA A 153 31.49 15.55 -36.99
N PRO A 154 32.26 14.47 -37.24
CA PRO A 154 32.97 14.26 -38.49
C PRO A 154 31.98 13.92 -39.59
N ALA A 155 32.23 14.42 -40.80
CA ALA A 155 31.33 14.16 -41.91
C ALA A 155 31.64 12.79 -42.48
N PRO A 156 30.69 11.85 -42.41
CA PRO A 156 30.90 10.51 -42.94
C PRO A 156 31.21 10.51 -44.43
N PRO A 157 31.56 9.31 -44.97
CA PRO A 157 32.61 8.63 -45.67
C PRO A 157 33.96 9.09 -45.19
N GLU A 158 34.31 10.32 -45.52
CA GLU A 158 35.70 10.77 -45.60
C GLU A 158 36.26 11.38 -44.33
N HIS A 159 35.43 12.06 -43.55
CA HIS A 159 35.88 12.67 -42.31
C HIS A 159 36.89 13.78 -42.57
N ALA A 160 36.79 14.36 -43.76
CA ALA A 160 37.61 15.51 -44.06
C ALA A 160 37.06 16.81 -43.40
N LEU A 161 35.74 17.00 -43.37
CA LEU A 161 35.19 18.14 -42.60
C LEU A 161 34.76 17.61 -41.28
N VAL A 162 35.22 18.23 -40.18
CA VAL A 162 34.60 17.91 -38.90
C VAL A 162 33.92 19.10 -38.27
N ALA A 163 32.62 18.95 -38.00
CA ALA A 163 31.82 20.00 -37.40
C ALA A 163 31.90 19.87 -35.90
N TYR A 164 31.77 20.98 -35.19
CA TYR A 164 31.64 20.95 -33.75
C TYR A 164 30.81 22.16 -33.28
N SER A 165 30.14 21.98 -32.14
CA SER A 165 29.29 23.00 -31.56
C SER A 165 29.86 23.47 -30.22
N VAL A 166 29.88 24.78 -30.01
CA VAL A 166 30.41 25.31 -28.77
C VAL A 166 29.53 26.41 -28.17
N ASP A 167 29.51 26.44 -26.84
CA ASP A 167 28.76 27.45 -26.10
C ASP A 167 29.71 28.13 -25.15
N TYR A 168 29.88 29.42 -25.30
CA TYR A 168 30.76 30.15 -24.40
C TYR A 168 29.94 31.00 -23.42
N CYS A 169 28.62 30.87 -23.50
CA CYS A 169 27.72 31.78 -22.80
C CYS A 169 26.98 31.17 -21.63
N GLY A 170 26.76 29.85 -21.67
CA GLY A 170 26.04 29.19 -20.59
C GLY A 170 24.53 29.26 -20.72
N ASP A 171 24.08 29.79 -21.86
CA ASP A 171 22.66 29.87 -22.21
C ASP A 171 22.15 28.65 -22.98
N GLU A 172 23.01 27.65 -23.17
CA GLU A 172 22.65 26.40 -23.87
C GLU A 172 22.27 26.61 -25.34
N VAL A 173 22.65 27.76 -25.87
CA VAL A 173 22.67 28.02 -27.29
C VAL A 173 24.10 27.85 -27.81
N TYR A 174 24.22 27.11 -28.91
CA TYR A 174 25.50 26.76 -29.51
C TYR A 174 25.62 27.23 -30.92
N SER A 175 26.82 27.66 -31.30
CA SER A 175 27.09 27.87 -32.69
C SER A 175 27.89 26.68 -33.27
N ILE A 176 27.74 26.45 -34.56
CA ILE A 176 28.39 25.32 -35.19
C ILE A 176 29.53 25.86 -35.99
N ARG A 177 30.74 25.40 -35.68
CA ARG A 177 31.93 25.80 -36.45
C ARG A 177 32.66 24.58 -37.03
N PHE A 178 33.68 24.87 -37.82
CA PHE A 178 34.45 23.82 -38.43
C PHE A 178 35.90 23.72 -37.99
N VAL A 179 36.33 22.48 -37.71
CA VAL A 179 37.72 22.17 -37.37
C VAL A 179 38.69 22.88 -38.31
N ARG A 180 39.34 23.87 -37.71
CA ARG A 180 40.39 24.69 -38.31
C ARG A 180 40.02 25.22 -39.69
N ASP A 181 38.74 25.60 -39.75
CA ASP A 181 38.17 26.45 -40.78
C ASP A 181 38.36 25.89 -42.18
N VAL A 182 38.33 24.56 -42.26
CA VAL A 182 38.41 23.86 -43.54
C VAL A 182 37.38 24.45 -44.52
N VAL A 183 36.16 24.68 -44.02
CA VAL A 183 35.20 25.59 -44.66
C VAL A 183 34.89 26.78 -43.75
N ALA A 184 34.39 27.85 -44.35
CA ALA A 184 34.07 29.10 -43.66
C ALA A 184 32.71 29.09 -42.94
N ASP A 185 31.75 28.30 -43.43
CA ASP A 185 30.36 28.22 -42.87
C ASP A 185 30.30 28.38 -41.35
N LYS A 186 29.38 29.23 -40.91
CA LYS A 186 29.05 29.30 -39.48
C LYS A 186 27.55 29.41 -39.27
N VAL A 187 27.05 28.56 -38.38
CA VAL A 187 25.64 28.42 -38.09
C VAL A 187 25.39 28.77 -36.63
N GLU A 188 24.44 29.68 -36.41
CA GLU A 188 24.22 30.28 -35.09
C GLU A 188 22.91 29.79 -34.50
N GLY A 189 22.70 30.08 -33.22
CA GLY A 189 21.44 29.81 -32.57
C GLY A 189 20.89 28.39 -32.49
N THR A 190 21.78 27.40 -32.29
CA THR A 190 21.41 25.95 -32.32
C THR A 190 21.41 25.31 -30.94
N ASN A 191 20.88 24.10 -30.82
CA ASN A 191 20.92 23.42 -29.52
C ASN A 191 22.17 22.59 -29.24
N GLY A 192 23.14 22.65 -30.15
CA GLY A 192 24.37 21.96 -29.95
C GLY A 192 24.50 20.66 -30.71
N SER A 193 23.42 20.15 -31.25
CA SER A 193 23.57 18.87 -31.94
C SER A 193 23.75 19.08 -33.43
N VAL A 194 24.46 18.16 -34.06
CA VAL A 194 24.80 18.23 -35.49
C VAL A 194 24.61 16.85 -36.08
N VAL A 195 23.71 16.70 -37.05
CA VAL A 195 23.55 15.42 -37.74
C VAL A 195 23.84 15.58 -39.21
N TRP A 196 24.88 14.89 -39.72
CA TRP A 196 25.27 14.98 -41.12
C TRP A 196 24.31 14.34 -42.11
N GLY A 197 24.17 15.00 -43.25
CA GLY A 197 23.53 14.41 -44.41
C GLY A 197 24.63 13.68 -45.14
N PRO A 198 24.31 13.03 -46.28
CA PRO A 198 25.33 12.25 -46.97
C PRO A 198 26.42 13.09 -47.63
N ASN A 199 27.64 12.56 -47.63
CA ASN A 199 28.75 13.07 -48.47
C ASN A 199 29.13 14.51 -48.21
N ALA A 200 28.93 14.93 -46.96
CA ALA A 200 29.35 16.22 -46.46
C ALA A 200 28.67 17.37 -47.24
N GLU A 201 27.52 17.09 -47.87
CA GLU A 201 26.80 18.12 -48.64
C GLU A 201 26.02 19.09 -47.73
N CYS A 202 25.37 18.53 -46.71
CA CYS A 202 24.52 19.31 -45.81
C CYS A 202 24.54 18.72 -44.38
N PHE A 203 24.15 19.50 -43.39
CA PHE A 203 23.86 18.90 -42.08
C PHE A 203 22.60 19.48 -41.46
N PHE A 204 22.15 18.89 -40.36
CA PHE A 204 20.85 19.21 -39.76
C PHE A 204 21.01 19.63 -38.34
N TYR A 205 20.23 20.64 -37.96
CA TYR A 205 20.36 21.26 -36.68
C TYR A 205 19.01 21.83 -36.19
N ILE A 206 18.98 22.18 -34.94
CA ILE A 206 17.74 22.50 -34.29
C ILE A 206 17.85 23.88 -33.66
N THR A 207 16.84 24.72 -33.85
CA THR A 207 16.81 26.03 -33.18
C THR A 207 15.72 26.10 -32.10
N LYS A 208 15.69 27.17 -31.32
CA LYS A 208 14.73 27.25 -30.20
C LYS A 208 13.85 28.46 -30.32
N ASP A 209 12.69 28.46 -29.68
CA ASP A 209 12.24 29.81 -29.35
C ASP A 209 11.91 30.20 -27.92
N ALA A 210 10.64 30.33 -27.55
CA ALA A 210 10.29 30.79 -26.20
C ALA A 210 10.75 29.79 -25.15
N SER A 211 11.46 30.31 -24.15
CA SER A 211 11.92 29.57 -22.98
C SER A 211 12.96 28.53 -23.35
N LYS A 212 13.69 28.82 -24.42
CA LYS A 212 14.72 27.90 -24.90
C LYS A 212 14.18 26.48 -25.11
N ARG A 213 13.02 26.39 -25.74
CA ARG A 213 12.38 25.13 -26.09
C ARG A 213 12.76 24.79 -27.55
N ASP A 214 13.28 23.59 -27.80
CA ASP A 214 13.65 23.18 -29.18
C ASP A 214 12.41 23.04 -30.07
N ASN A 215 12.26 23.91 -31.08
CA ASN A 215 11.02 23.95 -31.87
C ASN A 215 11.09 23.79 -33.40
N LYS A 216 12.28 23.91 -33.97
CA LYS A 216 12.43 23.83 -35.42
C LYS A 216 13.61 22.97 -35.86
N VAL A 217 13.44 22.23 -36.95
CA VAL A 217 14.55 21.48 -37.54
C VAL A 217 14.95 22.11 -38.85
N TRP A 218 16.26 22.36 -39.03
CA TRP A 218 16.76 22.97 -40.27
C TRP A 218 17.76 22.10 -41.05
N ARG A 219 17.79 22.30 -42.38
CA ARG A 219 18.87 21.83 -43.23
C ARG A 219 19.83 22.96 -43.60
N HIS A 220 21.12 22.80 -43.25
CA HIS A 220 22.16 23.72 -43.75
C HIS A 220 22.97 23.09 -44.83
N ILE A 221 22.94 23.70 -46.01
CA ILE A 221 23.73 23.20 -47.13
C ILE A 221 25.13 23.85 -47.09
N ILE A 222 26.18 23.03 -47.04
CA ILE A 222 27.56 23.55 -46.96
C ILE A 222 27.90 24.50 -48.10
N GLY A 223 28.40 25.68 -47.74
CA GLY A 223 28.85 26.63 -48.75
C GLY A 223 27.81 27.67 -48.98
N GLN A 224 26.71 27.59 -48.22
CA GLN A 224 25.58 28.53 -48.33
C GLN A 224 25.52 29.42 -47.10
N PRO A 225 24.99 30.65 -47.24
CA PRO A 225 24.79 31.38 -45.98
C PRO A 225 23.65 30.74 -45.18
N GLN A 226 23.69 30.85 -43.85
CA GLN A 226 22.64 30.31 -42.98
C GLN A 226 21.29 30.94 -43.34
N SER A 227 21.33 32.19 -43.79
CA SER A 227 20.12 32.89 -44.19
C SER A 227 19.28 32.09 -45.18
N GLU A 228 19.92 31.19 -45.93
CA GLU A 228 19.25 30.36 -46.93
C GLU A 228 18.83 28.96 -46.43
N ASP A 229 19.23 28.58 -45.23
CA ASP A 229 18.81 27.31 -44.69
C ASP A 229 17.29 27.11 -44.78
N VAL A 230 16.87 25.92 -45.20
CA VAL A 230 15.47 25.54 -45.23
C VAL A 230 15.03 24.95 -43.88
N CYS A 231 13.88 25.36 -43.38
CA CYS A 231 13.37 24.82 -42.10
C CYS A 231 12.39 23.69 -42.41
N LEU A 232 12.66 22.50 -41.88
CA LEU A 232 11.94 21.30 -42.37
C LEU A 232 10.72 20.99 -41.54
N TYR A 233 10.73 21.50 -40.33
CA TYR A 233 9.76 21.11 -39.32
C TYR A 233 9.70 22.13 -38.16
N THR A 234 8.46 22.35 -37.70
CA THR A 234 8.19 23.22 -36.56
C THR A 234 7.13 22.61 -35.67
N ASP A 235 7.44 22.53 -34.38
CA ASP A 235 6.42 22.26 -33.39
C ASP A 235 6.38 23.40 -32.39
N ASP A 236 5.30 24.15 -32.41
CA ASP A 236 5.15 25.27 -31.46
C ASP A 236 4.09 25.01 -30.37
N ASP A 237 3.68 23.75 -30.21
CA ASP A 237 2.98 23.33 -29.00
C ASP A 237 3.98 23.35 -27.81
N PRO A 238 3.72 24.17 -26.77
CA PRO A 238 4.77 24.31 -25.76
C PRO A 238 5.03 23.09 -24.89
N LEU A 239 4.20 22.06 -24.99
CA LEU A 239 4.47 20.82 -24.26
C LEU A 239 5.48 19.95 -24.99
N PHE A 240 5.70 20.26 -26.28
CA PHE A 240 6.55 19.44 -27.15
C PHE A 240 7.91 20.04 -27.45
N SER A 241 8.87 19.16 -27.68
CA SER A 241 10.23 19.50 -28.02
C SER A 241 10.58 18.73 -29.34
N VAL A 242 11.45 19.28 -30.18
CA VAL A 242 11.84 18.55 -31.38
C VAL A 242 13.19 17.89 -31.24
N GLY A 243 13.37 16.81 -32.03
CA GLY A 243 14.63 16.09 -32.18
C GLY A 243 14.81 15.55 -33.61
N VAL A 244 16.06 15.28 -33.96
CA VAL A 244 16.43 14.85 -35.28
C VAL A 244 17.50 13.78 -35.10
N GLY A 245 17.41 12.71 -35.90
CA GLY A 245 18.46 11.70 -35.94
C GLY A 245 18.51 11.08 -37.31
N ARG A 246 19.54 10.26 -37.51
CA ARG A 246 19.88 9.65 -38.79
C ARG A 246 19.84 8.15 -38.62
N SER A 247 19.18 7.48 -39.57
CA SER A 247 19.07 6.03 -39.60
C SER A 247 20.44 5.39 -39.63
N GLY A 248 20.53 4.15 -39.16
CA GLY A 248 21.80 3.46 -39.14
C GLY A 248 22.45 3.31 -40.50
N ASP A 249 21.65 3.07 -41.54
CA ASP A 249 22.21 2.90 -42.88
C ASP A 249 22.49 4.26 -43.58
N GLY A 250 22.12 5.35 -42.90
CA GLY A 250 22.46 6.70 -43.35
C GLY A 250 21.57 7.26 -44.44
N LYS A 251 20.57 6.47 -44.84
CA LYS A 251 19.70 6.79 -45.96
C LYS A 251 18.45 7.59 -45.56
N THR A 252 18.10 7.60 -44.27
CA THR A 252 16.87 8.27 -43.83
C THR A 252 17.08 9.13 -42.59
N LEU A 253 16.54 10.34 -42.64
CA LEU A 253 16.48 11.24 -41.48
C LEU A 253 15.17 11.03 -40.69
N ILE A 254 15.26 11.07 -39.37
CA ILE A 254 14.10 10.86 -38.55
C ILE A 254 13.87 12.11 -37.73
N ILE A 255 12.69 12.72 -37.94
CA ILE A 255 12.35 13.97 -37.27
C ILE A 255 11.19 13.71 -36.30
N CYS A 256 11.32 14.20 -35.07
CA CYS A 256 10.33 13.87 -34.07
C CYS A 256 9.97 15.02 -33.11
N SER A 257 8.74 14.97 -32.59
CA SER A 257 8.26 15.83 -31.49
C SER A 257 8.01 14.94 -30.30
N MSE A 258 8.38 15.41 -29.11
CA MSE A 258 8.29 14.63 -27.87
C MSE A 258 7.73 15.47 -26.76
O MSE A 258 8.13 16.64 -26.60
CB MSE A 258 9.67 14.14 -27.46
CG MSE A 258 10.43 13.48 -28.60
SE MSE A 258 12.36 13.58 -28.38
CE MSE A 258 12.68 15.50 -28.60
N SER A 259 6.79 14.91 -26.01
CA SER A 259 6.35 15.45 -24.72
C SER A 259 6.56 14.40 -23.62
N SER A 260 6.14 14.71 -22.40
CA SER A 260 6.36 13.74 -21.34
C SER A 260 5.52 12.49 -21.57
N GLU A 261 4.49 12.56 -22.40
CA GLU A 261 3.64 11.39 -22.61
C GLU A 261 3.16 11.09 -24.07
N THR A 262 3.58 11.90 -25.03
CA THR A 262 3.14 11.74 -26.43
C THR A 262 4.32 12.02 -27.39
N SER A 263 4.39 11.26 -28.50
CA SER A 263 5.43 11.41 -29.52
C SER A 263 4.82 11.51 -30.89
N GLU A 264 5.64 11.92 -31.88
CA GLU A 264 5.29 11.87 -33.31
C GLU A 264 6.59 11.83 -34.10
N SER A 265 6.67 10.97 -35.12
CA SER A 265 7.87 10.92 -35.97
C SER A 265 7.58 11.15 -37.43
N HIS A 266 8.55 11.70 -38.15
CA HIS A 266 8.50 11.88 -39.57
C HIS A 266 9.82 11.44 -40.20
N LEU A 267 9.74 10.91 -41.43
CA LEU A 267 10.90 10.43 -42.14
C LEU A 267 11.25 11.40 -43.23
N LEU A 268 12.55 11.68 -43.43
CA LEU A 268 13.01 12.40 -44.62
C LEU A 268 14.01 11.53 -45.40
N ASP A 269 13.75 11.32 -46.68
CA ASP A 269 14.62 10.49 -47.51
C ASP A 269 15.90 11.24 -47.88
N LEU A 270 17.04 10.75 -47.43
CA LEU A 270 18.32 11.40 -47.76
C LEU A 270 18.90 11.02 -49.13
N ARG A 271 18.30 10.05 -49.80
CA ARG A 271 18.71 9.71 -51.17
C ARG A 271 18.23 10.72 -52.20
N LYS A 272 17.40 11.68 -51.82
CA LYS A 272 16.74 12.47 -52.84
C LYS A 272 17.36 13.84 -53.06
N GLY A 273 18.45 14.06 -52.34
CA GLY A 273 19.28 15.24 -52.56
C GLY A 273 18.94 16.43 -51.68
N VAL A 274 19.73 17.50 -51.80
CA VAL A 274 19.59 18.59 -50.84
C VAL A 274 18.32 19.41 -51.01
N LYS A 275 17.60 19.26 -52.11
CA LYS A 275 16.40 20.08 -52.31
C LYS A 275 15.06 19.37 -51.98
N HIS A 276 15.13 18.07 -51.72
CA HIS A 276 13.95 17.29 -51.33
C HIS A 276 13.70 17.48 -49.85
N ASN A 277 12.63 18.22 -49.54
CA ASN A 277 12.31 18.55 -48.15
C ASN A 277 10.95 18.04 -47.66
N THR A 278 10.29 17.19 -48.45
CA THR A 278 8.97 16.79 -48.03
C THR A 278 9.04 15.63 -46.99
N LEU A 279 8.42 15.82 -45.83
CA LEU A 279 8.42 14.84 -44.74
C LEU A 279 7.39 13.70 -44.91
N GLU A 280 7.71 12.49 -44.44
CA GLU A 280 6.72 11.40 -44.41
C GLU A 280 6.25 11.18 -42.99
N MSE A 281 4.96 11.35 -42.78
CA MSE A 281 4.37 11.15 -41.49
C MSE A 281 4.43 9.67 -41.10
O MSE A 281 4.08 8.79 -41.91
CB MSE A 281 2.90 11.64 -41.53
CG MSE A 281 2.03 11.14 -40.39
SE MSE A 281 2.50 12.06 -38.71
CE MSE A 281 1.57 13.74 -38.98
N VAL A 282 4.88 9.37 -39.88
CA VAL A 282 4.81 7.99 -39.40
C VAL A 282 3.41 7.77 -38.83
N ARG A 283 3.21 8.02 -37.53
CA ARG A 283 1.86 7.98 -36.95
C ARG A 283 1.51 9.30 -36.30
N PRO A 284 0.37 9.89 -36.71
CA PRO A 284 -0.08 11.15 -36.06
C PRO A 284 -0.18 11.02 -34.54
N ARG A 285 0.52 11.91 -33.84
CA ARG A 285 0.21 12.40 -32.47
C ARG A 285 -1.13 11.89 -31.91
N GLU A 286 -1.06 11.09 -30.84
CA GLU A 286 -2.26 10.76 -30.08
C GLU A 286 -1.92 10.80 -28.58
N LYS A 287 -2.68 11.62 -27.83
CA LYS A 287 -2.32 11.90 -26.45
C LYS A 287 -2.11 10.65 -25.58
N GLY A 288 -0.94 10.55 -24.95
CA GLY A 288 -0.69 9.41 -24.07
C GLY A 288 -0.07 8.24 -24.80
N VAL A 289 0.08 8.34 -26.13
CA VAL A 289 0.75 7.31 -26.93
C VAL A 289 2.18 7.72 -27.23
N ARG A 290 3.13 7.03 -26.62
CA ARG A 290 4.56 7.27 -26.92
C ARG A 290 5.15 6.26 -27.92
N TYR A 291 6.02 6.73 -28.82
CA TYR A 291 6.78 5.82 -29.69
C TYR A 291 8.07 6.37 -30.24
N THR A 292 8.98 5.46 -30.57
CA THR A 292 10.28 5.78 -31.12
C THR A 292 10.47 4.90 -32.35
N VAL A 293 11.00 5.51 -33.42
CA VAL A 293 11.21 4.80 -34.67
C VAL A 293 12.69 4.50 -34.99
N GLU A 294 12.96 3.30 -35.51
CA GLU A 294 14.28 2.97 -35.98
C GLU A 294 14.12 2.32 -37.34
N MSE A 295 15.05 2.63 -38.25
CA MSE A 295 15.01 2.09 -39.59
C MSE A 295 15.84 0.82 -39.72
O MSE A 295 17.03 0.81 -39.38
CB MSE A 295 15.51 3.13 -40.56
CG MSE A 295 14.68 4.41 -40.55
SE MSE A 295 12.83 4.18 -41.19
CE MSE A 295 13.06 3.21 -42.86
N HIS A 296 15.21 -0.24 -40.22
CA HIS A 296 15.96 -1.40 -40.69
C HIS A 296 16.01 -1.33 -42.19
N GLY A 297 17.13 -0.87 -42.73
CA GLY A 297 17.21 -0.57 -44.15
C GLY A 297 16.37 0.65 -44.46
N THR A 298 15.79 0.67 -45.66
CA THR A 298 15.00 1.80 -46.14
C THR A 298 13.50 1.56 -46.18
N ASP A 299 13.06 0.30 -46.10
CA ASP A 299 11.62 -0.01 -46.30
C ASP A 299 10.86 -0.44 -45.04
N THR A 300 11.58 -0.78 -43.96
CA THR A 300 10.94 -1.24 -42.75
C THR A 300 11.29 -0.45 -41.48
N LEU A 301 10.31 -0.30 -40.59
CA LEU A 301 10.46 0.50 -39.38
C LEU A 301 10.30 -0.45 -38.24
N ILE A 302 11.15 -0.31 -37.22
CA ILE A 302 10.90 -1.03 -36.02
C ILE A 302 10.57 0.02 -34.93
N VAL A 303 9.42 -0.18 -34.31
CA VAL A 303 8.82 0.83 -33.50
C VAL A 303 8.66 0.30 -32.11
N LEU A 304 9.14 1.10 -31.16
CA LEU A 304 9.02 0.80 -29.75
C LEU A 304 7.93 1.68 -29.18
N THR A 305 6.89 1.06 -28.67
CA THR A 305 5.73 1.85 -28.28
C THR A 305 5.03 1.46 -26.98
N ASN A 306 4.24 2.43 -26.52
CA ASN A 306 3.21 2.39 -25.49
C ASN A 306 1.83 1.90 -25.89
N LYS A 307 1.51 2.01 -27.17
CA LYS A 307 0.13 1.86 -27.66
C LYS A 307 -0.57 0.61 -27.06
N ASP A 308 -1.90 0.72 -26.90
CA ASP A 308 -2.75 -0.38 -26.37
C ASP A 308 -2.34 -0.86 -24.97
N LYS A 309 -2.20 0.11 -24.08
CA LYS A 309 -1.84 -0.13 -22.66
C LYS A 309 -0.59 -0.95 -22.44
N CYS A 310 0.40 -0.84 -23.33
CA CYS A 310 1.65 -1.57 -23.17
C CYS A 310 2.60 -0.72 -22.39
N VAL A 311 2.24 -0.45 -21.13
CA VAL A 311 2.97 0.51 -20.29
C VAL A 311 4.47 0.29 -20.31
N ASN A 312 4.87 -0.99 -20.27
CA ASN A 312 6.27 -1.39 -20.30
C ASN A 312 6.91 -1.42 -21.69
N GLY A 313 6.14 -1.11 -22.73
CA GLY A 313 6.67 -1.13 -24.09
C GLY A 313 6.53 -2.44 -24.86
N LYS A 314 6.22 -2.32 -26.14
CA LYS A 314 6.24 -3.47 -27.00
C LYS A 314 7.02 -3.05 -28.25
N VAL A 315 7.62 -4.01 -28.97
CA VAL A 315 8.18 -3.67 -30.26
C VAL A 315 7.50 -4.25 -31.48
N VAL A 316 7.20 -3.28 -32.34
CA VAL A 316 6.34 -3.44 -33.48
C VAL A 316 7.15 -3.32 -34.78
N LEU A 317 6.74 -4.05 -35.79
CA LEU A 317 7.43 -4.01 -37.07
C LEU A 317 6.44 -3.54 -38.14
N THR A 318 6.74 -2.43 -38.82
CA THR A 318 5.85 -1.90 -39.87
C THR A 318 6.59 -1.50 -41.16
N LYS A 319 5.86 -1.39 -42.26
CA LYS A 319 6.43 -1.07 -43.58
C LYS A 319 6.36 0.44 -43.87
N ARG A 320 7.42 1.02 -44.45
CA ARG A 320 7.43 2.45 -44.83
C ARG A 320 6.22 2.86 -45.64
N SER A 321 5.76 1.98 -46.53
CA SER A 321 4.60 2.25 -47.38
C SER A 321 3.21 2.29 -46.67
N ALA A 322 3.11 1.76 -45.45
CA ALA A 322 1.85 1.81 -44.68
C ALA A 322 2.19 1.91 -43.20
N PRO A 323 2.78 3.04 -42.80
CA PRO A 323 3.43 3.05 -41.48
C PRO A 323 2.48 3.19 -40.28
N THR A 324 1.17 3.23 -40.48
CA THR A 324 0.24 3.26 -39.32
C THR A 324 -0.27 1.89 -38.92
N ASP A 325 0.08 0.85 -39.69
CA ASP A 325 -0.40 -0.50 -39.42
C ASP A 325 0.60 -1.21 -38.51
N TRP A 326 0.25 -1.28 -37.23
CA TRP A 326 1.18 -1.79 -36.22
C TRP A 326 0.72 -3.17 -35.77
N GLY A 327 0.12 -3.92 -36.67
CA GLY A 327 -0.43 -5.25 -36.34
C GLY A 327 0.58 -6.34 -36.01
N THR A 328 1.81 -6.16 -36.50
CA THR A 328 2.82 -7.20 -36.35
C THR A 328 3.72 -6.97 -35.13
N VAL A 329 3.53 -7.77 -34.10
CA VAL A 329 4.33 -7.59 -32.90
C VAL A 329 5.59 -8.47 -32.93
N LEU A 330 6.76 -7.83 -32.97
CA LEU A 330 8.01 -8.59 -32.95
C LEU A 330 8.34 -9.06 -31.55
N ILE A 331 8.13 -8.16 -30.57
CA ILE A 331 8.37 -8.44 -29.14
C ILE A 331 7.17 -7.97 -28.33
N PRO A 332 6.38 -8.93 -27.81
CA PRO A 332 5.13 -8.54 -27.14
C PRO A 332 5.37 -7.90 -25.78
N HIS A 333 4.35 -7.16 -25.32
CA HIS A 333 4.41 -6.54 -24.02
C HIS A 333 4.61 -7.60 -22.97
N ASP A 334 5.28 -7.22 -21.88
CA ASP A 334 5.51 -8.16 -20.78
C ASP A 334 5.60 -7.37 -19.47
N ASP A 335 4.73 -7.71 -18.51
CA ASP A 335 4.65 -7.07 -17.18
C ASP A 335 5.94 -7.05 -16.40
N LYS A 336 6.82 -7.97 -16.75
CA LYS A 336 8.04 -8.26 -16.04
C LYS A 336 9.20 -7.43 -16.62
N VAL A 337 9.08 -7.07 -17.91
CA VAL A 337 10.19 -6.50 -18.68
C VAL A 337 9.91 -5.06 -19.11
N THR A 338 10.88 -4.20 -18.88
CA THR A 338 10.80 -2.80 -19.27
C THR A 338 11.72 -2.53 -20.45
N ILE A 339 11.17 -1.99 -21.53
CA ILE A 339 11.98 -1.70 -22.71
C ILE A 339 12.02 -0.20 -22.90
N ASP A 340 13.19 0.39 -22.67
CA ASP A 340 13.41 1.86 -22.78
C ASP A 340 13.92 2.31 -24.15
N ASP A 341 14.82 1.54 -24.79
CA ASP A 341 15.05 1.69 -26.24
C ASP A 341 15.59 0.54 -27.10
N VAL A 342 15.59 0.78 -28.40
CA VAL A 342 16.07 -0.09 -29.45
C VAL A 342 17.06 0.66 -30.31
N ALA A 343 18.09 -0.04 -30.74
CA ALA A 343 18.94 0.43 -31.82
C ALA A 343 18.96 -0.68 -32.87
N VAL A 344 18.85 -0.32 -34.14
CA VAL A 344 18.81 -1.32 -35.22
C VAL A 344 20.04 -1.30 -36.07
N PHE A 345 20.58 -2.49 -36.35
CA PHE A 345 21.70 -2.64 -37.28
C PHE A 345 21.27 -3.63 -38.35
N ALA A 346 22.15 -3.93 -39.32
CA ALA A 346 21.72 -4.66 -40.49
C ALA A 346 21.30 -6.08 -40.13
N LYS A 347 22.02 -6.67 -39.18
CA LYS A 347 21.85 -8.09 -38.85
C LYS A 347 21.14 -8.35 -37.52
N PHE A 348 20.87 -7.29 -36.75
CA PHE A 348 20.28 -7.45 -35.41
C PHE A 348 19.80 -6.14 -34.84
N ALA A 349 18.87 -6.21 -33.91
CA ALA A 349 18.47 -5.05 -33.12
C ALA A 349 18.93 -5.25 -31.67
N VAL A 350 19.15 -4.15 -30.95
CA VAL A 350 19.50 -4.22 -29.54
C VAL A 350 18.50 -3.43 -28.71
N LEU A 351 17.95 -4.10 -27.69
CA LEU A 351 16.99 -3.50 -26.79
C LEU A 351 17.64 -3.23 -25.45
N SER A 352 17.25 -2.13 -24.81
CA SER A 352 17.73 -1.80 -23.47
C SER A 352 16.54 -1.53 -22.58
N GLY A 353 16.71 -1.82 -21.29
CA GLY A 353 15.67 -1.57 -20.28
C GLY A 353 15.99 -2.28 -18.96
N ARG A 354 14.97 -2.77 -18.26
CA ARG A 354 15.18 -3.43 -16.99
C ARG A 354 14.30 -4.65 -16.83
N ARG A 355 14.69 -5.52 -15.90
CA ARG A 355 13.95 -6.71 -15.51
C ARG A 355 14.47 -7.09 -14.13
N ASP A 356 13.55 -7.43 -13.23
CA ASP A 356 13.88 -7.85 -11.85
C ASP A 356 14.91 -6.92 -11.16
N GLY A 357 14.69 -5.61 -11.32
CA GLY A 357 15.46 -4.57 -10.62
C GLY A 357 16.77 -4.12 -11.24
N LEU A 358 17.22 -4.81 -12.29
CA LEU A 358 18.51 -4.47 -12.89
C LEU A 358 18.35 -3.99 -14.32
N THR A 359 19.24 -3.12 -14.69
CA THR A 359 19.52 -2.82 -16.07
C THR A 359 19.80 -4.09 -16.93
N ARG A 360 19.18 -4.18 -18.11
CA ARG A 360 19.40 -5.36 -18.98
C ARG A 360 19.60 -4.97 -20.42
N VAL A 361 20.24 -5.86 -21.19
CA VAL A 361 20.35 -5.69 -22.64
C VAL A 361 19.95 -6.97 -23.34
N TRP A 362 19.14 -6.79 -24.39
CA TRP A 362 18.59 -7.89 -25.18
C TRP A 362 18.98 -7.73 -26.63
N THR A 363 19.01 -8.86 -27.32
CA THR A 363 19.46 -8.89 -28.68
C THR A 363 18.45 -9.71 -29.50
N VAL A 364 18.16 -9.26 -30.72
CA VAL A 364 17.28 -9.99 -31.61
C VAL A 364 17.91 -9.97 -33.01
N ARG A 365 18.00 -11.13 -33.65
CA ARG A 365 18.66 -11.29 -34.97
C ARG A 365 17.67 -11.57 -36.09
N LEU A 366 18.25 -11.77 -37.28
CA LEU A 366 17.52 -12.08 -38.51
C LEU A 366 17.25 -13.54 -38.54
N GLY A 367 16.11 -13.92 -39.08
CA GLY A 367 15.91 -15.33 -39.36
C GLY A 367 16.72 -15.77 -40.59
N PRO A 368 16.66 -17.07 -40.93
CA PRO A 368 17.31 -17.51 -42.18
C PRO A 368 16.64 -16.91 -43.46
N ASP A 369 15.88 -15.82 -43.30
CA ASP A 369 15.08 -15.30 -44.40
C ASP A 369 15.08 -13.75 -44.52
N ASN A 370 16.01 -13.08 -43.82
CA ASN A 370 16.14 -11.59 -43.77
C ASN A 370 14.93 -10.81 -43.18
N LEU A 371 14.10 -11.50 -42.40
CA LEU A 371 13.13 -10.77 -41.58
C LEU A 371 13.57 -10.93 -40.12
N PHE A 372 13.41 -9.88 -39.31
CA PHE A 372 13.67 -10.02 -37.88
C PHE A 372 12.86 -11.19 -37.28
N SER A 373 13.38 -11.86 -36.24
CA SER A 373 12.74 -13.09 -35.72
C SER A 373 12.61 -13.19 -34.19
N SER A 374 11.37 -13.26 -33.70
CA SER A 374 11.04 -13.30 -32.24
C SER A 374 11.80 -14.35 -31.45
N ALA A 375 11.86 -15.57 -32.01
CA ALA A 375 12.42 -16.74 -31.34
C ALA A 375 13.92 -16.61 -31.09
N THR A 376 14.46 -15.50 -31.56
CA THR A 376 15.88 -15.21 -31.56
C THR A 376 16.28 -14.44 -30.30
N LEU A 377 15.32 -13.71 -29.76
CA LEU A 377 15.45 -12.97 -28.54
C LEU A 377 16.27 -13.63 -27.44
N LYS A 378 17.42 -13.04 -27.13
CA LYS A 378 18.13 -13.45 -25.95
C LYS A 378 18.55 -12.28 -25.06
N GLU A 379 18.67 -12.60 -23.79
CA GLU A 379 19.12 -11.67 -22.80
C GLU A 379 20.57 -11.96 -22.53
N LEU A 380 21.40 -10.92 -22.62
CA LEU A 380 22.81 -11.00 -22.23
C LEU A 380 22.99 -11.34 -20.74
N HIS A 381 23.70 -12.42 -20.46
CA HIS A 381 23.77 -12.91 -19.09
C HIS A 381 25.08 -12.57 -18.38
N PHE A 382 25.00 -12.42 -17.06
CA PHE A 382 26.19 -12.11 -16.25
C PHE A 382 26.31 -13.02 -15.02
N ASP A 383 27.55 -13.23 -14.58
CA ASP A 383 27.83 -14.09 -13.42
C ASP A 383 27.39 -13.47 -12.10
N GLU A 384 27.63 -12.18 -11.92
CA GLU A 384 27.27 -11.53 -10.68
C GLU A 384 25.76 -11.23 -10.56
N PRO A 385 25.23 -11.23 -9.33
CA PRO A 385 23.81 -11.06 -9.06
C PRO A 385 23.31 -9.63 -9.21
N VAL A 386 24.20 -8.64 -9.00
CA VAL A 386 23.88 -7.20 -9.19
C VAL A 386 25.00 -6.48 -9.92
N PHE A 387 24.62 -5.65 -10.89
CA PHE A 387 25.55 -5.02 -11.79
C PHE A 387 24.76 -4.04 -12.61
N THR A 388 25.46 -3.46 -13.57
CA THR A 388 24.92 -2.52 -14.50
C THR A 388 25.48 -2.92 -15.85
N ALA A 389 24.65 -2.86 -16.89
CA ALA A 389 25.12 -3.23 -18.23
C ALA A 389 24.33 -2.44 -19.28
N HIS A 390 25.06 -1.87 -20.26
CA HIS A 390 24.49 -1.00 -21.30
C HIS A 390 25.15 -1.22 -22.65
N VAL A 391 24.38 -1.10 -23.74
CA VAL A 391 24.97 -1.04 -25.08
C VAL A 391 25.46 0.40 -25.23
N VAL A 392 26.59 0.63 -25.88
CA VAL A 392 27.14 1.98 -26.02
C VAL A 392 27.06 2.38 -27.50
N CYS A 393 25.88 2.74 -27.97
CA CYS A 393 25.73 2.97 -29.42
C CYS A 393 26.35 4.26 -29.98
N SER A 394 26.78 5.15 -29.09
CA SER A 394 27.62 6.24 -29.48
C SER A 394 28.97 5.73 -30.00
N GLN A 395 29.30 4.48 -29.70
CA GLN A 395 30.55 3.86 -30.15
C GLN A 395 30.28 2.79 -31.20
N MSE A 396 29.05 2.74 -31.70
CA MSE A 396 28.72 1.83 -32.80
C MSE A 396 28.42 2.61 -34.09
O MSE A 396 27.25 2.94 -34.36
CB MSE A 396 27.60 0.87 -32.39
CG MSE A 396 28.05 -0.10 -31.27
SE MSE A 396 26.62 -1.19 -30.50
CE MSE A 396 26.43 -2.54 -31.95
N LYS A 397 29.46 2.89 -34.88
CA LYS A 397 29.32 3.79 -36.02
C LYS A 397 29.22 3.04 -37.33
N THR A 398 29.30 1.71 -37.22
CA THR A 398 29.32 0.88 -38.40
C THR A 398 28.10 -0.03 -38.45
N TYR A 399 27.26 0.20 -39.46
CA TYR A 399 25.92 -0.38 -39.59
C TYR A 399 25.87 -1.90 -39.77
N ASP A 400 26.88 -2.45 -40.39
CA ASP A 400 26.88 -3.85 -40.73
C ASP A 400 27.85 -4.59 -39.80
N ALA A 401 27.77 -4.33 -38.49
CA ALA A 401 28.73 -4.95 -37.56
C ALA A 401 28.23 -6.28 -37.04
N SER A 402 29.16 -7.09 -36.52
CA SER A 402 28.85 -8.31 -35.80
C SER A 402 29.14 -8.14 -34.30
N LEU A 403 29.86 -7.07 -33.95
CA LEU A 403 30.22 -6.84 -32.55
C LEU A 403 29.25 -5.87 -31.91
N LEU A 404 28.84 -6.14 -30.67
CA LEU A 404 28.19 -5.12 -29.82
C LEU A 404 29.24 -4.40 -29.01
N ARG A 405 29.10 -3.08 -28.82
CA ARG A 405 29.91 -2.41 -27.80
C ARG A 405 29.13 -2.25 -26.51
N LEU A 406 29.69 -2.82 -25.43
CA LEU A 406 29.02 -2.95 -24.13
C LEU A 406 29.80 -2.34 -22.97
N ARG A 407 29.07 -1.91 -21.97
CA ARG A 407 29.64 -1.27 -20.79
C ARG A 407 29.10 -1.99 -19.57
N TYR A 408 29.97 -2.68 -18.86
CA TYR A 408 29.59 -3.36 -17.65
C TYR A 408 30.31 -2.76 -16.44
N SER A 409 29.61 -2.71 -15.33
CA SER A 409 30.13 -2.15 -14.10
C SER A 409 29.38 -2.81 -12.93
N SER A 410 30.08 -3.05 -11.82
CA SER A 410 29.44 -3.64 -10.66
C SER A 410 30.16 -3.20 -9.42
N MSE A 411 29.58 -3.41 -8.25
CA MSE A 411 30.16 -2.93 -6.99
C MSE A 411 31.49 -3.58 -6.74
O MSE A 411 32.26 -3.20 -5.87
CB MSE A 411 29.18 -3.21 -5.85
CG MSE A 411 27.80 -2.66 -6.12
SE MSE A 411 26.51 -2.92 -4.72
CE MSE A 411 26.72 -1.27 -3.67
N THR A 412 31.75 -4.59 -7.56
CA THR A 412 32.99 -5.37 -7.55
C THR A 412 34.00 -4.93 -8.62
N THR A 413 33.51 -4.37 -9.72
CA THR A 413 34.23 -4.33 -10.98
C THR A 413 34.19 -2.92 -11.56
N PRO A 414 35.33 -2.21 -11.57
CA PRO A 414 35.30 -0.91 -12.24
C PRO A 414 34.83 -1.06 -13.69
N THR A 415 34.25 0.01 -14.26
CA THR A 415 33.64 -0.10 -15.59
C THR A 415 34.58 -0.76 -16.63
N VAL A 416 34.03 -1.70 -17.39
CA VAL A 416 34.75 -2.37 -18.44
C VAL A 416 34.00 -2.17 -19.75
N TRP A 417 34.68 -1.68 -20.79
CA TRP A 417 34.11 -1.65 -22.12
C TRP A 417 34.62 -2.87 -22.87
N TYR A 418 33.71 -3.57 -23.57
CA TYR A 418 34.11 -4.71 -24.41
C TYR A 418 33.28 -4.87 -25.68
N ASP A 419 33.87 -5.56 -26.66
CA ASP A 419 33.17 -5.94 -27.86
C ASP A 419 32.63 -7.35 -27.63
N GLU A 420 31.33 -7.54 -27.85
CA GLU A 420 30.75 -8.86 -27.78
C GLU A 420 30.17 -9.29 -29.10
N ASP A 421 30.45 -10.54 -29.49
CA ASP A 421 29.90 -11.08 -30.70
C ASP A 421 28.44 -11.43 -30.54
N VAL A 422 27.62 -10.83 -31.40
CA VAL A 422 26.16 -11.03 -31.46
C VAL A 422 25.71 -12.49 -31.54
N LEU A 423 26.48 -13.32 -32.25
CA LEU A 423 26.12 -14.73 -32.46
C LEU A 423 26.74 -15.67 -31.42
N SER A 424 28.07 -15.70 -31.32
CA SER A 424 28.74 -16.57 -30.34
C SER A 424 28.58 -16.12 -28.89
N GLY A 425 28.68 -14.82 -28.63
CA GLY A 425 28.73 -14.30 -27.27
C GLY A 425 30.15 -14.15 -26.74
N GLU A 426 31.16 -14.40 -27.58
CA GLU A 426 32.55 -14.12 -27.23
C GLU A 426 32.78 -12.64 -26.92
N ARG A 427 33.40 -12.38 -25.78
CA ARG A 427 33.69 -11.05 -25.34
C ARG A 427 35.19 -10.77 -25.38
N LYS A 428 35.56 -9.54 -25.73
CA LYS A 428 36.95 -9.12 -25.77
C LYS A 428 37.10 -7.74 -25.12
N VAL A 429 37.91 -7.64 -24.06
CA VAL A 429 38.08 -6.36 -23.36
C VAL A 429 38.62 -5.29 -24.31
N VAL A 430 38.04 -4.09 -24.26
CA VAL A 430 38.63 -2.94 -24.96
C VAL A 430 39.31 -2.02 -23.94
N LYS A 431 38.58 -1.60 -22.92
CA LYS A 431 39.14 -0.76 -21.88
C LYS A 431 38.54 -1.18 -20.56
N ALA A 432 39.40 -1.52 -19.59
CA ALA A 432 38.98 -1.72 -18.21
C ALA A 432 39.49 -0.54 -17.39
N ARG A 433 38.63 0.07 -16.59
CA ARG A 433 39.06 1.20 -15.77
C ARG A 433 40.14 0.76 -14.79
N LYS A 434 41.12 1.65 -14.58
CA LYS A 434 42.18 1.47 -13.60
C LYS A 434 41.81 2.18 -12.32
N VAL A 435 41.96 1.50 -11.20
CA VAL A 435 41.73 2.09 -9.89
C VAL A 435 42.97 1.87 -9.07
N GLY A 436 43.51 2.96 -8.56
CA GLY A 436 44.81 2.94 -7.89
C GLY A 436 44.68 2.63 -6.41
N GLY A 437 45.73 2.93 -5.66
CA GLY A 437 45.73 2.76 -4.21
C GLY A 437 45.62 1.34 -3.68
N GLY A 438 45.94 0.34 -4.50
CA GLY A 438 45.87 -1.06 -4.05
C GLY A 438 44.55 -1.77 -4.29
N PHE A 439 43.64 -1.15 -5.04
CA PHE A 439 42.39 -1.84 -5.37
C PHE A 439 42.62 -3.11 -6.19
N GLU A 440 42.01 -4.21 -5.78
CA GLU A 440 41.84 -5.38 -6.65
C GLU A 440 40.52 -6.05 -6.45
N SER A 441 39.91 -6.39 -7.57
CA SER A 441 38.54 -6.85 -7.67
C SER A 441 38.24 -8.10 -6.86
N LYS A 442 39.24 -8.98 -6.76
CA LYS A 442 39.05 -10.29 -6.12
C LYS A 442 38.75 -10.19 -4.64
N ASN A 443 39.08 -9.04 -4.05
CA ASN A 443 38.85 -8.83 -2.62
C ASN A 443 37.40 -8.64 -2.22
N TYR A 444 36.51 -8.49 -3.21
CA TYR A 444 35.12 -8.07 -2.95
C TYR A 444 34.06 -9.01 -3.56
N VAL A 445 32.88 -8.96 -2.99
CA VAL A 445 31.80 -9.83 -3.39
C VAL A 445 30.58 -8.95 -3.34
N CYS A 446 29.71 -9.05 -4.34
CA CYS A 446 28.48 -8.31 -4.24
C CYS A 446 27.32 -9.26 -4.27
N ARG A 447 26.21 -8.86 -3.64
CA ARG A 447 25.03 -9.66 -3.79
C ARG A 447 23.70 -8.98 -3.64
N ARG A 448 22.64 -9.79 -3.82
CA ARG A 448 21.27 -9.36 -3.69
C ARG A 448 20.58 -9.96 -2.47
N GLU A 449 19.86 -9.10 -1.74
CA GLU A 449 18.96 -9.51 -0.69
C GLU A 449 17.55 -8.96 -0.97
N LEU A 450 16.51 -9.63 -0.48
CA LEU A 450 15.13 -9.16 -0.63
C LEU A 450 14.46 -8.90 0.69
N ALA A 451 14.06 -7.66 0.92
CA ALA A 451 13.26 -7.36 2.10
C ALA A 451 11.78 -7.42 1.69
N THR A 452 10.90 -7.44 2.71
CA THR A 452 9.46 -7.54 2.54
C THR A 452 8.84 -6.45 3.34
N ALA A 453 8.20 -5.52 2.63
CA ALA A 453 7.50 -4.42 3.24
C ALA A 453 6.20 -4.89 3.93
N PRO A 454 5.57 -4.02 4.72
CA PRO A 454 4.33 -4.44 5.37
C PRO A 454 3.22 -4.95 4.42
N ASP A 455 3.06 -4.32 3.24
CA ASP A 455 2.03 -4.75 2.27
C ASP A 455 2.42 -6.03 1.54
N GLY A 456 3.59 -6.56 1.85
CA GLY A 456 4.02 -7.82 1.26
C GLY A 456 4.94 -7.65 0.06
N THR A 457 5.16 -6.41 -0.41
CA THR A 457 6.00 -6.12 -1.61
C THR A 457 7.48 -6.35 -1.32
N LYS A 458 8.12 -7.09 -2.23
CA LYS A 458 9.57 -7.37 -2.19
C LYS A 458 10.44 -6.16 -2.62
N VAL A 459 11.34 -5.73 -1.74
CA VAL A 459 12.17 -4.60 -2.04
C VAL A 459 13.59 -5.11 -2.22
N PRO A 460 14.22 -4.89 -3.39
CA PRO A 460 15.62 -5.36 -3.50
C PRO A 460 16.65 -4.48 -2.80
N ILE A 461 17.71 -5.13 -2.31
CA ILE A 461 18.90 -4.51 -1.74
C ILE A 461 20.10 -5.04 -2.52
N SER A 462 21.03 -4.14 -2.85
CA SER A 462 22.31 -4.52 -3.44
C SER A 462 23.36 -4.26 -2.38
N LEU A 463 24.21 -5.25 -2.13
CA LEU A 463 25.22 -5.01 -1.12
C LEU A 463 26.58 -5.52 -1.57
N VAL A 464 27.64 -4.92 -1.08
CA VAL A 464 29.01 -5.36 -1.36
C VAL A 464 29.86 -5.34 -0.06
N TYR A 465 30.83 -6.23 0.02
CA TYR A 465 31.81 -6.24 1.11
C TYR A 465 33.13 -6.91 0.73
N ASP A 466 34.15 -6.64 1.55
CA ASP A 466 35.43 -7.30 1.43
C ASP A 466 35.33 -8.76 1.88
N THR A 467 35.81 -9.64 1.02
CA THR A 467 35.59 -11.06 1.12
C THR A 467 36.20 -11.73 2.38
N SER A 468 37.06 -11.00 3.10
CA SER A 468 37.72 -11.48 4.31
C SER A 468 36.97 -11.24 5.63
N ILE A 469 35.83 -10.54 5.59
CA ILE A 469 35.05 -10.34 6.82
C ILE A 469 34.38 -11.63 7.30
N ASP A 470 34.14 -11.73 8.60
CA ASP A 470 33.51 -12.92 9.16
C ASP A 470 32.00 -12.84 9.00
N LEU A 471 31.46 -13.67 8.12
CA LEU A 471 30.04 -13.65 7.85
C LEU A 471 29.24 -14.48 8.86
N LYS A 472 29.94 -15.23 9.73
CA LYS A 472 29.27 -15.96 10.82
C LYS A 472 28.84 -15.04 11.98
N LYS A 473 29.26 -13.77 11.95
CA LYS A 473 28.73 -12.78 12.89
C LYS A 473 28.21 -11.50 12.21
N PRO A 474 27.48 -10.65 12.93
CA PRO A 474 27.04 -9.44 12.19
C PRO A 474 28.12 -8.40 12.13
N ASN A 475 28.09 -7.56 11.10
CA ASN A 475 29.15 -6.61 10.80
C ASN A 475 28.66 -5.19 10.58
N PRO A 476 29.52 -4.20 10.82
CA PRO A 476 29.15 -2.83 10.59
C PRO A 476 28.66 -2.60 9.16
N THR A 477 27.50 -1.95 9.05
CA THR A 477 26.84 -1.76 7.75
C THR A 477 26.37 -0.31 7.48
N MSE A 478 26.41 0.07 6.20
CA MSE A 478 25.93 1.35 5.71
C MSE A 478 24.84 1.06 4.71
O MSE A 478 25.06 0.30 3.74
CB MSE A 478 27.04 2.13 5.02
CG MSE A 478 26.48 3.25 4.09
SE MSE A 478 25.45 4.63 5.03
CE MSE A 478 26.91 5.52 5.96
N LEU A 479 23.68 1.66 4.95
CA LEU A 479 22.52 1.51 4.09
C LEU A 479 22.17 2.85 3.47
N TYR A 480 22.33 2.94 2.16
CA TYR A 480 22.05 4.13 1.39
C TYR A 480 20.68 4.08 0.70
N GLY A 481 19.97 5.20 0.69
CA GLY A 481 18.68 5.30 -0.01
C GLY A 481 18.48 6.68 -0.61
N TYR A 482 17.78 6.71 -1.75
CA TYR A 482 17.29 7.93 -2.35
C TYR A 482 15.75 8.12 -2.07
N GLY A 483 14.74 7.46 -2.66
CA GLY A 483 14.45 7.31 -4.05
C GLY A 483 13.18 8.21 -4.21
N SER A 484 13.32 9.20 -5.08
CA SER A 484 12.25 10.01 -5.54
C SER A 484 12.44 10.09 -7.05
N TYR A 485 11.49 10.73 -7.72
CA TYR A 485 11.58 11.04 -9.14
C TYR A 485 11.85 9.84 -10.01
N GLY A 486 11.70 8.64 -9.48
CA GLY A 486 11.97 7.43 -10.26
C GLY A 486 13.42 7.19 -10.68
N ILE A 487 14.35 7.89 -10.03
CA ILE A 487 15.76 7.64 -10.15
C ILE A 487 16.05 6.19 -9.70
N CYS A 488 16.96 5.52 -10.42
CA CYS A 488 17.54 4.26 -9.97
C CYS A 488 18.89 4.54 -9.35
N ILE A 489 19.15 4.01 -8.16
CA ILE A 489 20.47 4.08 -7.59
C ILE A 489 21.16 2.78 -7.98
N GLU A 490 21.95 2.83 -9.06
CA GLU A 490 22.49 1.61 -9.64
C GLU A 490 23.53 0.89 -8.80
N PRO A 491 23.45 -0.45 -8.73
CA PRO A 491 24.59 -1.18 -8.13
C PRO A 491 25.81 -1.22 -9.07
N GLU A 492 26.19 -0.08 -9.65
CA GLU A 492 27.40 0.10 -10.47
C GLU A 492 28.63 0.28 -9.58
N PHE A 493 29.82 0.28 -10.17
CA PHE A 493 31.00 0.52 -9.38
C PHE A 493 31.06 1.99 -8.92
N ASN A 494 31.56 2.20 -7.71
CA ASN A 494 31.64 3.54 -7.13
C ASN A 494 32.72 3.57 -6.07
N SER A 495 33.87 4.15 -6.43
CA SER A 495 35.07 4.09 -5.63
C SER A 495 34.89 4.84 -4.32
N ARG A 496 33.83 5.64 -4.28
CA ARG A 496 33.55 6.44 -3.09
C ARG A 496 33.11 5.62 -1.85
N PHE A 497 32.66 4.38 -2.03
CA PHE A 497 32.33 3.51 -0.87
C PHE A 497 33.51 2.67 -0.39
N LEU A 498 34.59 2.72 -1.14
CA LEU A 498 35.76 1.96 -0.77
C LEU A 498 36.27 2.27 0.66
N PRO A 499 36.31 3.57 1.06
CA PRO A 499 36.78 3.80 2.43
C PRO A 499 35.97 3.07 3.52
N TYR A 500 34.68 2.83 3.31
CA TYR A 500 33.83 1.98 4.16
C TYR A 500 34.19 0.48 4.02
N VAL A 501 33.98 -0.04 2.81
CA VAL A 501 34.21 -1.44 2.50
C VAL A 501 35.64 -1.92 2.86
N ASP A 502 36.64 -1.05 2.65
CA ASP A 502 38.02 -1.38 2.99
C ASP A 502 38.32 -1.36 4.49
N ARG A 503 37.34 -0.96 5.29
CA ARG A 503 37.50 -1.03 6.75
C ARG A 503 36.57 -2.06 7.40
N GLY A 504 36.13 -3.06 6.64
CA GLY A 504 35.26 -4.10 7.19
C GLY A 504 33.74 -3.86 7.12
N MSE A 505 33.31 -2.75 6.53
CA MSE A 505 31.87 -2.48 6.47
C MSE A 505 31.19 -3.19 5.32
O MSE A 505 31.81 -3.45 4.30
CB MSE A 505 31.61 -0.98 6.45
CG MSE A 505 31.90 -0.37 7.78
SE MSE A 505 31.39 1.46 7.75
CE MSE A 505 29.46 1.27 7.80
N ILE A 506 29.93 -3.61 5.53
CA ILE A 506 29.08 -4.00 4.39
C ILE A 506 28.49 -2.70 3.87
N TYR A 507 28.61 -2.46 2.56
CA TYR A 507 27.96 -1.31 1.95
C TYR A 507 26.76 -1.72 1.08
N ALA A 508 25.58 -1.18 1.43
CA ALA A 508 24.27 -1.60 0.92
C ALA A 508 23.42 -0.46 0.39
N ILE A 509 22.76 -0.71 -0.73
CA ILE A 509 21.76 0.19 -1.28
C ILE A 509 20.36 -0.40 -1.08
N ALA A 510 19.44 0.37 -0.49
CA ALA A 510 18.02 0.00 -0.43
C ALA A 510 17.22 0.58 -1.62
N HIS A 511 16.73 -0.28 -2.51
CA HIS A 511 16.06 0.19 -3.71
C HIS A 511 14.57 0.40 -3.48
N VAL A 512 14.24 1.45 -2.76
CA VAL A 512 12.91 1.59 -2.20
C VAL A 512 11.97 2.18 -3.23
N ARG A 513 10.67 2.04 -3.04
CA ARG A 513 9.70 2.67 -3.92
C ARG A 513 9.85 4.19 -3.88
N GLY A 514 9.51 4.82 -5.00
CA GLY A 514 9.92 6.21 -5.21
C GLY A 514 11.06 6.28 -6.23
N GLY A 515 11.95 5.29 -6.17
CA GLY A 515 12.93 5.10 -7.21
C GLY A 515 12.28 4.44 -8.39
N GLY A 516 13.10 4.10 -9.38
CA GLY A 516 12.58 3.49 -10.59
C GLY A 516 13.03 2.06 -10.87
N GLU A 517 13.75 1.44 -9.95
CA GLU A 517 14.41 0.15 -10.20
C GLU A 517 13.52 -1.00 -10.70
N MSE A 518 12.28 -1.07 -10.25
CA MSE A 518 11.37 -2.16 -10.63
C MSE A 518 10.51 -1.77 -11.84
O MSE A 518 9.64 -2.51 -12.28
CB MSE A 518 10.48 -2.61 -9.45
CG MSE A 518 11.24 -3.26 -8.22
SE MSE A 518 12.43 -4.75 -8.66
CE MSE A 518 11.28 -5.83 -9.83
N GLY A 519 10.77 -0.58 -12.37
CA GLY A 519 10.10 -0.14 -13.55
C GLY A 519 9.15 0.98 -13.28
N ARG A 520 8.26 1.14 -14.26
CA ARG A 520 7.23 2.16 -14.36
C ARG A 520 6.55 2.52 -13.04
N THR A 521 5.88 1.51 -12.47
CA THR A 521 5.03 1.75 -11.33
C THR A 521 5.74 1.78 -9.98
N TRP A 522 7.06 1.59 -9.96
CA TRP A 522 7.82 1.61 -8.70
C TRP A 522 7.85 3.02 -8.11
N TYR A 523 7.84 4.00 -9.00
CA TYR A 523 7.79 5.41 -8.67
C TYR A 523 6.36 5.96 -8.70
N GLU A 524 5.72 5.90 -9.87
CA GLU A 524 4.45 6.58 -10.07
C GLU A 524 3.26 6.05 -9.27
N VAL A 525 3.13 4.73 -9.08
CA VAL A 525 2.16 4.35 -8.04
C VAL A 525 2.84 4.01 -6.72
N GLY A 526 4.11 3.60 -6.80
CA GLY A 526 4.82 3.02 -5.68
C GLY A 526 5.21 3.99 -4.60
N GLY A 527 5.61 5.22 -4.95
CA GLY A 527 6.05 6.17 -3.92
C GLY A 527 6.08 7.62 -4.38
N LYS A 528 4.90 8.20 -4.45
CA LYS A 528 4.70 9.52 -5.03
C LYS A 528 3.34 9.98 -4.52
N TYR A 529 3.17 11.30 -4.32
CA TYR A 529 1.90 11.86 -3.86
C TYR A 529 1.44 11.08 -2.61
N LEU A 530 0.25 10.46 -2.66
CA LEU A 530 -0.34 9.84 -1.48
C LEU A 530 0.12 8.37 -1.24
N THR A 531 1.21 7.97 -1.91
CA THR A 531 1.83 6.69 -1.59
C THR A 531 3.29 6.91 -1.18
N LYS A 532 3.67 8.17 -1.05
CA LYS A 532 5.06 8.50 -0.77
C LYS A 532 5.53 7.82 0.52
N ARG A 533 4.63 7.57 1.46
CA ARG A 533 5.08 6.98 2.72
C ARG A 533 5.82 5.65 2.48
N ASN A 534 5.56 5.01 1.35
CA ASN A 534 6.21 3.72 1.03
C ASN A 534 7.73 3.82 0.97
N THR A 535 8.25 4.98 0.59
CA THR A 535 9.70 5.20 0.52
C THR A 535 10.36 4.90 1.86
N PHE A 536 9.72 5.34 2.93
CA PHE A 536 10.31 5.30 4.25
C PHE A 536 10.06 3.92 4.85
N MSE A 537 8.84 3.40 4.69
CA MSE A 537 8.46 2.08 5.20
C MSE A 537 9.29 0.99 4.52
O MSE A 537 9.66 0.02 5.17
CB MSE A 537 6.95 1.78 5.01
CG MSE A 537 5.91 2.80 5.61
SE MSE A 537 6.09 3.03 7.55
CE MSE A 537 5.68 1.17 8.07
N ASP A 538 9.57 1.15 3.22
CA ASP A 538 10.43 0.21 2.50
C ASP A 538 11.86 0.26 3.08
N PHE A 539 12.35 1.45 3.36
CA PHE A 539 13.74 1.58 3.80
C PHE A 539 13.92 0.85 5.14
N ILE A 540 12.96 1.07 6.03
CA ILE A 540 12.94 0.43 7.34
C ILE A 540 12.89 -1.09 7.23
N ALA A 541 12.00 -1.56 6.36
CA ALA A 541 11.92 -2.98 6.00
C ALA A 541 13.29 -3.50 5.51
N CYS A 542 14.07 -2.68 4.79
CA CYS A 542 15.40 -3.12 4.39
C CYS A 542 16.34 -3.26 5.62
N ALA A 543 16.30 -2.29 6.50
CA ALA A 543 17.14 -2.34 7.67
C ALA A 543 16.79 -3.57 8.50
N GLU A 544 15.50 -3.83 8.69
CA GLU A 544 15.08 -4.99 9.46
C GLU A 544 15.47 -6.31 8.84
N HIS A 545 15.41 -6.38 7.51
CA HIS A 545 15.87 -7.58 6.83
C HIS A 545 17.38 -7.84 7.06
N LEU A 546 18.19 -6.81 6.84
CA LEU A 546 19.60 -6.90 7.13
C LEU A 546 19.89 -7.31 8.57
N ILE A 547 18.96 -7.04 9.49
CA ILE A 547 19.16 -7.37 10.89
C ILE A 547 18.70 -8.79 11.15
N SER A 548 17.50 -9.14 10.69
CA SER A 548 16.95 -10.47 10.94
C SER A 548 17.70 -11.56 10.18
N SER A 549 18.44 -11.20 9.13
CA SER A 549 19.22 -12.22 8.46
C SER A 549 20.66 -12.42 9.01
N GLY A 550 21.05 -11.64 10.01
CA GLY A 550 22.36 -11.77 10.65
C GLY A 550 23.49 -10.89 10.09
N LEU A 551 23.20 -10.08 9.07
CA LEU A 551 24.23 -9.25 8.47
C LEU A 551 24.68 -8.12 9.39
N THR A 552 23.74 -7.44 10.04
CA THR A 552 24.10 -6.47 11.06
C THR A 552 23.19 -6.57 12.22
N THR A 553 23.33 -5.57 13.08
CA THR A 553 22.49 -5.30 14.21
C THR A 553 22.40 -3.74 14.25
N PRO A 554 21.41 -3.19 14.98
CA PRO A 554 21.22 -1.75 15.16
C PRO A 554 22.46 -1.06 15.70
N ALA A 555 23.16 -1.71 16.63
CA ALA A 555 24.35 -1.11 17.20
C ALA A 555 25.40 -0.86 16.12
N GLN A 556 25.40 -1.69 15.07
CA GLN A 556 26.41 -1.57 14.06
C GLN A 556 25.93 -1.05 12.66
N LEU A 557 24.74 -0.42 12.65
CA LEU A 557 24.13 0.04 11.41
C LEU A 557 24.08 1.56 11.21
N SER A 558 24.33 1.97 9.98
CA SER A 558 24.31 3.39 9.62
C SER A 558 23.48 3.59 8.37
N CYS A 559 22.99 4.79 8.16
CA CYS A 559 22.25 5.09 6.95
C CYS A 559 22.65 6.47 6.45
N GLU A 560 22.32 6.77 5.20
CA GLU A 560 22.64 8.04 4.60
C GLU A 560 21.69 8.27 3.43
N GLY A 561 21.36 9.54 3.23
CA GLY A 561 20.71 10.02 2.02
C GLY A 561 21.03 11.50 1.82
N ARG A 562 20.91 11.95 0.57
CA ARG A 562 21.30 13.29 0.16
C ARG A 562 20.14 13.92 -0.57
N SER A 563 19.82 15.17 -0.22
CA SER A 563 18.84 15.95 -0.96
C SER A 563 17.39 15.37 -0.77
N ALA A 564 16.73 14.88 -1.81
CA ALA A 564 15.42 14.20 -1.60
C ALA A 564 15.61 12.91 -0.79
N GLY A 565 16.83 12.39 -0.77
CA GLY A 565 17.18 11.23 0.04
C GLY A 565 17.37 11.68 1.47
N GLY A 566 17.54 12.98 1.65
CA GLY A 566 17.57 13.57 2.98
C GLY A 566 16.18 13.56 3.62
N LEU A 567 15.15 13.74 2.79
CA LEU A 567 13.78 13.51 3.24
C LEU A 567 13.68 12.09 3.82
N LEU A 568 14.23 11.10 3.12
CA LEU A 568 14.17 9.72 3.54
C LEU A 568 14.79 9.53 4.93
N VAL A 569 16.01 9.99 5.13
CA VAL A 569 16.70 9.85 6.42
C VAL A 569 15.93 10.61 7.49
N GLY A 570 15.44 11.81 7.16
CA GLY A 570 14.71 12.59 8.17
C GLY A 570 13.46 11.90 8.72
N ALA A 571 12.65 11.35 7.84
CA ALA A 571 11.42 10.65 8.27
C ALA A 571 11.77 9.35 8.96
N VAL A 572 12.73 8.64 8.38
CA VAL A 572 13.13 7.36 8.94
C VAL A 572 13.70 7.54 10.35
N LEU A 573 14.51 8.57 10.59
CA LEU A 573 14.97 8.83 11.98
C LEU A 573 13.85 9.16 12.99
N ASN A 574 12.74 9.74 12.53
CA ASN A 574 11.60 9.93 13.45
C ASN A 574 10.91 8.62 13.69
N MSE A 575 10.83 7.79 12.66
CA MSE A 575 9.98 6.61 12.73
C MSE A 575 10.67 5.48 13.51
O MSE A 575 10.09 4.93 14.45
CB MSE A 575 9.61 6.16 11.33
CG MSE A 575 8.77 7.20 10.62
SE MSE A 575 8.20 6.61 8.86
CE MSE A 575 7.20 8.21 8.36
N ARG A 576 11.89 5.16 13.10
CA ARG A 576 12.56 4.01 13.64
C ARG A 576 14.06 4.34 13.90
N PRO A 577 14.31 5.36 14.75
CA PRO A 577 15.70 5.69 15.05
C PRO A 577 16.42 4.57 15.79
N ASP A 578 15.67 3.65 16.41
CA ASP A 578 16.28 2.54 17.16
C ASP A 578 17.05 1.61 16.24
N LEU A 579 16.83 1.72 14.94
CA LEU A 579 17.48 0.78 14.02
C LEU A 579 18.90 1.19 13.62
N PHE A 580 19.40 2.33 14.12
CA PHE A 580 20.59 2.97 13.54
C PHE A 580 21.44 3.56 14.63
N HIS A 581 22.74 3.33 14.56
CA HIS A 581 23.66 3.85 15.54
C HIS A 581 24.15 5.22 15.14
N VAL A 582 24.26 5.46 13.83
CA VAL A 582 24.84 6.71 13.32
C VAL A 582 24.21 6.98 11.94
N ALA A 583 24.01 8.26 11.60
CA ALA A 583 23.38 8.59 10.30
C ALA A 583 23.96 9.81 9.59
N LEU A 584 23.75 9.88 8.28
CA LEU A 584 24.18 11.02 7.51
C LEU A 584 23.03 11.59 6.69
N ALA A 585 23.01 12.92 6.52
CA ALA A 585 22.00 13.58 5.75
C ALA A 585 22.59 14.80 5.07
N GLY A 586 22.84 14.69 3.77
CA GLY A 586 23.37 15.78 3.01
C GLY A 586 22.25 16.64 2.48
N VAL A 587 22.43 17.94 2.61
CA VAL A 587 21.47 18.94 2.15
C VAL A 587 20.05 18.43 2.19
N PRO A 588 19.59 18.07 3.38
CA PRO A 588 18.41 17.24 3.47
C PRO A 588 17.10 18.05 3.42
N PHE A 589 16.16 17.55 2.61
CA PHE A 589 14.86 18.21 2.48
C PHE A 589 13.99 17.84 3.69
N VAL A 590 13.93 18.71 4.69
CA VAL A 590 13.27 18.35 5.94
C VAL A 590 12.19 19.29 6.48
N ASP A 591 12.10 20.50 5.94
CA ASP A 591 11.08 21.45 6.34
C ASP A 591 9.94 21.34 5.36
N VAL A 592 9.38 20.13 5.21
CA VAL A 592 8.48 19.83 4.08
C VAL A 592 7.23 20.70 4.03
N MSE A 593 6.47 20.77 5.11
CA MSE A 593 5.25 21.54 5.12
C MSE A 593 5.53 23.03 4.89
O MSE A 593 4.88 23.68 4.01
CB MSE A 593 4.54 21.36 6.46
CG MSE A 593 4.10 19.95 6.74
SE MSE A 593 2.58 19.41 5.67
CE MSE A 593 1.20 20.27 6.72
N THR A 594 6.44 23.58 5.69
CA THR A 594 6.65 25.02 5.66
C THR A 594 7.22 25.50 4.33
N THR A 595 8.03 24.68 3.68
CA THR A 595 8.59 24.98 2.36
C THR A 595 7.59 24.75 1.22
N MSE A 596 6.91 23.61 1.25
CA MSE A 596 5.98 23.22 0.19
C MSE A 596 4.72 24.09 0.15
O MSE A 596 4.05 24.09 -0.84
CB MSE A 596 5.63 21.73 0.31
CG MSE A 596 6.75 20.76 -0.12
SE MSE A 596 7.48 21.26 -1.85
CE MSE A 596 8.95 22.23 -1.21
N CYS A 597 4.41 24.82 1.22
CA CYS A 597 3.27 25.68 1.18
C CYS A 597 3.59 27.01 0.46
N ASP A 598 4.87 27.33 0.34
CA ASP A 598 5.31 28.69 0.02
C ASP A 598 5.91 28.86 -1.41
N PRO A 599 5.13 29.41 -2.36
CA PRO A 599 5.61 29.57 -3.73
C PRO A 599 6.77 30.59 -3.91
N SER A 600 6.97 31.51 -2.96
CA SER A 600 8.21 32.35 -2.94
C SER A 600 9.54 31.54 -3.01
N ILE A 601 9.59 30.39 -2.34
CA ILE A 601 10.75 29.50 -2.39
C ILE A 601 10.87 28.85 -3.78
N PRO A 602 12.01 29.01 -4.46
CA PRO A 602 12.24 28.72 -5.89
C PRO A 602 11.65 27.42 -6.48
N LEU A 603 11.97 26.27 -5.93
CA LEU A 603 11.50 25.06 -6.58
C LEU A 603 10.07 24.58 -6.18
N THR A 604 9.43 25.32 -5.28
CA THR A 604 8.24 24.78 -4.60
C THR A 604 7.16 24.36 -5.60
N THR A 605 6.77 25.31 -6.44
CA THR A 605 5.75 25.15 -7.44
C THR A 605 5.89 23.88 -8.27
N GLY A 606 7.09 23.65 -8.80
CA GLY A 606 7.35 22.48 -9.64
C GLY A 606 7.21 21.20 -8.84
N GLU A 607 7.64 21.27 -7.57
CA GLU A 607 7.71 20.12 -6.68
C GLU A 607 6.35 19.70 -6.13
N TRP A 608 5.33 20.52 -6.41
CA TRP A 608 3.95 20.11 -6.12
C TRP A 608 3.62 18.87 -6.92
N GLU A 609 4.22 18.75 -8.11
CA GLU A 609 4.01 17.62 -9.01
C GLU A 609 4.80 16.39 -8.56
N GLU A 610 5.60 16.53 -7.52
CA GLU A 610 6.27 15.38 -6.94
C GLU A 610 5.63 14.96 -5.64
N TRP A 611 5.61 15.84 -4.64
CA TRP A 611 5.09 15.44 -3.30
C TRP A 611 3.62 15.78 -3.10
N GLY A 612 3.12 16.78 -3.83
CA GLY A 612 1.79 17.29 -3.54
C GLY A 612 1.85 18.66 -2.87
N ASN A 613 0.69 19.26 -2.71
CA ASN A 613 0.58 20.68 -2.38
C ASN A 613 -0.15 20.83 -1.07
N PRO A 614 0.56 21.16 0.02
CA PRO A 614 -0.09 21.18 1.32
C PRO A 614 -1.02 22.38 1.52
N ASN A 615 -1.17 23.20 0.50
CA ASN A 615 -2.23 24.20 0.51
C ASN A 615 -3.59 23.54 0.22
N GLU A 616 -3.57 22.26 -0.16
CA GLU A 616 -4.79 21.50 -0.54
C GLU A 616 -5.24 20.52 0.54
N TYR A 617 -6.56 20.44 0.73
CA TYR A 617 -7.11 19.43 1.64
C TYR A 617 -6.59 18.05 1.33
N LYS A 618 -6.45 17.72 0.05
CA LYS A 618 -6.04 16.37 -0.38
C LYS A 618 -4.73 15.91 0.26
N PHE A 619 -3.79 16.86 0.49
CA PHE A 619 -2.40 16.54 0.89
C PHE A 619 -1.98 17.01 2.30
N PHE A 620 -2.73 17.92 2.91
CA PHE A 620 -2.27 18.53 4.15
C PHE A 620 -1.87 17.49 5.21
N ASP A 621 -2.79 16.63 5.64
CA ASP A 621 -2.52 15.69 6.72
C ASP A 621 -1.49 14.66 6.26
N TYR A 622 -1.61 14.17 5.01
CA TYR A 622 -0.71 13.10 4.57
C TYR A 622 0.75 13.53 4.61
N MSE A 623 1.04 14.71 4.05
CA MSE A 623 2.39 15.20 4.05
C MSE A 623 2.83 15.51 5.45
O MSE A 623 3.99 15.33 5.79
CB MSE A 623 2.52 16.43 3.16
CG MSE A 623 2.36 16.06 1.67
SE MSE A 623 2.38 17.60 0.47
CE MSE A 623 1.66 18.73 1.86
N ASN A 624 1.91 15.98 6.28
CA ASN A 624 2.26 16.29 7.63
C ASN A 624 2.61 15.02 8.46
N SER A 625 2.14 13.85 8.03
CA SER A 625 2.39 12.61 8.75
C SER A 625 3.85 12.14 8.69
N TYR A 626 4.57 12.53 7.63
CA TYR A 626 5.97 12.16 7.50
C TYR A 626 6.97 13.34 7.51
N SER A 627 6.51 14.58 7.42
CA SER A 627 7.41 15.75 7.35
C SER A 627 8.40 15.75 8.51
N PRO A 628 9.71 15.59 8.23
CA PRO A 628 10.65 15.33 9.33
C PRO A 628 10.64 16.36 10.46
N ILE A 629 10.75 17.64 10.15
CA ILE A 629 10.81 18.66 11.20
C ILE A 629 9.54 18.63 12.04
N ASP A 630 8.43 18.43 11.35
CA ASP A 630 7.14 18.39 11.98
C ASP A 630 6.93 17.18 12.83
N ASN A 631 7.75 16.14 12.69
CA ASN A 631 7.55 14.95 13.52
C ASN A 631 8.70 14.69 14.49
N VAL A 632 9.59 15.65 14.66
CA VAL A 632 10.61 15.52 15.70
C VAL A 632 9.94 15.39 17.07
N ARG A 633 10.34 14.46 17.89
CA ARG A 633 9.72 14.36 19.19
C ARG A 633 10.73 13.98 20.28
N ALA A 634 10.24 13.86 21.50
CA ALA A 634 11.10 13.51 22.62
C ALA A 634 11.34 11.98 22.63
N GLN A 635 12.35 11.53 21.89
CA GLN A 635 12.85 10.13 21.85
C GLN A 635 14.40 10.10 21.65
N ASP A 636 15.02 8.94 21.78
CA ASP A 636 16.45 8.81 21.47
C ASP A 636 16.68 8.79 19.93
N TYR A 637 17.57 9.65 19.45
CA TYR A 637 18.04 9.61 18.08
C TYR A 637 19.52 9.18 18.11
N PRO A 638 20.00 8.56 16.99
CA PRO A 638 21.42 8.25 16.80
C PRO A 638 22.29 9.51 16.54
N HIS A 639 23.60 9.34 16.65
CA HIS A 639 24.55 10.35 16.18
C HIS A 639 24.21 10.76 14.75
N LEU A 640 24.35 12.03 14.40
CA LEU A 640 23.94 12.44 13.06
C LEU A 640 24.81 13.57 12.56
N MSE A 641 25.14 13.53 11.28
CA MSE A 641 25.89 14.63 10.70
C MSE A 641 25.15 15.24 9.52
O MSE A 641 24.82 14.52 8.55
CB MSE A 641 27.29 14.20 10.26
CG MSE A 641 28.06 15.37 9.62
SE MSE A 641 29.97 15.23 9.45
CE MSE A 641 29.93 16.27 7.80
N ILE A 642 24.91 16.54 9.59
CA ILE A 642 24.20 17.23 8.51
C ILE A 642 25.19 18.12 7.75
N GLN A 643 25.20 18.00 6.43
CA GLN A 643 26.02 18.85 5.55
C GLN A 643 25.09 19.77 4.79
N ALA A 644 25.42 21.06 4.74
CA ALA A 644 24.61 22.02 4.00
C ALA A 644 25.42 23.25 3.64
N GLY A 645 24.78 24.19 2.93
CA GLY A 645 25.43 25.39 2.44
C GLY A 645 24.56 26.65 2.44
N LEU A 646 25.10 27.71 3.02
CA LEU A 646 24.43 29.00 3.01
C LEU A 646 23.76 29.29 1.66
N HIS A 647 24.54 29.20 0.57
CA HIS A 647 24.06 29.51 -0.79
C HIS A 647 23.85 28.32 -1.70
N ASP A 648 23.72 27.14 -1.11
CA ASP A 648 23.61 25.96 -1.89
C ASP A 648 22.19 25.90 -2.41
N PRO A 649 22.01 25.54 -3.69
CA PRO A 649 20.66 25.57 -4.24
C PRO A 649 19.94 24.21 -4.04
N ARG A 650 20.66 23.18 -3.59
CA ARG A 650 20.02 21.89 -3.39
C ARG A 650 18.99 21.89 -2.26
N VAL A 651 19.16 22.75 -1.26
CA VAL A 651 18.13 22.95 -0.25
C VAL A 651 18.41 24.25 0.39
N ALA A 652 17.34 24.96 0.74
CA ALA A 652 17.46 26.24 1.43
C ALA A 652 18.22 25.94 2.72
N TYR A 653 19.21 26.76 3.09
CA TYR A 653 20.08 26.46 4.27
C TYR A 653 19.23 26.30 5.55
N TRP A 654 18.14 27.05 5.65
CA TRP A 654 17.41 27.09 6.91
C TRP A 654 16.75 25.76 7.30
N GLU A 655 16.44 24.91 6.32
CA GLU A 655 15.78 23.65 6.62
C GLU A 655 16.66 22.81 7.53
N PRO A 656 17.89 22.47 7.08
CA PRO A 656 18.70 21.65 7.97
C PRO A 656 19.02 22.38 9.27
N ALA A 657 19.13 23.71 9.21
CA ALA A 657 19.38 24.45 10.45
C ALA A 657 18.21 24.38 11.43
N LYS A 658 16.97 24.52 10.92
CA LYS A 658 15.81 24.37 11.81
C LYS A 658 15.77 22.97 12.39
N TRP A 659 15.93 21.96 11.53
CA TRP A 659 15.89 20.58 11.93
C TRP A 659 16.90 20.25 13.00
N ALA A 660 18.13 20.74 12.89
CA ALA A 660 19.16 20.40 13.89
C ALA A 660 18.84 21.04 15.23
N SER A 661 18.40 22.31 15.20
CA SER A 661 18.02 22.99 16.41
C SER A 661 16.89 22.25 17.13
N LYS A 662 15.86 21.88 16.39
CA LYS A 662 14.73 21.16 16.96
C LYS A 662 15.11 19.82 17.54
N LEU A 663 16.00 19.09 16.83
CA LEU A 663 16.44 17.76 17.29
C LEU A 663 17.12 17.92 18.64
N ARG A 664 17.95 18.93 18.75
CA ARG A 664 18.72 19.07 19.96
C ARG A 664 17.82 19.47 21.10
N GLU A 665 16.71 20.13 20.77
CA GLU A 665 15.87 20.71 21.81
C GLU A 665 14.98 19.64 22.45
N LEU A 666 14.65 18.60 21.67
CA LEU A 666 13.68 17.61 22.12
C LEU A 666 14.29 16.22 22.35
N LYS A 667 15.38 15.89 21.66
CA LYS A 667 15.93 14.56 21.78
C LYS A 667 16.34 14.21 23.23
N THR A 668 16.09 12.95 23.62
CA THR A 668 16.31 12.48 24.99
C THR A 668 17.63 11.73 25.21
N ASP A 669 18.42 11.59 24.15
CA ASP A 669 19.67 10.82 24.13
C ASP A 669 20.84 11.79 24.29
N SER A 670 22.05 11.23 24.45
CA SER A 670 23.19 12.12 24.58
C SER A 670 24.22 11.94 23.44
N ASN A 671 23.74 11.50 22.30
CA ASN A 671 24.54 11.45 21.10
C ASN A 671 24.71 12.87 20.51
N GLU A 672 25.50 12.98 19.47
CA GLU A 672 25.77 14.30 18.92
C GLU A 672 25.08 14.50 17.57
N VAL A 673 24.60 15.71 17.35
CA VAL A 673 24.09 16.10 16.07
C VAL A 673 25.03 17.17 15.58
N LEU A 674 25.73 16.92 14.49
CA LEU A 674 26.62 17.96 13.95
C LEU A 674 26.03 18.58 12.71
N LEU A 675 26.22 19.89 12.56
CA LEU A 675 25.81 20.60 11.37
C LEU A 675 27.03 21.25 10.73
N LYS A 676 27.52 20.66 9.65
CA LYS A 676 28.60 21.26 8.89
C LYS A 676 28.04 22.21 7.83
N MSE A 677 28.19 23.51 8.06
CA MSE A 677 27.51 24.50 7.23
C MSE A 677 28.55 25.35 6.50
O MSE A 677 29.36 26.08 7.12
CB MSE A 677 26.57 25.34 8.10
CG MSE A 677 25.94 26.56 7.44
SE MSE A 677 24.46 26.15 6.22
CE MSE A 677 23.11 25.64 7.53
N ASP A 678 28.54 25.26 5.17
CA ASP A 678 29.43 26.06 4.37
C ASP A 678 28.97 27.52 4.39
N LEU A 679 29.76 28.38 5.02
CA LEU A 679 29.46 29.81 4.98
C LEU A 679 30.17 30.56 3.85
N GLU A 680 31.26 30.01 3.31
CA GLU A 680 32.13 30.78 2.41
C GLU A 680 31.71 30.76 0.94
N SER A 681 31.29 29.61 0.42
CA SER A 681 30.81 29.54 -0.97
C SER A 681 29.74 30.60 -1.22
N GLY A 682 29.79 31.23 -2.38
CA GLY A 682 28.85 32.27 -2.70
C GLY A 682 27.74 31.84 -3.65
N HIS A 683 26.84 32.78 -3.89
CA HIS A 683 25.73 32.65 -4.84
C HIS A 683 26.10 31.98 -6.19
N PHE A 684 27.19 32.46 -6.82
CA PHE A 684 27.71 31.93 -8.07
C PHE A 684 28.84 30.89 -7.94
N SER A 685 29.27 30.54 -6.73
CA SER A 685 30.39 29.58 -6.58
C SER A 685 30.07 28.29 -7.31
N ALA A 686 31.06 27.80 -8.04
CA ALA A 686 30.94 26.54 -8.76
C ALA A 686 31.43 25.39 -7.87
N SER A 687 30.64 24.32 -7.81
CA SER A 687 30.98 23.04 -7.12
C SER A 687 32.49 22.76 -6.86
N ASP A 688 33.16 22.09 -7.83
CA ASP A 688 34.65 21.95 -7.95
C ASP A 688 35.31 20.59 -7.67
N ARG A 689 34.55 19.66 -7.07
CA ARG A 689 34.86 18.21 -7.05
C ARG A 689 35.91 17.73 -6.02
N TYR A 690 37.06 18.38 -5.95
CA TYR A 690 37.92 18.18 -4.80
C TYR A 690 37.17 18.60 -3.55
N LYS A 691 36.20 19.50 -3.72
CA LYS A 691 35.42 20.00 -2.60
C LYS A 691 34.45 18.91 -2.12
N TYR A 692 33.73 18.29 -3.05
CA TYR A 692 32.82 17.19 -2.73
C TYR A 692 33.51 16.01 -2.05
N LEU A 693 34.73 15.71 -2.46
CA LEU A 693 35.52 14.67 -1.88
C LEU A 693 35.96 15.05 -0.47
N ARG A 694 36.19 16.32 -0.21
CA ARG A 694 36.51 16.76 1.15
C ARG A 694 35.31 16.62 2.11
N GLU A 695 34.11 16.86 1.60
CA GLU A 695 32.89 16.72 2.39
C GLU A 695 32.52 15.27 2.66
N ASN A 696 32.69 14.44 1.64
CA ASN A 696 32.49 13.02 1.70
C ASN A 696 33.37 12.44 2.81
N ALA A 697 34.62 12.88 2.82
CA ALA A 697 35.65 12.34 3.67
C ALA A 697 35.38 12.58 5.15
N ILE A 698 34.93 13.77 5.51
CA ILE A 698 34.67 14.06 6.90
C ILE A 698 33.42 13.32 7.42
N GLN A 699 32.39 13.21 6.60
CA GLN A 699 31.22 12.42 6.94
C GLN A 699 31.56 10.94 7.14
N GLN A 700 32.40 10.39 6.24
CA GLN A 700 32.79 8.99 6.30
C GLN A 700 33.62 8.76 7.54
N ALA A 701 34.50 9.71 7.86
CA ALA A 701 35.28 9.63 9.10
C ALA A 701 34.35 9.58 10.31
N PHE A 702 33.32 10.43 10.32
CA PHE A 702 32.27 10.42 11.35
C PHE A 702 31.62 9.04 11.55
N VAL A 703 31.09 8.48 10.46
CA VAL A 703 30.50 7.17 10.51
C VAL A 703 31.49 6.15 11.07
N LEU A 704 32.72 6.14 10.53
CA LEU A 704 33.74 5.15 10.89
C LEU A 704 34.17 5.23 12.34
N LYS A 705 34.41 6.45 12.85
CA LYS A 705 34.58 6.66 14.30
C LYS A 705 33.46 6.03 15.14
N HIS A 706 32.22 6.34 14.80
CA HIS A 706 31.08 5.92 15.61
C HIS A 706 30.80 4.42 15.58
N LEU A 707 31.14 3.79 14.46
CA LEU A 707 31.00 2.35 14.30
C LEU A 707 32.23 1.62 14.78
N ASN A 708 33.31 2.35 15.06
CA ASN A 708 34.55 1.77 15.56
C ASN A 708 35.33 0.93 14.59
N VAL A 709 35.42 1.42 13.36
CA VAL A 709 36.12 0.70 12.32
C VAL A 709 37.07 1.67 11.58
N ARG A 710 37.87 2.39 12.38
CA ARG A 710 38.85 3.34 11.85
C ARG A 710 39.92 2.73 10.95
N GLN A 711 40.42 1.54 11.29
CA GLN A 711 41.57 1.00 10.59
C GLN A 711 41.26 0.18 9.33
N LEU A 712 42.14 0.28 8.32
CA LEU A 712 42.09 -0.55 7.13
C LEU A 712 42.22 -2.03 7.48
N LEU A 713 41.56 -2.89 6.68
CA LEU A 713 41.63 -4.36 6.83
C LEU A 713 42.88 -4.98 6.24
N ARG A 714 43.36 -4.46 5.11
CA ARG A 714 44.51 -5.04 4.38
C ARG A 714 45.71 -4.10 4.34
N LYS A 715 46.85 -4.54 4.55
N THR B 3 -20.63 33.34 20.49
CA THR B 3 -19.67 32.16 20.55
C THR B 3 -19.91 31.24 21.79
N GLU B 4 -21.08 30.59 21.83
CA GLU B 4 -21.43 29.64 22.90
C GLU B 4 -20.73 28.27 22.72
N ARG B 5 -19.43 28.22 23.01
CA ARG B 5 -18.65 26.98 22.91
C ARG B 5 -19.13 25.95 23.93
N GLY B 6 -18.97 24.67 23.63
CA GLY B 6 -19.28 23.64 24.60
C GLY B 6 -18.14 23.45 25.59
N PRO B 7 -18.25 22.44 26.47
CA PRO B 7 -17.31 22.19 27.57
C PRO B 7 -15.88 21.86 27.11
N ILE B 8 -14.90 22.46 27.80
CA ILE B 8 -13.49 22.21 27.60
C ILE B 8 -12.90 21.95 28.98
N ALA B 9 -12.42 20.73 29.20
CA ALA B 9 -11.88 20.30 30.49
C ALA B 9 -10.55 20.98 30.76
N ALA B 10 -10.31 21.37 32.01
CA ALA B 10 -9.02 21.95 32.33
C ALA B 10 -7.87 20.93 32.21
N HIS B 11 -6.67 21.46 31.98
CA HIS B 11 -5.45 20.66 31.89
C HIS B 11 -4.84 20.36 33.25
N ARG B 12 -4.49 19.10 33.48
CA ARG B 12 -3.68 18.68 34.64
C ARG B 12 -2.49 17.85 34.17
N PRO B 13 -1.26 18.36 34.42
CA PRO B 13 -0.07 17.74 33.83
C PRO B 13 0.07 16.28 34.26
N HIS B 14 0.43 15.42 33.31
CA HIS B 14 0.54 14.00 33.57
C HIS B 14 1.32 13.36 32.44
N GLU B 15 2.21 12.43 32.76
CA GLU B 15 2.95 11.76 31.68
C GLU B 15 2.68 10.26 31.56
N VAL B 16 2.47 9.83 30.33
CA VAL B 16 2.25 8.43 30.11
C VAL B 16 3.47 7.82 29.49
N VAL B 17 3.82 6.64 30.01
CA VAL B 17 5.07 5.95 29.72
C VAL B 17 4.79 4.92 28.65
N PHE B 18 5.65 4.85 27.65
CA PHE B 18 5.56 3.90 26.55
C PHE B 18 6.82 3.06 26.52
N GLY B 19 6.68 1.76 26.79
CA GLY B 19 7.82 0.86 26.76
C GLY B 19 7.93 0.10 28.07
N LYS B 20 9.15 -0.23 28.49
CA LYS B 20 9.34 -1.07 29.67
C LYS B 20 9.04 -0.34 31.01
N VAL B 21 8.15 -0.94 31.80
CA VAL B 21 7.85 -0.53 33.18
C VAL B 21 7.90 -1.75 34.15
N GLU B 22 8.81 -1.71 35.12
CA GLU B 22 8.93 -2.82 36.07
C GLU B 22 7.59 -3.11 36.74
N GLY B 23 7.21 -4.38 36.73
CA GLY B 23 6.00 -4.85 37.40
C GLY B 23 4.79 -4.96 36.49
N GLU B 24 4.95 -4.56 35.22
CA GLU B 24 3.83 -4.57 34.27
C GLU B 24 4.17 -5.44 33.07
N ASP B 25 3.18 -6.08 32.47
CA ASP B 25 3.43 -6.81 31.25
C ASP B 25 3.11 -5.87 30.09
N ARG B 26 4.13 -5.23 29.54
CA ARG B 26 3.98 -4.41 28.32
C ARG B 26 4.33 -5.20 27.08
N GLY B 27 4.29 -6.52 27.18
CA GLY B 27 4.57 -7.39 26.06
C GLY B 27 5.96 -7.96 26.08
N ALA B 28 6.29 -8.69 25.05
CA ALA B 28 7.52 -9.46 25.00
C ALA B 28 8.76 -8.64 24.63
N ASN B 29 8.56 -7.47 24.00
CA ASN B 29 9.70 -6.62 23.57
C ASN B 29 9.49 -5.09 23.74
N PRO B 30 9.44 -4.62 24.98
CA PRO B 30 9.10 -3.20 25.20
C PRO B 30 10.30 -2.27 25.12
N MSE B 31 10.11 -1.06 24.58
CA MSE B 31 11.23 -0.11 24.45
C MSE B 31 11.92 0.09 25.80
O MSE B 31 11.25 0.15 26.83
CB MSE B 31 10.74 1.24 23.90
CG MSE B 31 10.12 1.10 22.55
SE MSE B 31 9.50 2.78 21.81
CE MSE B 31 7.90 3.04 22.88
N ASP B 32 13.25 0.19 25.79
CA ASP B 32 14.04 0.34 27.01
C ASP B 32 15.34 1.07 26.64
N PRO B 33 15.50 2.34 27.05
CA PRO B 33 14.60 3.07 27.95
C PRO B 33 13.28 3.49 27.28
N PRO B 34 12.20 3.62 28.07
CA PRO B 34 10.89 3.96 27.55
C PRO B 34 10.80 5.41 27.13
N ARG B 35 9.72 5.75 26.42
CA ARG B 35 9.35 7.13 26.03
C ARG B 35 8.23 7.69 26.91
N ARG B 36 8.20 9.01 27.05
CA ARG B 36 7.21 9.66 27.91
C ARG B 36 6.58 10.79 27.13
N ARG B 37 5.25 10.89 27.21
CA ARG B 37 4.49 12.03 26.69
C ARG B 37 3.48 12.60 27.70
N VAL B 38 3.23 13.91 27.62
CA VAL B 38 2.19 14.54 28.47
C VAL B 38 0.78 14.25 27.93
N ASP B 39 -0.13 13.88 28.82
CA ASP B 39 -1.55 13.77 28.50
C ASP B 39 -2.25 14.62 29.54
N PRO B 40 -2.60 15.87 29.18
CA PRO B 40 -3.14 16.82 30.16
C PRO B 40 -4.59 16.50 30.56
N LEU B 41 -5.16 15.46 29.94
CA LEU B 41 -6.53 15.06 30.26
C LEU B 41 -6.58 13.65 30.79
N PHE B 42 -5.48 13.18 31.35
CA PHE B 42 -5.46 11.82 31.84
C PHE B 42 -6.46 11.63 32.99
N TRP B 43 -6.65 12.69 33.81
CA TRP B 43 -7.53 12.71 34.94
C TRP B 43 -9.00 12.46 34.65
N LEU B 44 -9.42 12.59 33.38
CA LEU B 44 -10.81 12.28 33.07
C LEU B 44 -11.09 10.80 33.27
N ARG B 45 -10.05 10.01 33.41
CA ARG B 45 -10.24 8.59 33.63
C ARG B 45 -10.32 8.31 35.13
N ASP B 46 -11.40 7.64 35.57
CA ASP B 46 -11.51 7.03 36.91
C ASP B 46 -12.07 5.65 36.71
N ASP B 47 -11.27 4.63 36.99
CA ASP B 47 -11.73 3.23 36.86
C ASP B 47 -13.02 3.00 37.68
N ASN B 48 -13.25 3.80 38.71
CA ASN B 48 -14.41 3.58 39.57
C ASN B 48 -15.68 4.19 39.00
N ARG B 49 -15.52 4.97 37.93
CA ARG B 49 -16.55 5.83 37.35
C ARG B 49 -17.30 6.62 38.43
N ALA B 50 -16.63 7.13 39.44
CA ALA B 50 -17.36 7.87 40.46
C ALA B 50 -16.73 9.18 40.89
N ASP B 51 -15.52 9.51 40.44
CA ASP B 51 -14.85 10.74 40.89
C ASP B 51 -15.77 11.96 40.81
N PRO B 52 -15.87 12.77 41.88
CA PRO B 52 -16.80 13.91 41.79
C PRO B 52 -16.41 14.96 40.74
N GLU B 53 -15.12 15.18 40.50
CA GLU B 53 -14.72 16.19 39.52
C GLU B 53 -14.94 15.71 38.10
N VAL B 54 -14.69 14.41 37.86
CA VAL B 54 -15.05 13.78 36.57
C VAL B 54 -16.56 13.86 36.32
N LEU B 55 -17.36 13.49 37.32
CA LEU B 55 -18.80 13.55 37.13
C LEU B 55 -19.32 14.98 36.93
N ALA B 56 -18.81 15.93 37.70
CA ALA B 56 -19.14 17.33 37.46
C ALA B 56 -18.84 17.76 36.01
N HIS B 57 -17.70 17.35 35.46
CA HIS B 57 -17.41 17.64 34.05
C HIS B 57 -18.43 16.96 33.12
N LEU B 58 -18.72 15.69 33.38
CA LEU B 58 -19.70 14.98 32.57
C LEU B 58 -21.08 15.64 32.63
N HIS B 59 -21.45 16.18 33.79
CA HIS B 59 -22.74 16.84 33.85
C HIS B 59 -22.75 18.12 33.00
N LEU B 60 -21.59 18.79 32.88
CA LEU B 60 -21.50 19.92 31.93
C LEU B 60 -21.77 19.47 30.50
N GLU B 61 -21.34 18.24 30.21
CA GLU B 61 -21.45 17.69 28.87
C GLU B 61 -22.94 17.36 28.62
N LYS B 62 -23.61 16.82 29.65
CA LYS B 62 -25.08 16.67 29.68
C LYS B 62 -25.90 17.96 29.44
N ASP B 63 -25.58 19.03 30.19
CA ASP B 63 -26.34 20.29 30.07
C ASP B 63 -26.22 20.85 28.68
N TYR B 64 -25.03 20.77 28.12
CA TYR B 64 -24.77 21.32 26.80
C TYR B 64 -25.48 20.51 25.74
N TYR B 65 -25.41 19.19 25.87
CA TYR B 65 -26.08 18.31 24.95
C TYR B 65 -27.56 18.66 24.90
N GLU B 66 -28.19 18.81 26.09
CA GLU B 66 -29.63 19.11 26.23
C GLU B 66 -30.01 20.46 25.62
N LYS B 67 -29.27 21.50 25.98
CA LYS B 67 -29.43 22.83 25.40
C LYS B 67 -29.44 22.74 23.89
N ARG B 68 -28.68 21.79 23.34
CA ARG B 68 -28.26 21.75 21.95
C ARG B 68 -29.16 20.87 21.06
N ALA B 69 -29.75 19.85 21.68
CA ALA B 69 -30.56 18.85 21.00
C ALA B 69 -32.07 19.14 21.09
N VAL B 70 -32.41 20.33 21.58
CA VAL B 70 -33.80 20.77 21.77
C VAL B 70 -34.63 20.63 20.50
N ASP B 71 -34.08 21.09 19.37
CA ASP B 71 -34.84 21.13 18.14
C ASP B 71 -34.77 19.85 17.37
N ILE B 72 -34.29 18.77 17.98
CA ILE B 72 -34.37 17.46 17.32
C ILE B 72 -35.10 16.39 18.16
N LYS B 73 -35.58 16.76 19.36
CA LYS B 73 -36.20 15.77 20.22
C LYS B 73 -37.48 15.16 19.59
N ASP B 74 -38.24 15.98 18.87
CA ASP B 74 -39.51 15.52 18.27
C ASP B 74 -39.28 14.58 17.10
N LEU B 75 -38.39 15.00 16.22
CA LEU B 75 -37.98 14.17 15.13
C LEU B 75 -37.37 12.83 15.63
N ALA B 76 -36.63 12.84 16.74
CA ALA B 76 -36.13 11.57 17.31
C ALA B 76 -37.30 10.65 17.68
N GLU B 77 -38.31 11.25 18.31
CA GLU B 77 -39.54 10.54 18.68
C GLU B 77 -40.21 9.93 17.44
N THR B 78 -40.45 10.76 16.42
CA THR B 78 -41.02 10.31 15.17
C THR B 78 -40.24 9.11 14.62
N ILE B 79 -38.91 9.23 14.58
CA ILE B 79 -38.03 8.18 14.02
C ILE B 79 -38.12 6.92 14.87
N TYR B 80 -38.07 7.08 16.19
CA TYR B 80 -38.21 5.93 17.08
C TYR B 80 -39.43 5.11 16.69
N GLN B 81 -40.58 5.79 16.56
CA GLN B 81 -41.85 5.16 16.17
C GLN B 81 -41.79 4.44 14.81
N GLU B 82 -41.05 4.99 13.85
CA GLU B 82 -40.79 4.33 12.56
C GLU B 82 -40.11 2.97 12.80
N HIS B 83 -39.02 2.97 13.56
CA HIS B 83 -38.30 1.75 13.90
C HIS B 83 -39.23 0.69 14.52
N ILE B 84 -40.04 1.12 15.49
CA ILE B 84 -40.96 0.25 16.18
C ILE B 84 -41.95 -0.39 15.20
N SER B 85 -42.45 0.41 14.25
CA SER B 85 -43.37 -0.10 13.22
C SER B 85 -42.72 -1.20 12.37
N HIS B 86 -41.40 -1.25 12.37
CA HIS B 86 -40.64 -2.19 11.54
C HIS B 86 -40.50 -3.56 12.17
N ILE B 87 -40.95 -3.69 13.41
CA ILE B 87 -40.79 -4.94 14.17
C ILE B 87 -42.06 -5.78 14.16
N GLU B 88 -41.91 -7.06 13.83
CA GLU B 88 -43.02 -7.98 13.86
C GLU B 88 -42.98 -8.75 15.17
N GLU B 89 -43.86 -8.39 16.10
CA GLU B 89 -43.81 -9.04 17.42
C GLU B 89 -44.48 -10.42 17.38
N THR B 90 -45.51 -10.55 16.54
CA THR B 90 -46.06 -11.85 16.19
C THR B 90 -45.42 -12.31 14.88
N ASP B 91 -44.94 -13.55 14.86
CA ASP B 91 -44.23 -14.07 13.69
C ASP B 91 -44.14 -15.60 13.70
N MSE B 92 -43.89 -16.17 12.52
CA MSE B 92 -43.62 -17.59 12.33
C MSE B 92 -42.43 -17.71 11.38
O MSE B 92 -42.35 -16.96 10.40
CB MSE B 92 -44.83 -18.28 11.69
CG MSE B 92 -44.88 -19.78 11.92
SE MSE B 92 -46.16 -20.79 10.83
CE MSE B 92 -47.71 -19.57 10.79
N SER B 93 -41.50 -18.65 11.66
CA SER B 93 -40.33 -18.85 10.79
C SER B 93 -40.63 -19.76 9.60
N ALA B 94 -39.62 -19.95 8.76
CA ALA B 94 -39.77 -20.72 7.52
C ALA B 94 -39.82 -22.19 7.88
N PRO B 95 -40.99 -22.82 7.76
CA PRO B 95 -41.08 -24.23 8.13
C PRO B 95 -40.31 -25.15 7.17
N TYR B 96 -39.79 -26.25 7.68
CA TYR B 96 -39.02 -27.20 6.86
C TYR B 96 -39.39 -28.62 7.22
N VAL B 97 -39.23 -29.52 6.25
CA VAL B 97 -39.47 -30.94 6.41
C VAL B 97 -38.42 -31.54 7.36
N TYR B 98 -38.86 -32.37 8.30
CA TYR B 98 -37.96 -33.20 9.11
C TYR B 98 -38.66 -34.52 9.34
N ASP B 99 -38.26 -35.56 8.61
CA ASP B 99 -39.05 -36.81 8.56
C ASP B 99 -40.57 -36.51 8.34
N ARG B 100 -41.43 -37.08 9.18
CA ARG B 100 -42.90 -37.00 9.09
C ARG B 100 -43.51 -35.63 9.50
N PHE B 101 -42.69 -34.65 9.84
CA PHE B 101 -43.21 -33.39 10.37
C PHE B 101 -42.75 -32.17 9.59
N LEU B 102 -43.46 -31.07 9.77
CA LEU B 102 -42.96 -29.75 9.38
C LEU B 102 -42.64 -28.99 10.66
N TYR B 103 -41.39 -28.53 10.81
CA TYR B 103 -40.92 -27.80 11.99
C TYR B 103 -40.69 -26.33 11.73
N TYR B 104 -40.80 -25.57 12.81
CA TYR B 104 -40.80 -24.13 12.77
C TYR B 104 -40.91 -23.53 14.16
N THR B 105 -40.74 -22.21 14.22
CA THR B 105 -40.67 -21.45 15.46
C THR B 105 -41.72 -20.35 15.40
N ARG B 106 -42.25 -19.93 16.54
CA ARG B 106 -43.16 -18.76 16.54
C ARG B 106 -42.81 -17.74 17.59
N ASP B 107 -43.12 -16.48 17.32
CA ASP B 107 -42.96 -15.39 18.29
C ASP B 107 -44.33 -14.83 18.65
N VAL B 108 -44.54 -14.53 19.92
CA VAL B 108 -45.86 -14.15 20.36
C VAL B 108 -45.80 -12.76 20.96
N LYS B 109 -46.78 -11.93 20.63
CA LYS B 109 -46.71 -10.49 20.96
C LYS B 109 -46.21 -10.19 22.37
N GLY B 110 -46.86 -10.72 23.39
CA GLY B 110 -46.50 -10.27 24.74
C GLY B 110 -45.35 -10.96 25.45
N LEU B 111 -44.51 -11.67 24.69
CA LEU B 111 -43.58 -12.62 25.31
C LEU B 111 -42.21 -12.44 24.72
N SER B 112 -41.19 -12.80 25.49
CA SER B 112 -39.79 -12.56 25.07
C SER B 112 -39.11 -13.75 24.40
N TYR B 113 -39.57 -14.97 24.70
CA TYR B 113 -38.91 -16.18 24.23
C TYR B 113 -39.77 -16.84 23.18
N LYS B 114 -39.17 -17.55 22.24
CA LYS B 114 -39.93 -18.21 21.17
C LYS B 114 -40.54 -19.54 21.59
N LEU B 115 -41.37 -20.07 20.69
CA LEU B 115 -41.98 -21.38 20.81
C LEU B 115 -41.46 -22.29 19.69
N HIS B 116 -40.97 -23.48 20.03
CA HIS B 116 -40.59 -24.42 18.98
C HIS B 116 -41.77 -25.32 18.70
N CYS B 117 -42.23 -25.30 17.46
CA CYS B 117 -43.48 -25.94 17.10
C CYS B 117 -43.25 -26.91 15.96
N ARG B 118 -44.32 -27.55 15.54
CA ARG B 118 -44.23 -28.64 14.61
C ARG B 118 -45.66 -28.98 14.19
N VAL B 119 -45.85 -29.27 12.91
CA VAL B 119 -47.16 -29.69 12.44
C VAL B 119 -46.96 -30.99 11.69
N PRO B 120 -47.96 -31.90 11.69
CA PRO B 120 -47.76 -33.13 10.90
C PRO B 120 -47.62 -32.85 9.40
N ALA B 121 -46.75 -33.62 8.77
CA ALA B 121 -46.39 -33.46 7.36
C ALA B 121 -47.47 -32.93 6.37
N GLY B 122 -48.74 -33.35 6.51
CA GLY B 122 -49.75 -32.87 5.57
C GLY B 122 -50.65 -31.73 6.03
N LYS B 123 -50.18 -30.89 6.94
CA LYS B 123 -51.05 -29.85 7.51
C LYS B 123 -50.44 -28.46 7.41
N THR B 124 -51.25 -27.43 7.66
CA THR B 124 -50.73 -26.07 7.60
C THR B 124 -49.99 -25.70 8.91
N PRO B 125 -48.71 -25.28 8.80
CA PRO B 125 -47.96 -24.74 9.91
C PRO B 125 -48.72 -23.54 10.50
N GLY B 126 -48.79 -23.47 11.82
CA GLY B 126 -49.48 -22.38 12.47
C GLY B 126 -50.24 -22.78 13.72
N GLU B 127 -50.63 -21.77 14.50
CA GLU B 127 -51.39 -22.01 15.71
C GLU B 127 -52.68 -22.77 15.40
N GLY B 128 -53.09 -23.67 16.31
CA GLY B 128 -54.29 -24.49 16.11
C GLY B 128 -54.14 -25.97 16.40
N GLU B 129 -55.24 -26.70 16.18
CA GLU B 129 -55.40 -28.12 16.53
C GLU B 129 -54.35 -29.08 15.96
N ASP B 130 -53.78 -28.75 14.80
CA ASP B 130 -52.70 -29.57 14.23
C ASP B 130 -51.35 -29.33 14.93
N GLU B 131 -51.18 -28.12 15.48
CA GLU B 131 -49.90 -27.70 16.05
C GLU B 131 -49.60 -28.37 17.39
N GLU B 132 -48.38 -28.87 17.49
CA GLU B 132 -47.83 -29.43 18.71
C GLU B 132 -46.71 -28.51 19.18
N ILE B 133 -46.89 -27.87 20.33
CA ILE B 133 -45.84 -27.05 20.91
C ILE B 133 -44.76 -27.98 21.52
N VAL B 134 -43.68 -28.20 20.78
CA VAL B 134 -42.56 -29.04 21.21
C VAL B 134 -41.81 -28.47 22.43
N LEU B 135 -41.48 -27.18 22.42
CA LEU B 135 -40.93 -26.49 23.59
C LEU B 135 -41.34 -25.00 23.63
N ASP B 136 -41.87 -24.57 24.78
CA ASP B 136 -42.19 -23.17 25.00
C ASP B 136 -41.16 -22.58 25.95
N GLU B 137 -40.16 -21.90 25.38
CA GLU B 137 -39.04 -21.34 26.16
C GLU B 137 -39.50 -20.40 27.28
N ASN B 138 -40.69 -19.79 27.11
CA ASN B 138 -41.22 -18.87 28.11
C ASN B 138 -41.50 -19.58 29.41
N LYS B 139 -41.86 -20.86 29.36
CA LYS B 139 -42.07 -21.56 30.61
C LYS B 139 -40.78 -22.03 31.24
N LEU B 140 -39.79 -22.35 30.42
CA LEU B 140 -38.45 -22.57 30.94
C LEU B 140 -37.94 -21.34 31.72
N ALA B 141 -38.07 -20.15 31.11
CA ALA B 141 -37.58 -18.89 31.66
C ALA B 141 -38.37 -18.38 32.85
N GLU B 142 -39.64 -18.76 32.91
CA GLU B 142 -40.57 -18.39 33.98
C GLU B 142 -39.90 -18.27 35.34
N GLY B 143 -39.80 -17.04 35.84
CA GLY B 143 -39.32 -16.75 37.22
C GLY B 143 -37.82 -16.90 37.39
N LYS B 144 -37.10 -16.72 36.28
CA LYS B 144 -35.64 -16.85 36.22
C LYS B 144 -34.99 -15.55 35.75
N SER B 145 -33.79 -15.26 36.25
CA SER B 145 -33.07 -14.05 35.85
C SER B 145 -32.38 -14.26 34.51
N PHE B 146 -31.92 -15.48 34.26
CA PHE B 146 -31.22 -15.82 33.02
C PHE B 146 -31.70 -17.13 32.41
N CYS B 147 -31.95 -17.14 31.12
CA CYS B 147 -32.31 -18.39 30.45
C CYS B 147 -31.93 -18.36 28.99
N VAL B 148 -31.15 -19.34 28.57
CA VAL B 148 -30.74 -19.51 27.18
C VAL B 148 -30.78 -20.99 26.81
N VAL B 149 -31.33 -21.29 25.65
CA VAL B 149 -31.50 -22.65 25.17
C VAL B 149 -30.43 -22.91 24.11
N GLY B 150 -29.62 -23.92 24.33
CA GLY B 150 -28.52 -24.20 23.46
C GLY B 150 -29.10 -24.65 22.14
N CYS B 151 -29.71 -25.84 22.14
CA CYS B 151 -30.39 -26.29 20.96
C CYS B 151 -31.59 -27.12 21.35
N VAL B 152 -32.46 -27.38 20.39
CA VAL B 152 -33.57 -28.26 20.59
C VAL B 152 -33.43 -29.37 19.57
N ALA B 153 -33.27 -30.61 20.03
CA ALA B 153 -32.92 -31.68 19.12
C ALA B 153 -33.81 -32.92 19.32
N PRO B 154 -34.82 -33.09 18.45
CA PRO B 154 -35.65 -34.29 18.38
C PRO B 154 -34.86 -35.47 17.81
N ALA B 155 -35.14 -36.68 18.30
CA ALA B 155 -34.37 -37.84 17.85
C ALA B 155 -34.92 -38.45 16.53
N PRO B 156 -34.16 -38.38 15.42
CA PRO B 156 -34.49 -38.91 14.09
C PRO B 156 -35.05 -40.35 14.06
N PRO B 157 -35.61 -40.74 12.89
CA PRO B 157 -36.88 -41.24 12.49
C PRO B 157 -38.06 -40.72 13.29
N GLU B 158 -38.12 -41.03 14.57
CA GLU B 158 -39.40 -41.03 15.25
C GLU B 158 -39.82 -39.72 15.92
N HIS B 159 -38.86 -38.98 16.45
CA HIS B 159 -39.12 -37.73 17.19
C HIS B 159 -40.07 -37.96 18.36
N ALA B 160 -40.00 -39.14 18.98
CA ALA B 160 -40.79 -39.36 20.17
C ALA B 160 -40.07 -38.70 21.37
N LEU B 161 -38.73 -38.72 21.35
CA LEU B 161 -37.92 -38.01 22.34
C LEU B 161 -37.37 -36.71 21.75
N VAL B 162 -37.46 -35.62 22.48
CA VAL B 162 -36.71 -34.46 22.09
C VAL B 162 -35.88 -33.88 23.21
N ALA B 163 -34.57 -33.85 22.99
CA ALA B 163 -33.59 -33.31 23.92
C ALA B 163 -33.48 -31.81 23.68
N TYR B 164 -33.23 -31.06 24.75
CA TYR B 164 -32.93 -29.63 24.67
C TYR B 164 -31.86 -29.30 25.71
N SER B 165 -31.05 -28.29 25.45
CA SER B 165 -30.05 -27.85 26.42
C SER B 165 -30.37 -26.45 26.96
N VAL B 166 -30.16 -26.23 28.24
CA VAL B 166 -30.49 -24.91 28.82
C VAL B 166 -29.40 -24.44 29.79
N ASP B 167 -29.18 -23.13 29.80
CA ASP B 167 -28.27 -22.53 30.76
C ASP B 167 -29.02 -21.48 31.56
N TYR B 168 -29.03 -21.64 32.87
CA TYR B 168 -29.70 -20.67 33.74
C TYR B 168 -28.70 -19.79 34.47
N CYS B 169 -27.40 -19.95 34.19
CA CYS B 169 -26.38 -19.29 35.01
C CYS B 169 -25.53 -18.24 34.31
N GLY B 170 -25.52 -18.27 32.98
CA GLY B 170 -24.75 -17.33 32.23
C GLY B 170 -23.29 -17.71 32.08
N ASP B 171 -22.96 -18.95 32.42
CA ASP B 171 -21.60 -19.43 32.41
C ASP B 171 -21.33 -20.24 31.16
N GLU B 172 -22.32 -20.34 30.29
CA GLU B 172 -22.18 -21.05 29.00
C GLU B 172 -21.96 -22.54 29.19
N VAL B 173 -22.38 -23.04 30.35
CA VAL B 173 -22.40 -24.46 30.63
C VAL B 173 -23.85 -24.88 30.66
N TYR B 174 -24.16 -25.89 29.86
CA TYR B 174 -25.54 -26.31 29.62
C TYR B 174 -25.83 -27.68 30.19
N SER B 175 -27.07 -27.91 30.60
CA SER B 175 -27.46 -29.29 30.82
C SER B 175 -28.45 -29.72 29.74
N ILE B 176 -28.42 -31.01 29.45
CA ILE B 176 -29.28 -31.58 28.44
C ILE B 176 -30.35 -32.37 29.15
N ARG B 177 -31.60 -32.05 28.85
CA ARG B 177 -32.79 -32.70 29.46
C ARG B 177 -33.75 -33.04 28.32
N PHE B 178 -34.92 -33.59 28.66
CA PHE B 178 -35.84 -34.06 27.66
C PHE B 178 -37.20 -33.48 27.78
N VAL B 179 -37.80 -33.13 26.64
CA VAL B 179 -39.16 -32.66 26.66
C VAL B 179 -40.05 -33.63 27.39
N ARG B 180 -41.00 -33.01 28.05
CA ARG B 180 -41.07 -33.08 29.47
C ARG B 180 -41.09 -34.46 30.14
N ASP B 181 -39.87 -34.84 30.49
CA ASP B 181 -39.55 -36.00 31.28
C ASP B 181 -40.03 -37.30 30.67
N VAL B 182 -40.08 -37.35 29.34
CA VAL B 182 -40.45 -38.62 28.67
C VAL B 182 -39.47 -39.71 29.15
N VAL B 183 -38.18 -39.37 29.16
CA VAL B 183 -37.14 -40.11 29.88
C VAL B 183 -36.50 -39.14 30.89
N ALA B 184 -36.01 -39.65 32.01
CA ALA B 184 -35.46 -38.81 33.09
C ALA B 184 -34.04 -38.28 32.85
N ASP B 185 -33.36 -38.84 31.85
CA ASP B 185 -31.94 -38.57 31.61
C ASP B 185 -31.56 -37.11 31.81
N LYS B 186 -30.53 -36.89 32.63
CA LYS B 186 -29.98 -35.56 32.78
C LYS B 186 -28.43 -35.54 32.69
N VAL B 187 -27.93 -34.93 31.62
CA VAL B 187 -26.52 -34.89 31.35
C VAL B 187 -26.02 -33.48 31.59
N GLU B 188 -25.02 -33.35 32.47
CA GLU B 188 -24.57 -32.05 33.03
C GLU B 188 -23.21 -31.59 32.45
N GLY B 189 -22.89 -30.29 32.53
CA GLY B 189 -21.56 -29.77 32.19
C GLY B 189 -21.20 -29.65 30.70
N THR B 190 -22.18 -29.43 29.83
CA THR B 190 -21.95 -29.52 28.41
C THR B 190 -21.90 -28.13 27.81
N ASN B 191 -21.44 -28.03 26.57
CA ASN B 191 -21.44 -26.77 25.83
C ASN B 191 -22.76 -26.48 25.12
N GLY B 192 -23.74 -27.34 25.34
CA GLY B 192 -25.09 -27.10 24.85
C GLY B 192 -25.50 -27.69 23.51
N SER B 193 -24.56 -28.24 22.76
CA SER B 193 -24.91 -28.91 21.51
C SER B 193 -25.30 -30.38 21.76
N VAL B 194 -26.19 -30.88 20.90
CA VAL B 194 -26.67 -32.25 20.96
C VAL B 194 -26.66 -32.85 19.54
N VAL B 195 -25.92 -33.94 19.36
CA VAL B 195 -25.96 -34.66 18.09
C VAL B 195 -26.47 -36.08 18.31
N TRP B 196 -27.57 -36.43 17.65
CA TRP B 196 -28.21 -37.72 17.87
C TRP B 196 -27.50 -38.87 17.18
N GLY B 197 -27.39 -39.99 17.89
CA GLY B 197 -26.98 -41.25 17.28
C GLY B 197 -28.17 -41.85 16.55
N PRO B 198 -28.00 -43.04 15.98
CA PRO B 198 -29.19 -43.56 15.26
C PRO B 198 -30.31 -44.07 16.21
N ASN B 199 -31.54 -43.89 15.77
CA ASN B 199 -32.73 -44.52 16.39
C ASN B 199 -32.95 -44.22 17.85
N ALA B 200 -32.64 -42.98 18.25
CA ALA B 200 -32.85 -42.49 19.61
C ALA B 200 -32.20 -43.34 20.73
N GLU B 201 -31.15 -44.08 20.37
CA GLU B 201 -30.48 -44.90 21.35
C GLU B 201 -29.41 -44.14 22.17
N CYS B 202 -28.86 -43.10 21.57
CA CYS B 202 -27.77 -42.38 22.16
C CYS B 202 -27.61 -41.00 21.55
N PHE B 203 -26.94 -40.11 22.28
CA PHE B 203 -26.50 -38.87 21.69
C PHE B 203 -25.08 -38.55 22.16
N PHE B 204 -24.43 -37.63 21.43
CA PHE B 204 -23.05 -37.21 21.64
C PHE B 204 -23.00 -35.75 22.07
N TYR B 205 -22.20 -35.47 23.10
CA TYR B 205 -22.09 -34.11 23.61
C TYR B 205 -20.65 -33.77 23.95
N ILE B 206 -20.42 -32.50 24.26
CA ILE B 206 -19.09 -31.98 24.50
C ILE B 206 -19.04 -31.33 25.89
N THR B 207 -18.01 -31.68 26.66
CA THR B 207 -17.68 -30.99 27.90
C THR B 207 -16.35 -30.19 27.82
N LYS B 208 -16.13 -29.34 28.82
CA LYS B 208 -15.04 -28.36 28.82
C LYS B 208 -14.02 -28.66 29.86
N ASP B 209 -12.74 -28.42 29.61
CA ASP B 209 -11.95 -28.34 30.86
C ASP B 209 -11.60 -26.88 31.29
N ALA B 210 -10.33 -26.50 31.43
CA ALA B 210 -10.06 -25.16 32.01
C ALA B 210 -10.39 -24.05 31.03
N SER B 211 -10.83 -22.92 31.59
CA SER B 211 -10.97 -21.66 30.86
C SER B 211 -12.07 -21.80 29.82
N LYS B 212 -12.99 -22.73 30.08
CA LYS B 212 -14.21 -22.89 29.25
C LYS B 212 -13.94 -23.44 27.85
N ARG B 213 -12.75 -23.97 27.63
CA ARG B 213 -12.38 -24.60 26.39
C ARG B 213 -13.05 -25.98 26.22
N ASP B 214 -13.74 -26.17 25.10
CA ASP B 214 -14.29 -27.46 24.73
C ASP B 214 -13.19 -28.48 24.47
N ASN B 215 -13.12 -29.51 25.30
CA ASN B 215 -12.00 -30.42 25.15
C ASN B 215 -12.32 -31.93 25.02
N LYS B 216 -13.55 -32.33 25.32
CA LYS B 216 -13.91 -33.74 25.28
C LYS B 216 -15.26 -33.98 24.57
N VAL B 217 -15.32 -35.08 23.79
CA VAL B 217 -16.53 -35.57 23.16
C VAL B 217 -16.91 -36.87 23.85
N TRP B 218 -18.20 -36.99 24.21
CA TRP B 218 -18.73 -38.14 24.92
C TRP B 218 -19.96 -38.73 24.20
N ARG B 219 -20.18 -40.03 24.46
CA ARG B 219 -21.43 -40.72 24.09
C ARG B 219 -22.32 -40.91 25.32
N HIS B 220 -23.55 -40.41 25.23
CA HIS B 220 -24.59 -40.79 26.21
C HIS B 220 -25.60 -41.76 25.62
N ILE B 221 -25.72 -42.91 26.27
CA ILE B 221 -26.69 -43.93 25.91
C ILE B 221 -27.94 -43.72 26.78
N ILE B 222 -29.05 -43.33 26.14
CA ILE B 222 -30.34 -43.14 26.83
C ILE B 222 -30.69 -44.25 27.84
N GLY B 223 -31.04 -43.86 29.06
CA GLY B 223 -31.37 -44.86 30.08
C GLY B 223 -30.24 -45.12 31.07
N GLN B 224 -29.01 -44.73 30.71
CA GLN B 224 -27.86 -44.95 31.57
C GLN B 224 -27.59 -43.69 32.38
N PRO B 225 -27.01 -43.83 33.58
CA PRO B 225 -26.54 -42.66 34.32
C PRO B 225 -25.37 -42.02 33.60
N GLN B 226 -25.21 -40.69 33.74
CA GLN B 226 -24.13 -39.97 33.05
C GLN B 226 -22.77 -40.57 33.38
N SER B 227 -22.62 -41.05 34.61
CA SER B 227 -21.37 -41.61 35.12
C SER B 227 -20.87 -42.79 34.28
N GLU B 228 -21.74 -43.33 33.43
CA GLU B 228 -21.35 -44.44 32.54
C GLU B 228 -21.02 -44.02 31.14
N ASP B 229 -21.20 -42.76 30.79
CA ASP B 229 -20.89 -42.28 29.43
C ASP B 229 -19.41 -42.54 29.06
N VAL B 230 -19.16 -42.83 27.79
CA VAL B 230 -17.80 -43.11 27.34
C VAL B 230 -17.24 -41.84 26.71
N CYS B 231 -16.01 -41.47 27.09
CA CYS B 231 -15.31 -40.38 26.44
C CYS B 231 -14.72 -40.91 25.16
N LEU B 232 -15.00 -40.24 24.06
CA LEU B 232 -14.61 -40.75 22.74
C LEU B 232 -13.32 -40.10 22.28
N TYR B 233 -12.99 -38.95 22.86
CA TYR B 233 -11.93 -38.11 22.33
C TYR B 233 -11.54 -37.03 23.31
N THR B 234 -10.23 -36.80 23.40
CA THR B 234 -9.73 -35.71 24.20
C THR B 234 -8.73 -34.86 23.41
N ASP B 235 -8.86 -33.54 23.48
CA ASP B 235 -7.75 -32.70 23.06
C ASP B 235 -7.46 -31.64 24.12
N ASP B 236 -6.36 -31.84 24.85
CA ASP B 236 -5.99 -30.86 25.86
C ASP B 236 -4.86 -29.91 25.47
N ASP B 237 -4.67 -29.72 24.18
CA ASP B 237 -3.80 -28.65 23.74
C ASP B 237 -4.60 -27.33 23.77
N PRO B 238 -4.21 -26.39 24.64
CA PRO B 238 -4.98 -25.12 24.86
C PRO B 238 -5.25 -24.27 23.61
N LEU B 239 -4.64 -24.60 22.48
CA LEU B 239 -4.92 -23.87 21.24
C LEU B 239 -6.14 -24.43 20.52
N PHE B 240 -6.49 -25.68 20.85
CA PHE B 240 -7.55 -26.43 20.16
C PHE B 240 -8.87 -26.59 20.92
N SER B 241 -9.95 -26.64 20.14
CA SER B 241 -11.34 -26.81 20.55
C SER B 241 -11.88 -28.02 19.86
N VAL B 242 -12.69 -28.80 20.54
CA VAL B 242 -13.22 -29.99 19.93
C VAL B 242 -14.63 -29.74 19.40
N GLY B 243 -15.02 -30.53 18.40
CA GLY B 243 -16.33 -30.44 17.81
C GLY B 243 -16.78 -31.82 17.38
N VAL B 244 -18.10 -31.98 17.23
CA VAL B 244 -18.69 -33.21 16.74
C VAL B 244 -19.88 -32.91 15.82
N GLY B 245 -20.06 -33.70 14.76
CA GLY B 245 -21.17 -33.53 13.81
C GLY B 245 -21.52 -34.89 13.23
N ARG B 246 -22.67 -34.98 12.56
CA ARG B 246 -23.18 -36.25 12.01
C ARG B 246 -23.11 -36.19 10.50
N SER B 247 -22.80 -37.29 9.83
CA SER B 247 -22.87 -37.30 8.36
C SER B 247 -24.33 -37.10 7.89
N GLY B 248 -24.51 -36.54 6.69
CA GLY B 248 -25.84 -36.32 6.17
C GLY B 248 -26.67 -37.57 5.98
N ASP B 249 -26.02 -38.71 5.74
CA ASP B 249 -26.76 -39.98 5.66
C ASP B 249 -26.97 -40.59 7.03
N GLY B 250 -26.39 -39.97 8.07
CA GLY B 250 -26.59 -40.45 9.45
C GLY B 250 -25.75 -41.64 9.91
N LYS B 251 -24.90 -42.17 9.03
CA LYS B 251 -24.11 -43.36 9.34
C LYS B 251 -22.71 -43.10 9.90
N THR B 252 -22.25 -41.86 9.79
CA THR B 252 -20.92 -41.54 10.24
C THR B 252 -20.91 -40.36 11.21
N LEU B 253 -20.15 -40.50 12.28
CA LEU B 253 -19.90 -39.38 13.17
C LEU B 253 -18.53 -38.75 12.86
N ILE B 254 -18.43 -37.43 12.92
CA ILE B 254 -17.19 -36.71 12.60
C ILE B 254 -16.78 -35.89 13.82
N ILE B 255 -15.59 -36.15 14.33
CA ILE B 255 -15.07 -35.48 15.50
C ILE B 255 -13.86 -34.70 15.03
N CYS B 256 -13.74 -33.44 15.47
CA CYS B 256 -12.65 -32.64 15.01
C CYS B 256 -12.03 -31.77 16.11
N SER B 257 -10.74 -31.45 15.93
CA SER B 257 -10.06 -30.43 16.71
C SER B 257 -9.81 -29.20 15.84
N MSE B 258 -10.07 -28.02 16.38
CA MSE B 258 -9.88 -26.78 15.62
C MSE B 258 -9.10 -25.74 16.38
O MSE B 258 -9.38 -25.48 17.57
CB MSE B 258 -11.21 -26.18 15.15
CG MSE B 258 -12.22 -27.22 14.72
SE MSE B 258 -14.10 -26.67 14.91
CE MSE B 258 -14.23 -26.48 16.87
N SER B 259 -8.10 -25.18 15.71
CA SER B 259 -7.39 -24.01 16.18
C SER B 259 -7.56 -22.88 15.16
N SER B 260 -7.09 -21.67 15.46
CA SER B 260 -7.17 -20.56 14.49
C SER B 260 -6.52 -20.90 13.14
N GLU B 261 -5.55 -21.80 13.13
CA GLU B 261 -4.89 -22.10 11.84
C GLU B 261 -4.63 -23.58 11.51
N THR B 262 -5.13 -24.47 12.35
CA THR B 262 -4.89 -25.92 12.22
C THR B 262 -6.10 -26.81 12.63
N SER B 263 -6.31 -27.88 11.87
CA SER B 263 -7.38 -28.78 12.16
C SER B 263 -7.01 -30.23 11.98
N GLU B 264 -7.81 -31.10 12.61
CA GLU B 264 -7.70 -32.55 12.47
C GLU B 264 -9.11 -33.18 12.61
N SER B 265 -9.37 -34.26 11.86
CA SER B 265 -10.68 -34.95 11.89
C SER B 265 -10.58 -36.45 12.12
N HIS B 266 -11.64 -36.98 12.71
CA HIS B 266 -11.75 -38.39 13.06
C HIS B 266 -13.14 -38.85 12.67
N LEU B 267 -13.23 -40.07 12.15
CA LEU B 267 -14.50 -40.67 11.80
C LEU B 267 -14.83 -41.78 12.77
N LEU B 268 -16.10 -41.90 13.11
CA LEU B 268 -16.64 -43.04 13.87
C LEU B 268 -17.83 -43.67 13.13
N ASP B 269 -17.75 -44.98 12.90
CA ASP B 269 -18.78 -45.69 12.20
C ASP B 269 -19.97 -45.94 13.12
N LEU B 270 -21.09 -45.26 12.84
CA LEU B 270 -22.30 -45.41 13.66
C LEU B 270 -23.18 -46.64 13.30
N ARG B 271 -22.90 -47.29 12.16
CA ARG B 271 -23.54 -48.58 11.82
C ARG B 271 -23.23 -49.71 12.81
N LYS B 272 -22.14 -49.57 13.58
CA LYS B 272 -21.62 -50.69 14.39
C LYS B 272 -22.15 -50.70 15.83
N GLY B 273 -23.10 -49.80 16.12
CA GLY B 273 -23.80 -49.85 17.42
C GLY B 273 -23.13 -49.05 18.52
N VAL B 274 -23.79 -48.96 19.68
CA VAL B 274 -23.40 -48.04 20.78
C VAL B 274 -22.13 -48.40 21.60
N LYS B 275 -21.59 -49.60 21.39
CA LYS B 275 -20.39 -50.00 22.10
C LYS B 275 -19.16 -50.01 21.19
N HIS B 276 -19.34 -49.54 19.94
CA HIS B 276 -18.20 -49.38 19.02
C HIS B 276 -17.67 -47.95 19.11
N ASN B 277 -16.47 -47.81 19.65
CA ASN B 277 -15.95 -46.50 19.92
C ASN B 277 -14.60 -46.17 19.25
N THR B 278 -14.08 -47.07 18.41
CA THR B 278 -12.75 -46.90 17.82
C THR B 278 -12.75 -45.82 16.68
N LEU B 279 -12.04 -44.73 16.88
CA LEU B 279 -12.00 -43.65 15.89
C LEU B 279 -11.10 -43.98 14.68
N GLU B 280 -11.49 -43.49 13.52
CA GLU B 280 -10.65 -43.57 12.31
C GLU B 280 -10.07 -42.19 12.05
N MSE B 281 -8.74 -42.09 12.05
CA MSE B 281 -8.04 -40.83 11.75
C MSE B 281 -8.19 -40.45 10.27
O MSE B 281 -8.01 -41.29 9.39
CB MSE B 281 -6.55 -41.00 12.08
CG MSE B 281 -5.64 -39.91 11.52
SE MSE B 281 -5.88 -38.22 12.50
CE MSE B 281 -4.64 -38.59 14.01
N VAL B 282 -8.53 -39.20 9.98
CA VAL B 282 -8.44 -38.70 8.62
C VAL B 282 -7.00 -38.28 8.26
N ARG B 283 -6.62 -37.02 8.48
CA ARG B 283 -5.22 -36.63 8.27
C ARG B 283 -4.64 -36.06 9.56
N PRO B 284 -3.51 -36.61 10.03
CA PRO B 284 -2.93 -36.04 11.25
C PRO B 284 -2.67 -34.51 11.11
N ARG B 285 -3.15 -33.76 12.10
CA ARG B 285 -2.74 -32.39 12.45
C ARG B 285 -1.45 -31.96 11.76
N GLU B 286 -1.48 -31.02 10.83
CA GLU B 286 -0.23 -30.40 10.34
C GLU B 286 -0.29 -28.88 10.48
N LYS B 287 0.63 -28.31 11.25
CA LYS B 287 0.48 -26.89 11.63
C LYS B 287 0.27 -25.97 10.41
N GLY B 288 -0.77 -25.14 10.45
CA GLY B 288 -1.09 -24.23 9.35
C GLY B 288 -1.99 -24.79 8.27
N VAL B 289 -2.22 -26.11 8.29
CA VAL B 289 -3.19 -26.80 7.41
C VAL B 289 -4.56 -26.92 8.04
N ARG B 290 -5.54 -26.32 7.37
CA ARG B 290 -6.94 -26.41 7.78
C ARG B 290 -7.77 -27.24 6.84
N TYR B 291 -8.69 -28.03 7.38
CA TYR B 291 -9.60 -28.80 6.55
C TYR B 291 -10.87 -29.19 7.27
N THR B 292 -11.96 -29.33 6.51
CA THR B 292 -13.20 -29.87 6.99
C THR B 292 -13.62 -31.04 6.09
N VAL B 293 -14.29 -32.04 6.70
CA VAL B 293 -14.68 -33.29 6.09
C VAL B 293 -16.19 -33.39 6.05
N GLU B 294 -16.75 -33.58 4.86
CA GLU B 294 -18.14 -33.96 4.72
C GLU B 294 -18.21 -35.34 4.05
N MSE B 295 -19.21 -36.14 4.42
CA MSE B 295 -19.36 -37.49 3.86
C MSE B 295 -20.36 -37.59 2.68
O MSE B 295 -21.54 -37.22 2.79
CB MSE B 295 -19.77 -38.49 4.95
CG MSE B 295 -18.84 -38.58 6.15
SE MSE B 295 -17.14 -39.43 5.75
CE MSE B 295 -17.71 -41.13 4.95
N HIS B 296 -19.89 -38.13 1.56
CA HIS B 296 -20.82 -38.59 0.53
C HIS B 296 -21.01 -40.10 0.72
N GLY B 297 -22.16 -40.51 1.20
CA GLY B 297 -22.36 -41.92 1.52
C GLY B 297 -21.41 -42.31 2.65
N THR B 298 -20.93 -43.56 2.63
CA THR B 298 -20.15 -44.06 3.77
C THR B 298 -18.67 -44.20 3.44
N ASP B 299 -18.33 -44.10 2.17
CA ASP B 299 -17.01 -44.49 1.73
C ASP B 299 -16.19 -43.38 1.04
N THR B 300 -16.83 -42.27 0.69
CA THR B 300 -16.07 -41.21 0.07
C THR B 300 -16.15 -39.92 0.86
N LEU B 301 -15.00 -39.25 0.99
CA LEU B 301 -14.89 -38.03 1.78
C LEU B 301 -14.70 -36.83 0.88
N ILE B 302 -15.52 -35.80 1.06
CA ILE B 302 -15.28 -34.59 0.32
C ILE B 302 -14.68 -33.52 1.26
N VAL B 303 -13.48 -33.04 0.94
CA VAL B 303 -12.68 -32.28 1.89
C VAL B 303 -12.45 -30.82 1.46
N LEU B 304 -12.80 -29.89 2.33
CA LEU B 304 -12.49 -28.48 2.09
C LEU B 304 -11.20 -28.16 2.84
N THR B 305 -10.15 -27.79 2.09
CA THR B 305 -8.81 -27.61 2.64
C THR B 305 -8.05 -26.40 2.13
N ASN B 306 -7.04 -25.98 2.90
CA ASN B 306 -6.15 -24.90 2.43
C ASN B 306 -4.74 -25.39 2.23
N LYS B 307 -4.57 -26.71 2.27
CA LYS B 307 -3.29 -27.36 2.05
C LYS B 307 -2.65 -26.91 0.73
N ASP B 308 -1.31 -26.98 0.65
CA ASP B 308 -0.56 -26.64 -0.57
C ASP B 308 -0.76 -25.18 -1.04
N LYS B 309 -0.67 -24.24 -0.09
CA LYS B 309 -0.78 -22.78 -0.36
C LYS B 309 -2.13 -22.34 -0.92
N CYS B 310 -3.14 -23.21 -0.86
CA CYS B 310 -4.44 -22.83 -1.37
C CYS B 310 -5.17 -21.99 -0.34
N VAL B 311 -4.82 -20.71 -0.24
CA VAL B 311 -5.32 -19.88 0.87
C VAL B 311 -6.82 -19.68 0.83
N ASN B 312 -7.36 -19.63 -0.38
CA ASN B 312 -8.76 -19.38 -0.59
C ASN B 312 -9.61 -20.67 -0.49
N GLY B 313 -8.95 -21.81 -0.34
CA GLY B 313 -9.65 -23.08 -0.25
C GLY B 313 -9.77 -23.84 -1.57
N LYS B 314 -9.65 -25.15 -1.48
CA LYS B 314 -9.94 -26.05 -2.61
C LYS B 314 -10.74 -27.20 -2.05
N VAL B 315 -11.53 -27.85 -2.89
CA VAL B 315 -12.18 -29.07 -2.43
C VAL B 315 -11.72 -30.33 -3.14
N VAL B 316 -11.36 -31.29 -2.31
CA VAL B 316 -10.68 -32.53 -2.67
C VAL B 316 -11.66 -33.69 -2.47
N LEU B 317 -11.53 -34.76 -3.26
CA LEU B 317 -12.25 -36.01 -2.98
C LEU B 317 -11.26 -37.09 -2.61
N THR B 318 -11.54 -37.82 -1.52
CA THR B 318 -10.70 -38.94 -1.13
C THR B 318 -11.53 -40.17 -0.66
N LYS B 319 -10.90 -41.35 -0.64
CA LYS B 319 -11.58 -42.58 -0.19
C LYS B 319 -11.33 -42.82 1.30
N ARG B 320 -12.34 -43.36 1.98
CA ARG B 320 -12.23 -43.66 3.39
C ARG B 320 -11.09 -44.62 3.69
N SER B 321 -10.80 -45.56 2.78
CA SER B 321 -9.74 -46.52 3.05
C SER B 321 -8.31 -45.97 2.86
N ALA B 322 -8.20 -44.81 2.18
CA ALA B 322 -6.91 -44.08 2.04
C ALA B 322 -7.17 -42.57 2.16
N PRO B 323 -7.49 -42.13 3.36
CA PRO B 323 -8.06 -40.80 3.55
C PRO B 323 -7.02 -39.67 3.62
N THR B 324 -5.75 -40.01 3.41
CA THR B 324 -4.69 -38.99 3.27
C THR B 324 -4.28 -38.72 1.82
N ASP B 325 -4.74 -39.51 0.88
CA ASP B 325 -4.43 -39.28 -0.53
C ASP B 325 -5.37 -38.18 -1.03
N TRP B 326 -4.84 -36.97 -1.17
CA TRP B 326 -5.67 -35.85 -1.56
C TRP B 326 -5.36 -35.39 -2.98
N GLY B 327 -4.93 -36.36 -3.81
CA GLY B 327 -4.56 -36.10 -5.19
C GLY B 327 -5.68 -35.72 -6.15
N THR B 328 -6.90 -36.17 -5.85
CA THR B 328 -8.04 -35.88 -6.72
C THR B 328 -8.68 -34.56 -6.28
N VAL B 329 -8.59 -33.55 -7.14
CA VAL B 329 -9.13 -32.24 -6.83
C VAL B 329 -10.48 -32.03 -7.51
N LEU B 330 -11.55 -31.87 -6.74
CA LEU B 330 -12.87 -31.60 -7.33
C LEU B 330 -13.02 -30.14 -7.76
N ILE B 331 -12.66 -29.21 -6.86
CA ILE B 331 -12.70 -27.79 -7.19
C ILE B 331 -11.36 -27.10 -6.92
N PRO B 332 -10.64 -26.70 -7.97
CA PRO B 332 -9.32 -26.13 -7.75
C PRO B 332 -9.38 -24.75 -7.10
N HIS B 333 -8.26 -24.39 -6.49
CA HIS B 333 -8.05 -23.10 -5.90
C HIS B 333 -8.22 -22.02 -6.97
N ASP B 334 -8.92 -20.94 -6.62
CA ASP B 334 -9.09 -19.78 -7.50
C ASP B 334 -8.81 -18.55 -6.64
N ASP B 335 -7.95 -17.66 -7.16
CA ASP B 335 -7.46 -16.47 -6.43
C ASP B 335 -8.61 -15.50 -6.13
N LYS B 336 -9.67 -15.70 -6.91
CA LYS B 336 -10.83 -14.85 -6.96
C LYS B 336 -11.96 -15.41 -6.05
N VAL B 337 -12.02 -16.72 -5.92
CA VAL B 337 -13.11 -17.35 -5.20
C VAL B 337 -12.67 -17.76 -3.82
N THR B 338 -13.43 -17.36 -2.83
CA THR B 338 -13.22 -17.79 -1.46
C THR B 338 -14.27 -18.87 -1.09
N ILE B 339 -13.81 -20.04 -0.65
CA ILE B 339 -14.75 -21.09 -0.20
C ILE B 339 -14.66 -21.34 1.32
N ASP B 340 -15.72 -21.00 2.06
CA ASP B 340 -15.74 -21.07 3.53
C ASP B 340 -16.30 -22.37 4.08
N ASP B 341 -17.29 -22.97 3.41
CA ASP B 341 -17.55 -24.40 3.59
C ASP B 341 -18.45 -25.19 2.61
N VAL B 342 -18.73 -26.43 3.02
CA VAL B 342 -19.38 -27.41 2.19
C VAL B 342 -20.43 -28.16 3.02
N ALA B 343 -21.57 -28.38 2.38
CA ALA B 343 -22.56 -29.34 2.88
C ALA B 343 -22.81 -30.33 1.76
N VAL B 344 -22.75 -31.62 2.07
CA VAL B 344 -22.95 -32.68 1.08
C VAL B 344 -24.25 -33.49 1.29
N PHE B 345 -24.95 -33.73 0.18
CA PHE B 345 -26.24 -34.42 0.14
C PHE B 345 -26.09 -35.56 -0.90
N ALA B 346 -27.10 -36.42 -1.02
CA ALA B 346 -27.01 -37.57 -1.93
C ALA B 346 -26.68 -37.19 -3.39
N LYS B 347 -27.33 -36.17 -3.93
CA LYS B 347 -27.22 -35.86 -5.36
C LYS B 347 -26.41 -34.59 -5.72
N PHE B 348 -25.95 -33.85 -4.71
CA PHE B 348 -25.24 -32.60 -4.94
C PHE B 348 -24.50 -32.15 -3.69
N ALA B 349 -23.53 -31.24 -3.88
CA ALA B 349 -22.88 -30.56 -2.77
C ALA B 349 -23.09 -29.02 -2.87
N VAL B 350 -23.17 -28.35 -1.72
CA VAL B 350 -23.39 -26.91 -1.65
C VAL B 350 -22.17 -26.20 -1.02
N LEU B 351 -21.56 -25.33 -1.81
CA LEU B 351 -20.42 -24.56 -1.37
C LEU B 351 -20.84 -23.14 -1.01
N SER B 352 -20.36 -22.64 0.12
CA SER B 352 -20.58 -21.25 0.53
C SER B 352 -19.26 -20.49 0.59
N GLY B 353 -19.28 -19.21 0.20
CA GLY B 353 -18.11 -18.33 0.31
C GLY B 353 -18.31 -16.92 -0.24
N ARG B 354 -17.26 -16.37 -0.88
CA ARG B 354 -17.32 -15.03 -1.44
C ARG B 354 -16.64 -14.93 -2.78
N ARG B 355 -17.14 -14.01 -3.60
CA ARG B 355 -16.53 -13.66 -4.86
C ARG B 355 -16.89 -12.21 -5.13
N ASP B 356 -15.91 -11.44 -5.57
CA ASP B 356 -16.09 -10.01 -5.92
C ASP B 356 -16.87 -9.27 -4.83
N GLY B 357 -16.56 -9.58 -3.58
CA GLY B 357 -17.03 -8.79 -2.47
C GLY B 357 -18.33 -9.15 -1.80
N LEU B 358 -19.01 -10.19 -2.30
CA LEU B 358 -20.34 -10.63 -1.82
C LEU B 358 -20.38 -12.10 -1.54
N THR B 359 -21.17 -12.45 -0.53
CA THR B 359 -21.52 -13.85 -0.22
C THR B 359 -22.02 -14.51 -1.50
N ARG B 360 -21.57 -15.72 -1.80
CA ARG B 360 -22.14 -16.51 -2.93
C ARG B 360 -22.50 -17.93 -2.48
N VAL B 361 -23.36 -18.58 -3.27
CA VAL B 361 -23.67 -19.99 -3.07
C VAL B 361 -23.40 -20.70 -4.40
N TRP B 362 -22.67 -21.81 -4.32
CA TRP B 362 -22.30 -22.61 -5.50
C TRP B 362 -22.81 -24.00 -5.33
N THR B 363 -23.10 -24.64 -6.47
CA THR B 363 -23.63 -25.98 -6.44
C THR B 363 -22.80 -26.92 -7.35
N VAL B 364 -22.73 -28.21 -6.99
CA VAL B 364 -22.02 -29.21 -7.80
C VAL B 364 -22.71 -30.56 -7.63
N ARG B 365 -22.90 -31.26 -8.75
CA ARG B 365 -23.71 -32.50 -8.82
C ARG B 365 -22.92 -33.75 -9.24
N LEU B 366 -23.62 -34.87 -9.34
CA LEU B 366 -23.03 -36.13 -9.80
C LEU B 366 -23.02 -36.18 -11.32
N GLY B 367 -22.02 -36.86 -11.89
CA GLY B 367 -21.95 -37.05 -13.34
C GLY B 367 -22.60 -38.38 -13.74
N PRO B 368 -22.72 -38.64 -15.07
CA PRO B 368 -23.18 -39.97 -15.53
C PRO B 368 -22.52 -41.15 -14.79
N ASP B 369 -21.19 -41.10 -14.62
CA ASP B 369 -20.43 -42.16 -13.93
C ASP B 369 -20.89 -42.41 -12.49
N ASN B 370 -21.74 -41.53 -11.96
CA ASN B 370 -22.36 -41.64 -10.62
C ASN B 370 -21.47 -41.12 -9.46
N LEU B 371 -20.62 -40.17 -9.79
CA LEU B 371 -19.67 -39.58 -8.87
C LEU B 371 -19.38 -38.13 -9.33
N PHE B 372 -19.23 -37.22 -8.37
CA PHE B 372 -19.10 -35.79 -8.58
C PHE B 372 -18.27 -35.31 -9.79
N SER B 373 -18.83 -34.31 -10.48
CA SER B 373 -18.31 -33.86 -11.75
C SER B 373 -18.01 -32.36 -11.66
N SER B 374 -16.73 -32.04 -11.74
CA SER B 374 -16.23 -30.66 -11.64
C SER B 374 -16.93 -29.78 -12.66
N ALA B 375 -17.18 -30.35 -13.84
CA ALA B 375 -17.85 -29.66 -14.94
C ALA B 375 -19.21 -29.11 -14.54
N THR B 376 -19.77 -29.66 -13.48
CA THR B 376 -21.14 -29.37 -13.09
C THR B 376 -21.32 -28.12 -12.23
N LEU B 377 -20.20 -27.55 -11.79
CA LEU B 377 -20.18 -26.39 -10.88
C LEU B 377 -21.06 -25.24 -11.38
N LYS B 378 -21.93 -24.73 -10.53
CA LYS B 378 -22.56 -23.47 -10.88
C LYS B 378 -22.79 -22.51 -9.72
N GLU B 379 -22.66 -21.21 -10.03
CA GLU B 379 -22.97 -20.18 -9.05
C GLU B 379 -24.44 -19.83 -9.18
N LEU B 380 -25.11 -19.69 -8.07
CA LEU B 380 -26.50 -19.30 -8.08
C LEU B 380 -26.57 -17.82 -8.39
N HIS B 381 -27.37 -17.46 -9.40
CA HIS B 381 -27.39 -16.07 -9.89
C HIS B 381 -28.54 -15.22 -9.38
N PHE B 382 -28.31 -13.90 -9.35
CA PHE B 382 -29.27 -12.95 -8.79
C PHE B 382 -29.35 -11.65 -9.61
N ASP B 383 -30.47 -10.96 -9.53
CA ASP B 383 -30.64 -9.78 -10.38
C ASP B 383 -29.94 -8.57 -9.83
N GLU B 384 -30.10 -8.34 -8.53
CA GLU B 384 -29.56 -7.14 -7.88
C GLU B 384 -28.03 -7.14 -7.83
N PRO B 385 -27.38 -5.97 -8.04
CA PRO B 385 -25.91 -5.96 -8.08
C PRO B 385 -25.25 -6.21 -6.71
N VAL B 386 -26.00 -6.06 -5.61
CA VAL B 386 -25.47 -6.24 -4.24
C VAL B 386 -26.53 -6.87 -3.35
N PHE B 387 -26.13 -7.81 -2.49
CA PHE B 387 -27.08 -8.64 -1.76
C PHE B 387 -26.37 -9.58 -0.81
N THR B 388 -27.17 -10.37 -0.12
CA THR B 388 -26.67 -11.42 0.73
C THR B 388 -27.37 -12.71 0.35
N ALA B 389 -26.62 -13.80 0.25
CA ALA B 389 -27.23 -15.10 -0.07
C ALA B 389 -26.58 -16.26 0.71
N HIS B 390 -27.40 -17.08 1.36
CA HIS B 390 -26.87 -18.22 2.13
C HIS B 390 -27.71 -19.46 1.94
N VAL B 391 -27.06 -20.62 1.92
CA VAL B 391 -27.79 -21.87 2.10
C VAL B 391 -28.08 -22.02 3.59
N VAL B 392 -29.22 -22.61 3.94
CA VAL B 392 -29.63 -22.76 5.35
C VAL B 392 -29.72 -24.24 5.68
N CYS B 393 -28.58 -24.90 5.96
CA CYS B 393 -28.65 -26.37 6.18
C CYS B 393 -29.15 -26.84 7.51
N SER B 394 -29.35 -25.90 8.43
CA SER B 394 -30.05 -26.21 9.67
C SER B 394 -31.53 -26.43 9.37
N GLN B 395 -31.95 -26.08 8.15
CA GLN B 395 -33.32 -26.28 7.67
C GLN B 395 -33.33 -27.32 6.53
N MSE B 396 -32.23 -28.05 6.35
CA MSE B 396 -32.21 -29.12 5.33
C MSE B 396 -31.99 -30.50 5.94
O MSE B 396 -30.87 -31.00 5.99
CB MSE B 396 -31.19 -28.84 4.24
CG MSE B 396 -31.56 -27.65 3.34
SE MSE B 396 -30.14 -27.14 2.09
CE MSE B 396 -30.30 -28.63 0.77
N LYS B 397 -33.06 -31.12 6.40
CA LYS B 397 -32.95 -32.34 7.20
C LYS B 397 -32.97 -33.66 6.42
N THR B 398 -33.14 -33.57 5.11
CA THR B 398 -33.38 -34.77 4.33
C THR B 398 -32.27 -35.02 3.28
N TYR B 399 -31.43 -36.01 3.57
CA TYR B 399 -30.19 -36.32 2.80
C TYR B 399 -30.42 -36.45 1.30
N ASP B 400 -31.57 -37.01 0.92
CA ASP B 400 -31.87 -37.24 -0.47
C ASP B 400 -32.72 -36.14 -1.12
N ALA B 401 -32.68 -34.94 -0.57
CA ALA B 401 -33.41 -33.79 -1.11
C ALA B 401 -33.03 -33.50 -2.58
N SER B 402 -33.85 -32.69 -3.24
CA SER B 402 -33.42 -32.02 -4.47
C SER B 402 -33.74 -30.55 -4.45
N LEU B 403 -34.37 -30.10 -3.36
CA LEU B 403 -34.55 -28.66 -3.12
C LEU B 403 -33.53 -28.18 -2.12
N LEU B 404 -32.98 -27.00 -2.37
CA LEU B 404 -32.12 -26.30 -1.44
C LEU B 404 -32.92 -25.25 -0.68
N ARG B 405 -32.57 -25.01 0.58
CA ARG B 405 -33.21 -23.93 1.34
C ARG B 405 -32.33 -22.68 1.34
N LEU B 406 -32.78 -21.63 0.68
CA LEU B 406 -31.92 -20.47 0.55
C LEU B 406 -32.47 -19.26 1.25
N ARG B 407 -31.58 -18.39 1.71
CA ARG B 407 -31.97 -17.19 2.40
C ARG B 407 -31.35 -16.05 1.61
N TYR B 408 -32.20 -15.14 1.13
CA TYR B 408 -31.74 -13.95 0.41
C TYR B 408 -32.15 -12.66 1.12
N SER B 409 -31.28 -11.67 1.10
CA SER B 409 -31.58 -10.37 1.66
C SER B 409 -30.79 -9.30 0.90
N SER B 410 -31.38 -8.13 0.71
CA SER B 410 -30.66 -7.05 0.05
C SER B 410 -31.14 -5.73 0.61
N MSE B 411 -30.49 -4.64 0.22
CA MSE B 411 -30.88 -3.33 0.74
C MSE B 411 -32.28 -2.93 0.24
O MSE B 411 -32.88 -1.93 0.66
CB MSE B 411 -29.79 -2.31 0.39
CG MSE B 411 -28.43 -2.65 1.05
SE MSE B 411 -27.00 -1.47 0.43
CE MSE B 411 -26.91 -0.17 1.89
N THR B 412 -32.81 -3.74 -0.66
CA THR B 412 -34.10 -3.49 -1.26
C THR B 412 -35.17 -4.46 -0.78
N THR B 413 -34.72 -5.61 -0.29
CA THR B 413 -35.58 -6.75 -0.07
C THR B 413 -35.35 -7.31 1.33
N PRO B 414 -36.38 -7.21 2.21
CA PRO B 414 -36.37 -7.90 3.49
C PRO B 414 -36.17 -9.37 3.21
N THR B 415 -35.49 -10.06 4.12
CA THR B 415 -35.06 -11.45 3.96
C THR B 415 -36.13 -12.35 3.43
N VAL B 416 -35.79 -13.15 2.44
CA VAL B 416 -36.71 -14.13 1.85
C VAL B 416 -36.12 -15.51 1.97
N TRP B 417 -36.83 -16.41 2.61
CA TRP B 417 -36.44 -17.80 2.67
C TRP B 417 -37.18 -18.49 1.55
N TYR B 418 -36.46 -19.30 0.76
CA TYR B 418 -37.11 -20.06 -0.29
C TYR B 418 -36.44 -21.39 -0.62
N ASP B 419 -37.15 -22.20 -1.39
CA ASP B 419 -36.65 -23.47 -1.88
C ASP B 419 -36.31 -23.31 -3.35
N GLU B 420 -35.16 -23.84 -3.76
CA GLU B 420 -34.73 -23.82 -5.15
C GLU B 420 -34.46 -25.23 -5.62
N ASP B 421 -34.96 -25.57 -6.81
CA ASP B 421 -34.61 -26.85 -7.40
C ASP B 421 -33.19 -26.77 -7.89
N VAL B 422 -32.40 -27.79 -7.51
CA VAL B 422 -30.98 -27.89 -7.86
C VAL B 422 -30.72 -28.00 -9.36
N LEU B 423 -31.45 -28.88 -10.01
CA LEU B 423 -31.26 -29.10 -11.43
C LEU B 423 -31.87 -27.92 -12.19
N SER B 424 -33.14 -27.60 -11.95
CA SER B 424 -33.87 -26.64 -12.80
C SER B 424 -33.73 -25.17 -12.40
N GLY B 425 -33.34 -24.89 -11.16
CA GLY B 425 -33.25 -23.50 -10.71
C GLY B 425 -34.57 -22.81 -10.37
N GLU B 426 -35.68 -23.56 -10.39
CA GLU B 426 -37.02 -23.05 -10.01
C GLU B 426 -37.08 -22.64 -8.53
N ARG B 427 -37.46 -21.39 -8.28
CA ARG B 427 -37.49 -20.86 -6.92
C ARG B 427 -38.92 -20.75 -6.43
N LYS B 428 -39.21 -21.23 -5.23
CA LYS B 428 -40.52 -21.03 -4.57
C LYS B 428 -40.35 -20.39 -3.19
N VAL B 429 -41.07 -19.30 -2.95
CA VAL B 429 -41.02 -18.62 -1.65
C VAL B 429 -41.60 -19.49 -0.54
N VAL B 430 -40.89 -19.57 0.58
CA VAL B 430 -41.39 -20.19 1.81
C VAL B 430 -41.78 -19.12 2.83
N LYS B 431 -40.91 -18.13 3.05
CA LYS B 431 -41.24 -17.00 3.93
C LYS B 431 -40.62 -15.69 3.46
N ALA B 432 -41.41 -14.64 3.44
CA ALA B 432 -40.86 -13.31 3.21
C ALA B 432 -41.11 -12.53 4.48
N ARG B 433 -40.06 -12.00 5.08
CA ARG B 433 -40.23 -11.04 6.14
C ARG B 433 -41.11 -9.86 5.65
N LYS B 434 -42.08 -9.48 6.48
CA LYS B 434 -42.87 -8.28 6.21
C LYS B 434 -42.43 -7.15 7.12
N VAL B 435 -42.44 -5.95 6.58
CA VAL B 435 -42.01 -4.82 7.35
C VAL B 435 -43.13 -3.81 7.30
N GLY B 436 -43.57 -3.37 8.48
CA GLY B 436 -44.72 -2.47 8.59
C GLY B 436 -44.39 -1.04 8.19
N GLY B 437 -45.17 -0.10 8.70
CA GLY B 437 -44.90 1.34 8.50
C GLY B 437 -45.00 1.87 7.09
N GLY B 438 -45.68 1.14 6.19
CA GLY B 438 -45.86 1.60 4.81
C GLY B 438 -44.70 1.24 3.89
N PHE B 439 -43.83 0.35 4.35
CA PHE B 439 -42.72 -0.10 3.52
C PHE B 439 -43.16 -0.86 2.26
N GLU B 440 -42.66 -0.44 1.10
CA GLU B 440 -42.71 -1.30 -0.08
C GLU B 440 -41.42 -1.37 -0.85
N SER B 441 -41.01 -2.60 -1.08
CA SER B 441 -39.74 -2.87 -1.67
C SER B 441 -39.52 -2.25 -3.05
N LYS B 442 -40.54 -2.17 -3.90
CA LYS B 442 -40.41 -1.56 -5.23
C LYS B 442 -40.00 -0.08 -5.23
N ASN B 443 -40.09 0.59 -4.08
CA ASN B 443 -39.72 2.01 -3.99
C ASN B 443 -38.20 2.24 -3.91
N TYR B 444 -37.40 1.16 -3.92
CA TYR B 444 -35.96 1.29 -3.69
C TYR B 444 -35.11 0.63 -4.76
N VAL B 445 -33.94 1.24 -4.99
CA VAL B 445 -32.90 0.70 -5.85
C VAL B 445 -31.58 0.60 -5.07
N CYS B 446 -30.87 -0.52 -5.24
CA CYS B 446 -29.54 -0.65 -4.63
C CYS B 446 -28.54 -0.75 -5.75
N ARG B 447 -27.30 -0.35 -5.48
CA ARG B 447 -26.26 -0.58 -6.48
C ARG B 447 -24.86 -0.71 -5.97
N ARG B 448 -23.96 -1.17 -6.85
CA ARG B 448 -22.54 -1.17 -6.59
C ARG B 448 -21.86 0.02 -7.22
N GLU B 449 -20.89 0.60 -6.50
CA GLU B 449 -19.95 1.58 -7.06
C GLU B 449 -18.53 1.11 -6.68
N LEU B 450 -17.52 1.45 -7.50
CA LEU B 450 -16.11 1.18 -7.18
C LEU B 450 -15.30 2.45 -7.04
N ALA B 451 -14.68 2.63 -5.87
CA ALA B 451 -13.69 3.69 -5.64
C ALA B 451 -12.30 3.18 -5.96
N THR B 452 -11.37 4.14 -6.11
CA THR B 452 -9.95 3.81 -6.33
C THR B 452 -9.06 4.46 -5.27
N ALA B 453 -8.46 3.66 -4.40
CA ALA B 453 -7.50 4.11 -3.40
C ALA B 453 -6.22 4.59 -4.04
N PRO B 454 -5.42 5.40 -3.33
CA PRO B 454 -4.11 5.89 -3.84
C PRO B 454 -3.19 4.83 -4.44
N ASP B 455 -3.14 3.62 -3.86
CA ASP B 455 -2.35 2.52 -4.41
C ASP B 455 -3.01 1.81 -5.57
N GLY B 456 -4.16 2.32 -6.03
CA GLY B 456 -4.86 1.75 -7.19
C GLY B 456 -5.87 0.64 -6.93
N THR B 457 -5.91 0.14 -5.70
CA THR B 457 -6.87 -0.88 -5.29
C THR B 457 -8.32 -0.37 -5.41
N LYS B 458 -9.17 -1.23 -5.97
CA LYS B 458 -10.61 -0.94 -6.11
C LYS B 458 -11.35 -1.31 -4.84
N VAL B 459 -12.08 -0.36 -4.27
CA VAL B 459 -12.79 -0.54 -3.01
C VAL B 459 -14.30 -0.49 -3.30
N PRO B 460 -15.01 -1.57 -2.98
CA PRO B 460 -16.44 -1.63 -3.28
C PRO B 460 -17.28 -0.74 -2.38
N ILE B 461 -18.35 -0.18 -2.96
CA ILE B 461 -19.34 0.51 -2.17
C ILE B 461 -20.68 -0.14 -2.51
N SER B 462 -21.53 -0.31 -1.49
CA SER B 462 -22.92 -0.77 -1.67
C SER B 462 -23.85 0.35 -1.29
N LEU B 463 -24.94 0.52 -2.04
CA LEU B 463 -25.70 1.75 -1.94
C LEU B 463 -27.17 1.61 -2.31
N VAL B 464 -28.02 2.26 -1.53
CA VAL B 464 -29.46 2.18 -1.66
C VAL B 464 -30.09 3.58 -1.58
N TYR B 465 -31.16 3.80 -2.35
CA TYR B 465 -31.97 5.04 -2.23
C TYR B 465 -33.39 4.83 -2.73
N ASP B 466 -34.27 5.77 -2.37
CA ASP B 466 -35.61 5.80 -2.92
C ASP B 466 -35.59 6.08 -4.42
N THR B 467 -36.31 5.27 -5.19
CA THR B 467 -36.38 5.41 -6.64
C THR B 467 -36.81 6.80 -7.14
N SER B 468 -37.36 7.62 -6.25
CA SER B 468 -37.96 8.90 -6.67
C SER B 468 -37.06 10.16 -6.53
N ILE B 469 -35.85 10.02 -5.96
CA ILE B 469 -34.91 11.15 -5.85
C ILE B 469 -34.41 11.54 -7.24
N ASP B 470 -33.99 12.79 -7.38
CA ASP B 470 -33.51 13.28 -8.66
C ASP B 470 -32.01 12.97 -8.85
N LEU B 471 -31.73 11.97 -9.69
CA LEU B 471 -30.36 11.52 -9.90
C LEU B 471 -29.50 12.40 -10.80
N LYS B 472 -30.08 13.48 -11.31
CA LYS B 472 -29.38 14.41 -12.16
C LYS B 472 -28.69 15.50 -11.35
N LYS B 473 -28.94 15.50 -10.05
CA LYS B 473 -28.20 16.33 -9.12
C LYS B 473 -27.60 15.46 -8.00
N PRO B 474 -26.74 16.06 -7.15
CA PRO B 474 -26.20 15.40 -5.97
C PRO B 474 -27.22 15.43 -4.83
N ASN B 475 -27.17 14.42 -3.97
CA ASN B 475 -28.15 14.24 -2.92
C ASN B 475 -27.51 14.01 -1.56
N PRO B 476 -28.19 14.44 -0.48
CA PRO B 476 -27.73 14.10 0.86
C PRO B 476 -27.35 12.61 0.95
N THR B 477 -26.18 12.31 1.51
CA THR B 477 -25.69 10.94 1.56
C THR B 477 -25.07 10.57 2.90
N MSE B 478 -25.25 9.31 3.30
CA MSE B 478 -24.65 8.78 4.50
C MSE B 478 -23.72 7.66 4.10
O MSE B 478 -24.13 6.75 3.38
CB MSE B 478 -25.72 8.26 5.44
CG MSE B 478 -25.26 7.31 6.54
SE MSE B 478 -23.87 8.03 7.75
CE MSE B 478 -24.91 9.10 9.02
N LEU B 479 -22.47 7.75 4.55
CA LEU B 479 -21.47 6.73 4.31
C LEU B 479 -21.04 6.02 5.62
N TYR B 480 -21.33 4.72 5.67
CA TYR B 480 -21.05 3.90 6.84
C TYR B 480 -19.77 3.08 6.61
N GLY B 481 -18.95 2.95 7.67
CA GLY B 481 -17.78 2.08 7.58
C GLY B 481 -17.40 1.44 8.89
N TYR B 482 -16.92 0.19 8.85
CA TYR B 482 -16.33 -0.50 10.01
C TYR B 482 -14.77 -0.37 9.96
N GLY B 483 -13.91 -1.04 9.19
CA GLY B 483 -13.68 -2.42 8.95
C GLY B 483 -12.38 -2.72 9.76
N SER B 484 -12.55 -3.56 10.77
CA SER B 484 -11.52 -4.14 11.58
C SER B 484 -11.86 -5.63 11.69
N TYR B 485 -10.92 -6.44 12.15
CA TYR B 485 -11.21 -7.81 12.60
C TYR B 485 -11.61 -8.77 11.47
N GLY B 486 -11.65 -8.26 10.25
CA GLY B 486 -12.08 -9.06 9.12
C GLY B 486 -13.59 -9.17 8.99
N ILE B 487 -14.31 -8.32 9.73
CA ILE B 487 -15.76 -8.26 9.63
C ILE B 487 -16.27 -7.74 8.27
N CYS B 488 -17.29 -8.39 7.70
CA CYS B 488 -17.96 -7.88 6.50
C CYS B 488 -19.20 -7.08 6.87
N ILE B 489 -19.31 -5.85 6.43
CA ILE B 489 -20.54 -5.11 6.59
C ILE B 489 -21.41 -5.47 5.39
N GLU B 490 -22.32 -6.40 5.57
CA GLU B 490 -23.10 -6.93 4.43
C GLU B 490 -24.14 -5.96 3.90
N PRO B 491 -24.24 -5.84 2.57
CA PRO B 491 -25.33 -5.12 1.88
C PRO B 491 -26.67 -5.88 1.96
N GLU B 492 -27.08 -6.27 3.17
CA GLU B 492 -28.30 -7.01 3.45
C GLU B 492 -29.37 -5.98 3.80
N PHE B 493 -30.61 -6.43 4.02
CA PHE B 493 -31.65 -5.52 4.44
C PHE B 493 -31.43 -5.07 5.88
N ASN B 494 -31.55 -3.77 6.11
CA ASN B 494 -31.50 -3.25 7.46
C ASN B 494 -32.59 -2.19 7.66
N SER B 495 -33.71 -2.57 8.26
CA SER B 495 -34.79 -1.62 8.45
C SER B 495 -34.27 -0.31 9.05
N ARG B 496 -33.18 -0.38 9.80
CA ARG B 496 -32.71 0.79 10.50
C ARG B 496 -32.19 1.92 9.59
N PHE B 497 -31.96 1.63 8.31
CA PHE B 497 -31.52 2.71 7.43
C PHE B 497 -32.70 3.41 6.73
N LEU B 498 -33.90 2.90 6.95
CA LEU B 498 -35.10 3.44 6.33
C LEU B 498 -35.41 4.89 6.69
N PRO B 499 -35.30 5.27 7.98
CA PRO B 499 -35.50 6.68 8.36
C PRO B 499 -34.63 7.67 7.55
N TYR B 500 -33.44 7.23 7.12
CA TYR B 500 -32.63 8.00 6.19
C TYR B 500 -33.24 7.99 4.80
N VAL B 501 -33.36 6.80 4.23
CA VAL B 501 -33.78 6.67 2.83
C VAL B 501 -35.18 7.29 2.55
N ASP B 502 -36.16 6.92 3.37
CA ASP B 502 -37.48 7.50 3.31
C ASP B 502 -37.51 9.02 3.43
N ARG B 503 -36.37 9.65 3.62
CA ARG B 503 -36.29 11.09 3.66
C ARG B 503 -35.44 11.63 2.52
N GLY B 504 -35.05 10.75 1.59
CA GLY B 504 -34.40 11.19 0.36
C GLY B 504 -32.88 11.15 0.32
N MSE B 505 -32.28 10.47 1.28
CA MSE B 505 -30.84 10.30 1.30
C MSE B 505 -30.42 9.00 0.60
O MSE B 505 -31.15 8.01 0.58
CB MSE B 505 -30.35 10.25 2.75
CG MSE B 505 -30.59 11.54 3.54
SE MSE B 505 -29.74 11.44 5.31
CE MSE B 505 -27.85 11.29 4.78
N ILE B 506 -29.20 9.02 0.08
CA ILE B 506 -28.52 7.79 -0.29
C ILE B 506 -27.83 7.19 0.94
N TYR B 507 -28.06 5.92 1.21
CA TYR B 507 -27.36 5.19 2.27
C TYR B 507 -26.36 4.26 1.64
N ALA B 508 -25.08 4.41 2.05
CA ALA B 508 -23.96 3.76 1.41
C ALA B 508 -23.02 3.14 2.44
N ILE B 509 -22.57 1.91 2.17
CA ILE B 509 -21.52 1.25 2.94
C ILE B 509 -20.19 1.22 2.17
N ALA B 510 -19.10 1.60 2.83
CA ALA B 510 -17.74 1.59 2.29
C ALA B 510 -17.04 0.31 2.71
N HIS B 511 -16.76 -0.59 1.78
CA HIS B 511 -16.25 -1.90 2.16
C HIS B 511 -14.71 -1.89 2.23
N VAL B 512 -14.19 -1.03 3.10
CA VAL B 512 -12.76 -0.75 3.21
C VAL B 512 -11.93 -1.96 3.66
N ARG B 513 -10.66 -1.96 3.29
CA ARG B 513 -9.67 -2.84 3.93
C ARG B 513 -9.65 -2.81 5.47
N GLY B 514 -9.44 -3.98 6.08
CA GLY B 514 -9.57 -4.18 7.51
C GLY B 514 -10.80 -5.04 7.72
N GLY B 515 -11.86 -4.75 6.94
CA GLY B 515 -13.00 -5.63 6.80
C GLY B 515 -12.60 -6.88 6.05
N GLY B 516 -13.59 -7.70 5.73
CA GLY B 516 -13.32 -8.98 5.06
C GLY B 516 -13.97 -9.22 3.72
N GLU B 517 -14.62 -8.18 3.17
CA GLU B 517 -15.49 -8.39 2.01
C GLU B 517 -14.81 -9.03 0.80
N MSE B 518 -13.56 -8.64 0.53
CA MSE B 518 -12.83 -9.17 -0.62
C MSE B 518 -12.03 -10.48 -0.39
O MSE B 518 -11.29 -10.92 -1.26
CB MSE B 518 -11.90 -8.09 -1.20
CG MSE B 518 -12.59 -6.81 -1.68
SE MSE B 518 -13.85 -7.22 -3.11
CE MSE B 518 -12.66 -8.05 -4.44
N GLY B 519 -12.18 -11.09 0.79
CA GLY B 519 -11.47 -12.30 1.11
C GLY B 519 -10.45 -12.14 2.22
N ARG B 520 -9.60 -13.17 2.30
CA ARG B 520 -8.54 -13.36 3.30
C ARG B 520 -7.67 -12.12 3.55
N THR B 521 -7.03 -11.69 2.45
CA THR B 521 -6.01 -10.67 2.50
C THR B 521 -6.57 -9.24 2.60
N TRP B 522 -7.88 -9.10 2.51
CA TRP B 522 -8.50 -7.80 2.63
C TRP B 522 -8.38 -7.28 4.07
N TYR B 523 -8.21 -8.19 5.00
CA TYR B 523 -8.07 -7.84 6.40
C TYR B 523 -6.61 -7.99 6.82
N GLU B 524 -6.08 -9.18 6.57
CA GLU B 524 -4.81 -9.64 7.14
C GLU B 524 -3.59 -8.92 6.56
N VAL B 525 -3.57 -8.61 5.27
CA VAL B 525 -2.49 -7.69 4.85
C VAL B 525 -3.11 -6.39 4.47
N GLY B 526 -4.37 -6.41 4.10
CA GLY B 526 -5.05 -5.19 3.67
C GLY B 526 -5.10 -4.05 4.66
N GLY B 527 -5.41 -4.37 5.91
CA GLY B 527 -5.68 -3.34 6.91
C GLY B 527 -5.50 -3.81 8.36
N LYS B 528 -4.25 -3.85 8.80
CA LYS B 528 -3.92 -4.49 10.07
C LYS B 528 -2.48 -4.21 10.37
N TYR B 529 -2.14 -4.15 11.65
CA TYR B 529 -0.77 -3.84 12.04
C TYR B 529 -0.27 -2.60 11.23
N LEU B 530 0.91 -2.70 10.61
CA LEU B 530 1.47 -1.59 9.85
C LEU B 530 0.82 -1.34 8.47
N THR B 531 -0.37 -1.89 8.24
CA THR B 531 -1.17 -1.49 7.06
C THR B 531 -2.53 -0.92 7.45
N LYS B 532 -2.75 -0.77 8.75
CA LYS B 532 -4.02 -0.31 9.27
C LYS B 532 -4.49 0.99 8.62
N ARG B 533 -3.55 1.81 8.17
CA ARG B 533 -3.89 3.12 7.61
C ARG B 533 -4.72 3.01 6.31
N ASN B 534 -4.67 1.86 5.63
CA ASN B 534 -5.58 1.63 4.50
C ASN B 534 -7.03 1.77 4.87
N THR B 535 -7.39 1.37 6.11
CA THR B 535 -8.81 1.51 6.53
C THR B 535 -9.31 2.93 6.26
N PHE B 536 -8.57 3.92 6.77
CA PHE B 536 -8.91 5.33 6.68
C PHE B 536 -8.78 5.90 5.27
N MSE B 537 -7.74 5.48 4.54
CA MSE B 537 -7.49 5.96 3.18
C MSE B 537 -8.51 5.39 2.20
O MSE B 537 -8.99 6.09 1.31
CB MSE B 537 -6.06 5.64 2.70
CG MSE B 537 -4.86 6.23 3.50
SE MSE B 537 -4.67 8.20 3.61
CE MSE B 537 -5.45 8.79 1.81
N ASP B 538 -8.90 4.12 2.37
CA ASP B 538 -9.96 3.56 1.54
C ASP B 538 -11.29 4.32 1.73
N PHE B 539 -11.57 4.71 2.98
CA PHE B 539 -12.84 5.34 3.30
C PHE B 539 -12.85 6.70 2.61
N ILE B 540 -11.74 7.42 2.76
CA ILE B 540 -11.56 8.69 2.06
C ILE B 540 -11.81 8.55 0.54
N ALA B 541 -11.22 7.51 -0.06
CA ALA B 541 -11.35 7.31 -1.51
C ALA B 541 -12.80 7.07 -1.91
N CYS B 542 -13.49 6.22 -1.13
CA CYS B 542 -14.95 6.04 -1.25
C CYS B 542 -15.71 7.35 -1.18
N ALA B 543 -15.45 8.19 -0.17
CA ALA B 543 -16.15 9.47 -0.12
C ALA B 543 -15.84 10.26 -1.39
N GLU B 544 -14.58 10.24 -1.83
CA GLU B 544 -14.19 11.01 -3.03
C GLU B 544 -14.87 10.53 -4.31
N HIS B 545 -15.12 9.24 -4.40
CA HIS B 545 -15.75 8.70 -5.59
C HIS B 545 -17.22 9.13 -5.64
N LEU B 546 -17.88 9.01 -4.49
CA LEU B 546 -19.25 9.47 -4.37
C LEU B 546 -19.40 10.92 -4.82
N ILE B 547 -18.39 11.75 -4.55
CA ILE B 547 -18.43 13.13 -4.99
C ILE B 547 -18.13 13.33 -6.49
N SER B 548 -17.06 12.73 -6.98
CA SER B 548 -16.61 13.00 -8.34
C SER B 548 -17.53 12.34 -9.38
N SER B 549 -18.23 11.29 -8.98
CA SER B 549 -19.27 10.72 -9.80
C SER B 549 -20.61 11.50 -9.79
N GLY B 550 -20.71 12.58 -9.00
CA GLY B 550 -21.94 13.37 -8.91
C GLY B 550 -23.08 12.84 -8.05
N LEU B 551 -22.81 11.79 -7.27
CA LEU B 551 -23.81 11.29 -6.33
C LEU B 551 -24.06 12.19 -5.12
N THR B 552 -23.00 12.79 -4.54
CA THR B 552 -23.12 13.86 -3.50
C THR B 552 -22.12 14.97 -3.65
N THR B 553 -22.10 15.80 -2.62
CA THR B 553 -21.12 16.87 -2.44
C THR B 553 -20.76 16.97 -0.94
N PRO B 554 -19.53 17.38 -0.61
CA PRO B 554 -19.13 17.57 0.81
C PRO B 554 -20.25 18.19 1.66
N ALA B 555 -20.90 19.25 1.16
CA ALA B 555 -21.94 19.95 1.92
C ALA B 555 -23.13 19.07 2.22
N GLN B 556 -23.29 17.97 1.49
CA GLN B 556 -24.45 17.14 1.73
C GLN B 556 -24.07 15.69 2.10
N LEU B 557 -22.83 15.53 2.57
CA LEU B 557 -22.31 14.21 2.90
C LEU B 557 -22.13 14.02 4.40
N SER B 558 -22.39 12.80 4.85
CA SER B 558 -22.30 12.47 6.26
C SER B 558 -21.64 11.10 6.42
N CYS B 559 -21.05 10.82 7.59
CA CYS B 559 -20.45 9.49 7.85
C CYS B 559 -20.73 9.02 9.25
N GLU B 560 -20.68 7.70 9.43
CA GLU B 560 -20.86 7.06 10.75
C GLU B 560 -19.95 5.84 10.95
N GLY B 561 -19.48 5.67 12.16
CA GLY B 561 -18.79 4.45 12.57
C GLY B 561 -19.07 4.19 14.04
N ARG B 562 -19.02 2.93 14.46
CA ARG B 562 -19.26 2.58 15.86
C ARG B 562 -18.13 1.73 16.40
N SER B 563 -17.71 2.04 17.64
CA SER B 563 -16.72 1.20 18.32
C SER B 563 -15.35 1.15 17.55
N ALA B 564 -14.92 0.03 16.95
CA ALA B 564 -13.76 0.11 16.03
C ALA B 564 -13.97 1.01 14.78
N GLY B 565 -15.23 1.12 14.35
CA GLY B 565 -15.59 2.04 13.29
C GLY B 565 -15.50 3.47 13.80
N GLY B 566 -15.55 3.66 15.11
CA GLY B 566 -15.31 4.99 15.67
C GLY B 566 -13.85 5.39 15.49
N LEU B 567 -12.95 4.41 15.49
CA LEU B 567 -11.56 4.69 15.13
C LEU B 567 -11.54 5.19 13.70
N LEU B 568 -12.26 4.52 12.79
CA LEU B 568 -12.33 5.00 11.40
C LEU B 568 -12.79 6.47 11.36
N VAL B 569 -13.93 6.78 11.97
CA VAL B 569 -14.41 8.16 11.96
C VAL B 569 -13.43 9.17 12.59
N GLY B 570 -12.87 8.83 13.77
CA GLY B 570 -11.92 9.71 14.44
C GLY B 570 -10.71 10.09 13.58
N ALA B 571 -10.10 9.08 12.92
CA ALA B 571 -8.97 9.32 12.01
C ALA B 571 -9.36 10.09 10.75
N VAL B 572 -10.48 9.71 10.14
CA VAL B 572 -10.93 10.35 8.90
C VAL B 572 -11.25 11.81 9.15
N LEU B 573 -11.83 12.14 10.31
CA LEU B 573 -12.15 13.55 10.57
C LEU B 573 -10.90 14.41 10.72
N ASN B 574 -9.81 13.85 11.25
CA ASN B 574 -8.54 14.59 11.27
C ASN B 574 -7.94 14.79 9.89
N MSE B 575 -7.99 13.73 9.11
CA MSE B 575 -7.39 13.75 7.77
C MSE B 575 -8.13 14.61 6.74
O MSE B 575 -7.54 15.47 6.11
CB MSE B 575 -7.24 12.31 7.27
CG MSE B 575 -6.38 11.44 8.22
SE MSE B 575 -6.24 9.61 7.59
CE MSE B 575 -4.96 8.97 8.96
N ARG B 576 -9.42 14.37 6.58
CA ARG B 576 -10.19 15.01 5.54
C ARG B 576 -11.56 15.42 6.06
N PRO B 577 -11.58 16.36 7.03
CA PRO B 577 -12.85 16.79 7.60
C PRO B 577 -13.63 17.63 6.59
N ASP B 578 -12.94 18.15 5.58
CA ASP B 578 -13.62 18.92 4.53
C ASP B 578 -14.56 18.06 3.70
N LEU B 579 -14.39 16.74 3.72
CA LEU B 579 -15.34 15.92 2.92
C LEU B 579 -16.74 15.69 3.53
N PHE B 580 -17.03 16.22 4.71
CA PHE B 580 -18.30 15.85 5.38
C PHE B 580 -18.89 17.05 6.05
N HIS B 581 -20.20 17.13 6.01
CA HIS B 581 -20.92 18.20 6.68
C HIS B 581 -21.27 17.85 8.15
N VAL B 582 -21.57 16.58 8.39
CA VAL B 582 -21.95 16.14 9.72
C VAL B 582 -21.51 14.67 9.89
N ALA B 583 -21.15 14.29 11.12
CA ALA B 583 -20.64 12.95 11.39
C ALA B 583 -21.19 12.29 12.66
N LEU B 584 -21.18 10.95 12.68
CA LEU B 584 -21.53 10.21 13.87
C LEU B 584 -20.44 9.22 14.32
N ALA B 585 -20.18 9.20 15.63
CA ALA B 585 -19.19 8.34 16.21
C ALA B 585 -19.71 7.72 17.49
N GLY B 586 -20.10 6.44 17.40
CA GLY B 586 -20.65 5.77 18.56
C GLY B 586 -19.60 4.98 19.29
N VAL B 587 -19.67 4.99 20.62
CA VAL B 587 -18.65 4.35 21.48
C VAL B 587 -17.27 4.25 20.80
N PRO B 588 -16.71 5.41 20.41
CA PRO B 588 -15.62 5.36 19.45
C PRO B 588 -14.27 5.13 20.08
N PHE B 589 -13.46 4.31 19.43
CA PHE B 589 -12.12 4.04 19.89
C PHE B 589 -11.15 5.13 19.40
N VAL B 590 -10.88 6.15 20.22
CA VAL B 590 -10.17 7.34 19.76
C VAL B 590 -8.90 7.68 20.52
N ASP B 591 -8.71 7.03 21.67
CA ASP B 591 -7.52 7.27 22.51
C ASP B 591 -6.48 6.17 22.31
N VAL B 592 -6.06 5.97 21.07
CA VAL B 592 -5.37 4.74 20.72
C VAL B 592 -4.03 4.57 21.41
N MSE B 593 -3.22 5.62 21.45
CA MSE B 593 -1.92 5.54 22.09
C MSE B 593 -2.05 5.30 23.59
O MSE B 593 -1.47 4.35 24.13
CB MSE B 593 -1.09 6.84 21.85
CG MSE B 593 -0.62 7.08 20.42
SE MSE B 593 0.52 5.66 19.69
CE MSE B 593 2.19 6.27 20.42
N THR B 594 -2.82 6.14 24.28
CA THR B 594 -2.85 6.07 25.74
C THR B 594 -3.50 4.79 26.26
N THR B 595 -4.47 4.28 25.49
CA THR B 595 -5.16 3.07 25.89
C THR B 595 -4.32 1.87 25.53
N MSE B 596 -3.72 1.86 24.35
CA MSE B 596 -3.02 0.65 23.91
C MSE B 596 -1.67 0.39 24.65
O MSE B 596 -1.19 -0.74 24.67
CB MSE B 596 -2.85 0.64 22.39
CG MSE B 596 -4.17 0.48 21.60
SE MSE B 596 -5.09 -1.17 22.17
CE MSE B 596 -6.60 -0.38 23.00
N CYS B 597 -1.10 1.41 25.28
CA CYS B 597 0.15 1.23 26.02
C CYS B 597 -0.07 0.54 27.36
N ASP B 598 -1.32 0.53 27.81
CA ASP B 598 -1.73 0.32 29.20
C ASP B 598 -2.45 -1.00 29.39
N PRO B 599 -1.73 -2.03 29.91
CA PRO B 599 -2.33 -3.36 30.14
C PRO B 599 -3.39 -3.42 31.26
N SER B 600 -3.54 -2.34 32.04
CA SER B 600 -4.58 -2.29 33.09
C SER B 600 -6.00 -2.05 32.56
N ILE B 601 -6.12 -1.36 31.42
CA ILE B 601 -7.37 -1.21 30.71
C ILE B 601 -7.73 -2.57 30.10
N PRO B 602 -8.96 -3.06 30.36
CA PRO B 602 -9.29 -4.49 30.16
C PRO B 602 -8.89 -5.15 28.84
N LEU B 603 -9.27 -4.59 27.69
CA LEU B 603 -9.05 -5.35 26.44
C LEU B 603 -7.67 -5.17 25.76
N THR B 604 -6.80 -4.39 26.41
CA THR B 604 -5.62 -3.84 25.75
C THR B 604 -4.70 -4.95 25.29
N THR B 605 -4.40 -5.88 26.21
CA THR B 605 -3.53 -6.99 25.90
C THR B 605 -3.95 -7.74 24.63
N GLY B 606 -5.21 -8.16 24.58
CA GLY B 606 -5.76 -8.86 23.40
C GLY B 606 -5.74 -7.99 22.15
N GLU B 607 -5.99 -6.69 22.29
CA GLU B 607 -6.03 -5.86 21.11
C GLU B 607 -4.67 -5.59 20.46
N TRP B 608 -3.57 -5.92 21.15
CA TRP B 608 -2.25 -5.82 20.52
C TRP B 608 -2.16 -6.74 19.30
N GLU B 609 -2.95 -7.82 19.25
CA GLU B 609 -2.97 -8.71 18.07
C GLU B 609 -3.82 -8.09 16.94
N GLU B 610 -4.34 -6.90 17.16
CA GLU B 610 -5.11 -6.24 16.14
C GLU B 610 -4.39 -5.05 15.53
N TRP B 611 -4.09 -4.04 16.34
CA TRP B 611 -3.44 -2.78 15.87
C TRP B 611 -1.94 -2.74 16.09
N GLY B 612 -1.43 -3.50 17.04
CA GLY B 612 -0.05 -3.34 17.41
C GLY B 612 0.08 -2.86 18.83
N ASN B 613 1.30 -2.85 19.35
CA ASN B 613 1.60 -2.53 20.74
C ASN B 613 2.48 -1.30 20.77
N PRO B 614 1.95 -0.15 21.23
CA PRO B 614 2.77 1.08 21.09
C PRO B 614 3.92 1.15 22.09
N ASN B 615 4.05 0.11 22.91
CA ASN B 615 5.23 -0.02 23.79
C ASN B 615 6.46 -0.49 22.96
N GLU B 616 6.25 -0.82 21.68
CA GLU B 616 7.28 -1.38 20.84
C GLU B 616 7.74 -0.36 19.77
N TYR B 617 9.06 -0.24 19.54
CA TYR B 617 9.60 0.57 18.46
C TYR B 617 8.86 0.26 17.14
N LYS B 618 8.59 -1.01 16.87
CA LYS B 618 7.92 -1.39 15.62
C LYS B 618 6.63 -0.60 15.35
N PHE B 619 5.88 -0.27 16.42
CA PHE B 619 4.52 0.32 16.29
C PHE B 619 4.34 1.78 16.73
N PHE B 620 5.20 2.25 17.64
CA PHE B 620 4.98 3.57 18.25
C PHE B 620 4.61 4.69 17.22
N ASP B 621 5.51 4.98 16.29
CA ASP B 621 5.28 6.05 15.30
C ASP B 621 4.07 5.76 14.43
N TYR B 622 4.02 4.55 13.89
CA TYR B 622 2.97 4.23 12.97
C TYR B 622 1.56 4.42 13.60
N MSE B 623 1.38 3.93 14.82
CA MSE B 623 0.10 4.12 15.52
C MSE B 623 -0.14 5.61 15.86
O MSE B 623 -1.26 6.07 15.80
CB MSE B 623 -0.04 3.22 16.74
CG MSE B 623 -0.29 1.76 16.34
SE MSE B 623 -0.17 0.49 17.85
CE MSE B 623 1.35 1.29 18.59
N ASN B 624 0.90 6.37 16.16
CA ASN B 624 0.72 7.78 16.48
C ASN B 624 0.23 8.57 15.27
N SER B 625 0.51 8.07 14.07
CA SER B 625 0.20 8.80 12.85
C SER B 625 -1.33 8.90 12.60
N TYR B 626 -2.12 8.02 13.22
CA TYR B 626 -3.56 8.00 12.94
C TYR B 626 -4.42 8.10 14.21
N SER B 627 -3.81 7.84 15.38
CA SER B 627 -4.50 7.83 16.67
C SER B 627 -5.33 9.08 16.75
N PRO B 628 -6.67 8.95 16.83
CA PRO B 628 -7.44 10.19 16.64
C PRO B 628 -7.20 11.34 17.65
N ILE B 629 -7.22 11.04 18.94
CA ILE B 629 -6.94 12.07 19.93
C ILE B 629 -5.59 12.76 19.64
N ASP B 630 -4.67 12.02 19.06
CA ASP B 630 -3.32 12.53 18.98
C ASP B 630 -3.13 13.40 17.73
N ASN B 631 -4.17 13.48 16.92
CA ASN B 631 -4.05 14.20 15.64
C ASN B 631 -5.05 15.32 15.52
N VAL B 632 -5.88 15.52 16.55
CA VAL B 632 -6.78 16.67 16.61
C VAL B 632 -5.92 17.93 16.49
N ARG B 633 -6.34 18.89 15.64
CA ARG B 633 -5.54 20.08 15.45
C ARG B 633 -6.38 21.32 15.14
N ALA B 634 -5.72 22.47 14.99
CA ALA B 634 -6.39 23.71 14.70
C ALA B 634 -6.89 23.71 13.27
N GLN B 635 -8.03 23.07 13.04
CA GLN B 635 -8.66 23.04 11.69
C GLN B 635 -10.19 23.04 11.82
N ASP B 636 -10.92 23.13 10.69
CA ASP B 636 -12.37 23.18 10.70
C ASP B 636 -12.88 21.73 10.69
N TYR B 637 -13.71 21.32 11.66
CA TYR B 637 -14.34 19.99 11.70
C TYR B 637 -15.85 20.12 11.49
N PRO B 638 -16.52 19.06 10.98
CA PRO B 638 -18.01 19.11 10.82
C PRO B 638 -18.74 19.03 12.14
N HIS B 639 -20.05 19.27 12.12
CA HIS B 639 -20.93 18.97 13.26
C HIS B 639 -20.74 17.49 13.63
N LEU B 640 -20.68 17.19 14.93
CA LEU B 640 -20.41 15.81 15.32
C LEU B 640 -21.18 15.40 16.56
N MSE B 641 -21.74 14.20 16.51
CA MSE B 641 -22.43 13.68 17.67
C MSE B 641 -21.80 12.41 18.09
O MSE B 641 -21.70 11.48 17.28
CB MSE B 641 -23.93 13.44 17.44
CG MSE B 641 -24.60 13.08 18.77
SE MSE B 641 -26.52 12.83 18.77
CE MSE B 641 -26.38 10.94 19.09
N ILE B 642 -21.39 12.35 19.34
CA ILE B 642 -20.64 11.22 19.88
C ILE B 642 -21.52 10.63 20.95
N GLN B 643 -21.65 9.31 20.92
CA GLN B 643 -22.48 8.60 21.89
C GLN B 643 -21.61 7.63 22.69
N ALA B 644 -21.77 7.67 24.01
CA ALA B 644 -21.04 6.76 24.89
C ALA B 644 -21.77 6.53 26.21
N GLY B 645 -21.10 5.82 27.10
CA GLY B 645 -21.72 5.47 28.37
C GLY B 645 -20.71 5.18 29.44
N LEU B 646 -21.05 5.63 30.63
CA LEU B 646 -20.18 5.56 31.77
C LEU B 646 -19.71 4.14 32.07
N HIS B 647 -20.63 3.19 32.05
CA HIS B 647 -20.29 1.79 32.26
C HIS B 647 -20.34 0.96 30.98
N ASP B 648 -20.33 1.61 29.83
CA ASP B 648 -20.47 0.87 28.58
C ASP B 648 -19.15 0.13 28.31
N PRO B 649 -19.21 -1.17 28.01
CA PRO B 649 -17.91 -1.87 27.93
C PRO B 649 -17.27 -1.87 26.55
N ARG B 650 -17.99 -1.34 25.54
CA ARG B 650 -17.47 -1.23 24.17
C ARG B 650 -16.32 -0.25 24.02
N VAL B 651 -16.17 0.68 24.98
CA VAL B 651 -15.06 1.63 25.00
C VAL B 651 -15.06 2.35 26.33
N ALA B 652 -13.90 2.51 26.96
CA ALA B 652 -13.85 3.26 28.19
C ALA B 652 -14.44 4.67 27.96
N TYR B 653 -15.41 5.08 28.81
CA TYR B 653 -16.11 6.38 28.69
C TYR B 653 -15.12 7.54 28.48
N TRP B 654 -13.93 7.47 29.09
CA TRP B 654 -13.03 8.63 29.02
C TRP B 654 -12.46 8.93 27.64
N GLU B 655 -12.34 7.94 26.76
CA GLU B 655 -11.84 8.20 25.42
C GLU B 655 -12.74 9.23 24.70
N PRO B 656 -14.03 8.88 24.50
CA PRO B 656 -14.90 9.88 23.85
C PRO B 656 -14.89 11.23 24.58
N ALA B 657 -14.79 11.20 25.90
CA ALA B 657 -14.78 12.43 26.70
C ALA B 657 -13.54 13.25 26.41
N LYS B 658 -12.38 12.59 26.45
CA LYS B 658 -11.13 13.30 26.14
C LYS B 658 -11.20 13.94 24.74
N TRP B 659 -11.64 13.15 23.77
CA TRP B 659 -11.72 13.55 22.37
C TRP B 659 -12.58 14.83 22.16
N ALA B 660 -13.78 14.83 22.74
CA ALA B 660 -14.71 15.93 22.64
C ALA B 660 -14.08 17.22 23.14
N SER B 661 -13.52 17.15 24.35
CA SER B 661 -12.91 18.33 24.97
C SER B 661 -11.78 18.86 24.13
N LYS B 662 -10.95 17.96 23.60
CA LYS B 662 -9.83 18.39 22.75
C LYS B 662 -10.29 19.01 21.41
N LEU B 663 -11.32 18.42 20.77
CA LEU B 663 -11.88 18.98 19.54
C LEU B 663 -12.33 20.40 19.81
N ARG B 664 -13.17 20.57 20.81
CA ARG B 664 -13.61 21.88 21.18
C ARG B 664 -12.44 22.82 21.51
N GLU B 665 -11.37 22.32 22.11
CA GLU B 665 -10.27 23.22 22.47
C GLU B 665 -9.57 23.80 21.21
N LEU B 666 -9.34 22.95 20.22
CA LEU B 666 -8.49 23.33 19.12
C LEU B 666 -9.23 23.75 17.85
N LYS B 667 -10.49 23.33 17.68
CA LYS B 667 -11.14 23.42 16.37
C LYS B 667 -11.39 24.89 15.98
N THR B 668 -11.27 25.20 14.69
CA THR B 668 -11.41 26.59 14.23
C THR B 668 -12.81 26.91 13.67
N ASP B 669 -13.69 25.91 13.56
CA ASP B 669 -15.03 26.14 13.01
C ASP B 669 -15.95 26.51 14.17
N SER B 670 -17.20 26.86 13.81
CA SER B 670 -18.20 27.22 14.79
C SER B 670 -19.38 26.22 14.80
N ASN B 671 -19.13 25.04 14.22
CA ASN B 671 -20.03 23.89 14.30
C ASN B 671 -20.12 23.29 15.70
N GLU B 672 -21.06 22.36 15.86
CA GLU B 672 -21.31 21.80 17.18
C GLU B 672 -20.81 20.35 17.36
N VAL B 673 -20.12 20.11 18.47
CA VAL B 673 -19.71 18.78 18.86
C VAL B 673 -20.51 18.42 20.10
N LEU B 674 -21.37 17.41 19.96
CA LEU B 674 -22.21 16.97 21.09
C LEU B 674 -21.78 15.61 21.59
N LEU B 675 -21.74 15.46 22.91
CA LEU B 675 -21.45 14.20 23.57
C LEU B 675 -22.67 13.78 24.36
N LYS B 676 -23.28 12.67 23.94
CA LYS B 676 -24.45 12.15 24.64
C LYS B 676 -23.99 10.96 25.48
N MSE B 677 -23.96 11.14 26.79
CA MSE B 677 -23.33 10.16 27.68
C MSE B 677 -24.33 9.63 28.67
O MSE B 677 -24.91 10.38 29.44
CB MSE B 677 -22.20 10.81 28.43
CG MSE B 677 -21.64 9.93 29.53
SE MSE B 677 -20.07 8.91 28.98
CE MSE B 677 -18.87 10.29 28.32
N ASP B 678 -24.50 8.32 28.66
CA ASP B 678 -25.37 7.60 29.56
C ASP B 678 -24.76 7.54 30.98
N LEU B 679 -25.34 8.29 31.92
CA LEU B 679 -24.80 8.37 33.25
C LEU B 679 -25.44 7.39 34.23
N GLU B 680 -26.51 6.74 33.77
CA GLU B 680 -27.43 6.01 34.61
C GLU B 680 -27.48 4.47 34.49
N SER B 681 -27.08 3.91 33.34
CA SER B 681 -26.95 2.45 33.26
C SER B 681 -25.83 2.04 34.18
N GLY B 682 -25.98 0.93 34.88
CA GLY B 682 -24.96 0.53 35.82
C GLY B 682 -24.04 -0.50 35.22
N HIS B 683 -23.01 -0.83 35.99
CA HIS B 683 -22.05 -1.86 35.71
C HIS B 683 -22.64 -3.16 35.13
N PHE B 684 -23.79 -3.58 35.64
CA PHE B 684 -24.41 -4.82 35.19
C PHE B 684 -25.56 -4.66 34.21
N SER B 685 -25.87 -3.44 33.80
CA SER B 685 -27.04 -3.20 32.94
C SER B 685 -27.00 -3.93 31.60
N ALA B 686 -28.04 -4.72 31.36
CA ALA B 686 -28.26 -5.44 30.09
C ALA B 686 -28.93 -4.53 29.00
N SER B 687 -28.21 -4.39 27.89
CA SER B 687 -28.62 -3.63 26.67
C SER B 687 -30.13 -3.38 26.37
N ASP B 688 -30.89 -4.43 26.04
CA ASP B 688 -32.37 -4.35 25.85
C ASP B 688 -32.98 -3.72 24.56
N ARG B 689 -32.22 -3.67 23.46
CA ARG B 689 -32.78 -3.43 22.08
C ARG B 689 -33.56 -2.13 21.78
N TYR B 690 -34.63 -1.87 22.52
CA TYR B 690 -35.40 -0.63 22.39
C TYR B 690 -34.53 0.55 22.74
N LYS B 691 -33.64 0.36 23.69
CA LYS B 691 -32.69 1.38 24.10
C LYS B 691 -31.73 1.76 22.97
N TYR B 692 -31.31 0.76 22.19
CA TYR B 692 -30.49 0.97 20.99
C TYR B 692 -31.20 1.83 19.97
N LEU B 693 -32.51 1.56 19.81
CA LEU B 693 -33.31 2.24 18.82
C LEU B 693 -33.50 3.68 19.20
N ARG B 694 -33.56 3.95 20.49
CA ARG B 694 -33.68 5.32 20.95
C ARG B 694 -32.37 6.10 20.72
N GLU B 695 -31.22 5.46 20.96
CA GLU B 695 -29.91 6.04 20.63
C GLU B 695 -29.77 6.27 19.14
N ASN B 696 -30.03 5.23 18.37
CA ASN B 696 -30.12 5.31 16.92
C ASN B 696 -30.93 6.51 16.43
N ALA B 697 -32.14 6.67 16.97
CA ALA B 697 -33.09 7.67 16.52
C ALA B 697 -32.61 9.10 16.73
N ILE B 698 -32.04 9.39 17.89
CA ILE B 698 -31.57 10.73 18.16
C ILE B 698 -30.37 11.11 17.23
N GLN B 699 -29.53 10.12 16.94
CA GLN B 699 -28.42 10.30 16.00
C GLN B 699 -28.90 10.56 14.59
N GLN B 700 -29.88 9.80 14.13
CA GLN B 700 -30.47 10.06 12.81
C GLN B 700 -31.07 11.46 12.72
N ALA B 701 -31.85 11.85 13.74
CA ALA B 701 -32.44 13.20 13.80
C ALA B 701 -31.38 14.30 13.64
N PHE B 702 -30.21 14.06 14.25
CA PHE B 702 -29.06 14.96 14.18
C PHE B 702 -28.54 15.12 12.78
N VAL B 703 -28.26 14.00 12.12
CA VAL B 703 -27.87 14.03 10.70
C VAL B 703 -28.99 14.65 9.87
N LEU B 704 -30.23 14.21 10.08
CA LEU B 704 -31.32 14.70 9.25
C LEU B 704 -31.47 16.22 9.34
N LYS B 705 -31.36 16.78 10.53
CA LYS B 705 -31.44 18.21 10.69
C LYS B 705 -30.30 18.88 9.94
N HIS B 706 -29.06 18.42 10.19
CA HIS B 706 -27.88 19.10 9.65
C HIS B 706 -27.81 19.03 8.13
N LEU B 707 -28.30 17.92 7.57
CA LEU B 707 -28.50 17.80 6.11
C LEU B 707 -29.80 18.42 5.53
N ASN B 708 -30.64 19.02 6.37
CA ASN B 708 -31.81 19.71 5.89
C ASN B 708 -32.81 18.80 5.22
N VAL B 709 -33.05 17.63 5.80
CA VAL B 709 -33.96 16.66 5.17
C VAL B 709 -34.84 15.99 6.19
N ARG B 710 -35.50 16.80 7.02
CA ARG B 710 -36.37 16.31 8.08
C ARG B 710 -37.66 15.67 7.51
N GLN B 711 -38.14 16.12 6.36
CA GLN B 711 -39.45 15.62 5.91
C GLN B 711 -39.36 14.30 5.16
N LEU B 712 -40.39 13.46 5.30
CA LEU B 712 -40.46 12.22 4.53
C LEU B 712 -40.82 12.51 3.07
N LEU B 713 -40.43 11.58 2.19
CA LEU B 713 -40.85 11.63 0.77
C LEU B 713 -42.33 11.26 0.53
N ARG B 714 -42.84 10.21 1.17
CA ARG B 714 -44.20 9.69 0.87
C ARG B 714 -45.23 9.82 2.01
N LYS B 715 -46.48 9.84 1.84
#